data_1RFJ
# 
_entry.id   1RFJ 
# 
_audit_conform.dict_name       mmcif_pdbx.dic 
_audit_conform.dict_version    5.388 
_audit_conform.dict_location   http://mmcif.pdb.org/dictionaries/ascii/mmcif_pdbx.dic 
# 
loop_
_database_2.database_id 
_database_2.database_code 
_database_2.pdbx_database_accession 
_database_2.pdbx_DOI 
PDB   1RFJ         pdb_00001rfj 10.2210/pdb1rfj/pdb 
RCSB  RCSB020702   ?            ?                   
WWPDB D_1000020702 ?            ?                   
# 
loop_
_pdbx_audit_revision_history.ordinal 
_pdbx_audit_revision_history.data_content_type 
_pdbx_audit_revision_history.major_revision 
_pdbx_audit_revision_history.minor_revision 
_pdbx_audit_revision_history.revision_date 
1 'Structure model' 1 0 2004-06-29 
2 'Structure model' 1 1 2008-04-29 
3 'Structure model' 1 2 2011-07-13 
4 'Structure model' 1 3 2017-10-11 
5 'Structure model' 1 4 2024-03-13 
# 
_pdbx_audit_revision_details.ordinal             1 
_pdbx_audit_revision_details.revision_ordinal    1 
_pdbx_audit_revision_details.data_content_type   'Structure model' 
_pdbx_audit_revision_details.provider            repository 
_pdbx_audit_revision_details.type                'Initial release' 
_pdbx_audit_revision_details.description         ? 
_pdbx_audit_revision_details.details             ? 
# 
loop_
_pdbx_audit_revision_group.ordinal 
_pdbx_audit_revision_group.revision_ordinal 
_pdbx_audit_revision_group.data_content_type 
_pdbx_audit_revision_group.group 
1 2 'Structure model' 'Version format compliance' 
2 3 'Structure model' 'Version format compliance' 
3 4 'Structure model' 'Refinement description'    
4 5 'Structure model' 'Data collection'           
5 5 'Structure model' 'Database references'       
6 5 'Structure model' 'Derived calculations'      
# 
loop_
_pdbx_audit_revision_category.ordinal 
_pdbx_audit_revision_category.revision_ordinal 
_pdbx_audit_revision_category.data_content_type 
_pdbx_audit_revision_category.category 
1 4 'Structure model' software               
2 5 'Structure model' chem_comp_atom         
3 5 'Structure model' chem_comp_bond         
4 5 'Structure model' database_2             
5 5 'Structure model' pdbx_struct_conn_angle 
6 5 'Structure model' struct_conn            
7 5 'Structure model' struct_site            
# 
loop_
_pdbx_audit_revision_item.ordinal 
_pdbx_audit_revision_item.revision_ordinal 
_pdbx_audit_revision_item.data_content_type 
_pdbx_audit_revision_item.item 
1  5 'Structure model' '_database_2.pdbx_DOI'                        
2  5 'Structure model' '_database_2.pdbx_database_accession'         
3  5 'Structure model' '_pdbx_struct_conn_angle.ptnr1_auth_comp_id'  
4  5 'Structure model' '_pdbx_struct_conn_angle.ptnr1_auth_seq_id'   
5  5 'Structure model' '_pdbx_struct_conn_angle.ptnr1_label_asym_id' 
6  5 'Structure model' '_pdbx_struct_conn_angle.ptnr1_label_atom_id' 
7  5 'Structure model' '_pdbx_struct_conn_angle.ptnr1_label_comp_id' 
8  5 'Structure model' '_pdbx_struct_conn_angle.ptnr1_label_seq_id'  
9  5 'Structure model' '_pdbx_struct_conn_angle.ptnr3_auth_comp_id'  
10 5 'Structure model' '_pdbx_struct_conn_angle.ptnr3_auth_seq_id'   
11 5 'Structure model' '_pdbx_struct_conn_angle.ptnr3_label_asym_id' 
12 5 'Structure model' '_pdbx_struct_conn_angle.ptnr3_label_atom_id' 
13 5 'Structure model' '_pdbx_struct_conn_angle.ptnr3_label_comp_id' 
14 5 'Structure model' '_pdbx_struct_conn_angle.ptnr3_label_seq_id'  
15 5 'Structure model' '_pdbx_struct_conn_angle.value'               
16 5 'Structure model' '_struct_conn.pdbx_dist_value'                
17 5 'Structure model' '_struct_conn.ptnr1_auth_comp_id'             
18 5 'Structure model' '_struct_conn.ptnr1_auth_seq_id'              
19 5 'Structure model' '_struct_conn.ptnr1_label_asym_id'            
20 5 'Structure model' '_struct_conn.ptnr1_label_atom_id'            
21 5 'Structure model' '_struct_conn.ptnr1_label_comp_id'            
22 5 'Structure model' '_struct_conn.ptnr1_label_seq_id'             
23 5 'Structure model' '_struct_conn.ptnr2_auth_comp_id'             
24 5 'Structure model' '_struct_conn.ptnr2_auth_seq_id'              
25 5 'Structure model' '_struct_conn.ptnr2_label_asym_id'            
26 5 'Structure model' '_struct_conn.ptnr2_label_atom_id'            
27 5 'Structure model' '_struct_conn.ptnr2_label_comp_id'            
28 5 'Structure model' '_struct_conn.ptnr2_label_seq_id'             
29 5 'Structure model' '_struct_site.pdbx_auth_asym_id'              
30 5 'Structure model' '_struct_site.pdbx_auth_comp_id'              
31 5 'Structure model' '_struct_site.pdbx_auth_seq_id'               
# 
_pdbx_database_status.status_code                     REL 
_pdbx_database_status.entry_id                        1RFJ 
_pdbx_database_status.recvd_initial_deposition_date   2003-11-10 
_pdbx_database_status.deposit_site                    RCSB 
_pdbx_database_status.process_site                    PDBJ 
_pdbx_database_status.status_code_sf                  REL 
_pdbx_database_status.SG_entry                        . 
_pdbx_database_status.pdb_format_compatible           Y 
_pdbx_database_status.status_code_mr                  ? 
_pdbx_database_status.status_code_cs                  ? 
_pdbx_database_status.methods_development_category    ? 
_pdbx_database_status.status_code_nmr_data            ? 
# 
loop_
_pdbx_database_related.db_name 
_pdbx_database_related.db_id 
_pdbx_database_related.details 
_pdbx_database_related.content_type 
PDB 3CLN . unspecified 
PDB 4CLN . unspecified 
PDB 1OSA . unspecified 
PDB 1EXR . unspecified 
PDB 1CLM . unspecified 
# 
loop_
_audit_author.name 
_audit_author.pdbx_ordinal 
'Liang, D.C.' 1 
'Yun, C.H.'   2 
'Chang, W.R.' 3 
# 
_citation.id                        primary 
_citation.title                     
'Structure of potato calmodulin PCM6: the first report of the three-dimensional structure of a plant calmodulin.' 
_citation.journal_abbrev            'Acta Crystallogr.,Sect.D' 
_citation.journal_volume            60 
_citation.page_first                1214 
_citation.page_last                 1219 
_citation.year                      2004 
_citation.journal_id_ASTM           ABCRE6 
_citation.country                   DK 
_citation.journal_id_ISSN           0907-4449 
_citation.journal_id_CSD            0766 
_citation.book_publisher            ? 
_citation.pdbx_database_id_PubMed   15213382 
_citation.pdbx_database_id_DOI      10.1107/S0907444904009771 
# 
loop_
_citation_author.citation_id 
_citation_author.name 
_citation_author.ordinal 
_citation_author.identifier_ORCID 
primary 'Yun, C.H.'   1 ? 
primary 'Bai, J.'     2 ? 
primary 'Sun, D.Y.'   3 ? 
primary 'Cui, D.F.'   4 ? 
primary 'Chang, W.R.' 5 ? 
primary 'Liang, D.C.' 6 ? 
# 
loop_
_entity.id 
_entity.type 
_entity.src_method 
_entity.pdbx_description 
_entity.formula_weight 
_entity.pdbx_number_of_molecules 
_entity.pdbx_ec 
_entity.pdbx_mutation 
_entity.pdbx_fragment 
_entity.details 
1 polymer     man calmodulin                      16863.635 1   ? ? ? ? 
2 non-polymer syn 'CALCIUM ION'                   40.078    4   ? ? ? ? 
3 non-polymer syn '(4S)-2-METHYL-2,4-PENTANEDIOL' 118.174   3   ? ? ? ? 
4 water       nat water                           18.015    109 ? ? ? ? 
# 
_entity_name_com.entity_id   1 
_entity_name_com.name        PCM6 
# 
_entity_poly.entity_id                      1 
_entity_poly.type                           'polypeptide(L)' 
_entity_poly.nstd_linkage                   no 
_entity_poly.nstd_monomer                   no 
_entity_poly.pdbx_seq_one_letter_code       
;MADQLTEDQISEFKEAFSLFDKDGDGCITTKELGTVMRSLGQNPTEAELQDMINEVDADGNGTIDFPEFLNLMARKMKDT
DSEEELKEAFRVFDKDQNGFISAAELRHVMTNLGEKLTDEEVDEMIREADVDGDGQINYDEFVKVMMAK
;
_entity_poly.pdbx_seq_one_letter_code_can   
;MADQLTEDQISEFKEAFSLFDKDGDGCITTKELGTVMRSLGQNPTEAELQDMINEVDADGNGTIDFPEFLNLMARKMKDT
DSEEELKEAFRVFDKDQNGFISAAELRHVMTNLGEKLTDEEVDEMIREADVDGDGQINYDEFVKVMMAK
;
_entity_poly.pdbx_strand_id                 A 
_entity_poly.pdbx_target_identifier         ? 
# 
loop_
_pdbx_entity_nonpoly.entity_id 
_pdbx_entity_nonpoly.name 
_pdbx_entity_nonpoly.comp_id 
2 'CALCIUM ION'                   CA  
3 '(4S)-2-METHYL-2,4-PENTANEDIOL' MPD 
4 water                           HOH 
# 
loop_
_entity_poly_seq.entity_id 
_entity_poly_seq.num 
_entity_poly_seq.mon_id 
_entity_poly_seq.hetero 
1 1   MET n 
1 2   ALA n 
1 3   ASP n 
1 4   GLN n 
1 5   LEU n 
1 6   THR n 
1 7   GLU n 
1 8   ASP n 
1 9   GLN n 
1 10  ILE n 
1 11  SER n 
1 12  GLU n 
1 13  PHE n 
1 14  LYS n 
1 15  GLU n 
1 16  ALA n 
1 17  PHE n 
1 18  SER n 
1 19  LEU n 
1 20  PHE n 
1 21  ASP n 
1 22  LYS n 
1 23  ASP n 
1 24  GLY n 
1 25  ASP n 
1 26  GLY n 
1 27  CYS n 
1 28  ILE n 
1 29  THR n 
1 30  THR n 
1 31  LYS n 
1 32  GLU n 
1 33  LEU n 
1 34  GLY n 
1 35  THR n 
1 36  VAL n 
1 37  MET n 
1 38  ARG n 
1 39  SER n 
1 40  LEU n 
1 41  GLY n 
1 42  GLN n 
1 43  ASN n 
1 44  PRO n 
1 45  THR n 
1 46  GLU n 
1 47  ALA n 
1 48  GLU n 
1 49  LEU n 
1 50  GLN n 
1 51  ASP n 
1 52  MET n 
1 53  ILE n 
1 54  ASN n 
1 55  GLU n 
1 56  VAL n 
1 57  ASP n 
1 58  ALA n 
1 59  ASP n 
1 60  GLY n 
1 61  ASN n 
1 62  GLY n 
1 63  THR n 
1 64  ILE n 
1 65  ASP n 
1 66  PHE n 
1 67  PRO n 
1 68  GLU n 
1 69  PHE n 
1 70  LEU n 
1 71  ASN n 
1 72  LEU n 
1 73  MET n 
1 74  ALA n 
1 75  ARG n 
1 76  LYS n 
1 77  MET n 
1 78  LYS n 
1 79  ASP n 
1 80  THR n 
1 81  ASP n 
1 82  SER n 
1 83  GLU n 
1 84  GLU n 
1 85  GLU n 
1 86  LEU n 
1 87  LYS n 
1 88  GLU n 
1 89  ALA n 
1 90  PHE n 
1 91  ARG n 
1 92  VAL n 
1 93  PHE n 
1 94  ASP n 
1 95  LYS n 
1 96  ASP n 
1 97  GLN n 
1 98  ASN n 
1 99  GLY n 
1 100 PHE n 
1 101 ILE n 
1 102 SER n 
1 103 ALA n 
1 104 ALA n 
1 105 GLU n 
1 106 LEU n 
1 107 ARG n 
1 108 HIS n 
1 109 VAL n 
1 110 MET n 
1 111 THR n 
1 112 ASN n 
1 113 LEU n 
1 114 GLY n 
1 115 GLU n 
1 116 LYS n 
1 117 LEU n 
1 118 THR n 
1 119 ASP n 
1 120 GLU n 
1 121 GLU n 
1 122 VAL n 
1 123 ASP n 
1 124 GLU n 
1 125 MET n 
1 126 ILE n 
1 127 ARG n 
1 128 GLU n 
1 129 ALA n 
1 130 ASP n 
1 131 VAL n 
1 132 ASP n 
1 133 GLY n 
1 134 ASP n 
1 135 GLY n 
1 136 GLN n 
1 137 ILE n 
1 138 ASN n 
1 139 TYR n 
1 140 ASP n 
1 141 GLU n 
1 142 PHE n 
1 143 VAL n 
1 144 LYS n 
1 145 VAL n 
1 146 MET n 
1 147 MET n 
1 148 ALA n 
1 149 LYS n 
# 
_entity_src_gen.entity_id                          1 
_entity_src_gen.pdbx_src_id                        1 
_entity_src_gen.pdbx_alt_source_flag               sample 
_entity_src_gen.pdbx_seq_type                      ? 
_entity_src_gen.pdbx_beg_seq_num                   ? 
_entity_src_gen.pdbx_end_seq_num                   ? 
_entity_src_gen.gene_src_common_name               potato 
_entity_src_gen.gene_src_genus                     Solanum 
_entity_src_gen.pdbx_gene_src_gene                 PCM6 
_entity_src_gen.gene_src_species                   ? 
_entity_src_gen.gene_src_strain                    ? 
_entity_src_gen.gene_src_tissue                    ? 
_entity_src_gen.gene_src_tissue_fraction           ? 
_entity_src_gen.gene_src_details                   ? 
_entity_src_gen.pdbx_gene_src_fragment             ? 
_entity_src_gen.pdbx_gene_src_scientific_name      'Solanum tuberosum' 
_entity_src_gen.pdbx_gene_src_ncbi_taxonomy_id     4113 
_entity_src_gen.pdbx_gene_src_variant              ? 
_entity_src_gen.pdbx_gene_src_cell_line            ? 
_entity_src_gen.pdbx_gene_src_atcc                 ? 
_entity_src_gen.pdbx_gene_src_organ                ? 
_entity_src_gen.pdbx_gene_src_organelle            ? 
_entity_src_gen.pdbx_gene_src_cell                 ? 
_entity_src_gen.pdbx_gene_src_cellular_location    ? 
_entity_src_gen.host_org_common_name               ? 
_entity_src_gen.pdbx_host_org_scientific_name      'Escherichia coli' 
_entity_src_gen.pdbx_host_org_ncbi_taxonomy_id     562 
_entity_src_gen.host_org_genus                     Escherichia 
_entity_src_gen.pdbx_host_org_gene                 ? 
_entity_src_gen.pdbx_host_org_organ                ? 
_entity_src_gen.host_org_species                   ? 
_entity_src_gen.pdbx_host_org_tissue               ? 
_entity_src_gen.pdbx_host_org_tissue_fraction      ? 
_entity_src_gen.pdbx_host_org_strain               ? 
_entity_src_gen.pdbx_host_org_variant              ? 
_entity_src_gen.pdbx_host_org_cell_line            ? 
_entity_src_gen.pdbx_host_org_atcc                 ? 
_entity_src_gen.pdbx_host_org_culture_collection   ? 
_entity_src_gen.pdbx_host_org_cell                 ? 
_entity_src_gen.pdbx_host_org_organelle            ? 
_entity_src_gen.pdbx_host_org_cellular_location    ? 
_entity_src_gen.pdbx_host_org_vector_type          ? 
_entity_src_gen.pdbx_host_org_vector               ? 
_entity_src_gen.host_org_details                   ? 
_entity_src_gen.expression_system_id               ? 
_entity_src_gen.plasmid_name                       ? 
_entity_src_gen.plasmid_details                    ? 
_entity_src_gen.pdbx_description                   ? 
# 
loop_
_chem_comp.id 
_chem_comp.type 
_chem_comp.mon_nstd_flag 
_chem_comp.name 
_chem_comp.pdbx_synonyms 
_chem_comp.formula 
_chem_comp.formula_weight 
ALA 'L-peptide linking' y ALANINE                         ? 'C3 H7 N O2'     89.093  
ARG 'L-peptide linking' y ARGININE                        ? 'C6 H15 N4 O2 1' 175.209 
ASN 'L-peptide linking' y ASPARAGINE                      ? 'C4 H8 N2 O3'    132.118 
ASP 'L-peptide linking' y 'ASPARTIC ACID'                 ? 'C4 H7 N O4'     133.103 
CA  non-polymer         . 'CALCIUM ION'                   ? 'Ca 2'           40.078  
CYS 'L-peptide linking' y CYSTEINE                        ? 'C3 H7 N O2 S'   121.158 
GLN 'L-peptide linking' y GLUTAMINE                       ? 'C5 H10 N2 O3'   146.144 
GLU 'L-peptide linking' y 'GLUTAMIC ACID'                 ? 'C5 H9 N O4'     147.129 
GLY 'peptide linking'   y GLYCINE                         ? 'C2 H5 N O2'     75.067  
HIS 'L-peptide linking' y HISTIDINE                       ? 'C6 H10 N3 O2 1' 156.162 
HOH non-polymer         . WATER                           ? 'H2 O'           18.015  
ILE 'L-peptide linking' y ISOLEUCINE                      ? 'C6 H13 N O2'    131.173 
LEU 'L-peptide linking' y LEUCINE                         ? 'C6 H13 N O2'    131.173 
LYS 'L-peptide linking' y LYSINE                          ? 'C6 H15 N2 O2 1' 147.195 
MET 'L-peptide linking' y METHIONINE                      ? 'C5 H11 N O2 S'  149.211 
MPD non-polymer         . '(4S)-2-METHYL-2,4-PENTANEDIOL' ? 'C6 H14 O2'      118.174 
PHE 'L-peptide linking' y PHENYLALANINE                   ? 'C9 H11 N O2'    165.189 
PRO 'L-peptide linking' y PROLINE                         ? 'C5 H9 N O2'     115.130 
SER 'L-peptide linking' y SERINE                          ? 'C3 H7 N O3'     105.093 
THR 'L-peptide linking' y THREONINE                       ? 'C4 H9 N O3'     119.119 
TYR 'L-peptide linking' y TYROSINE                        ? 'C9 H11 N O3'    181.189 
VAL 'L-peptide linking' y VALINE                          ? 'C5 H11 N O2'    117.146 
# 
loop_
_pdbx_poly_seq_scheme.asym_id 
_pdbx_poly_seq_scheme.entity_id 
_pdbx_poly_seq_scheme.seq_id 
_pdbx_poly_seq_scheme.mon_id 
_pdbx_poly_seq_scheme.ndb_seq_num 
_pdbx_poly_seq_scheme.pdb_seq_num 
_pdbx_poly_seq_scheme.auth_seq_num 
_pdbx_poly_seq_scheme.pdb_mon_id 
_pdbx_poly_seq_scheme.auth_mon_id 
_pdbx_poly_seq_scheme.pdb_strand_id 
_pdbx_poly_seq_scheme.pdb_ins_code 
_pdbx_poly_seq_scheme.hetero 
A 1 1   MET 1   0   0   MET MET A . n 
A 1 2   ALA 2   1   1   ALA GLY A . n 
A 1 3   ASP 3   2   2   ASP GLY A . n 
A 1 4   GLN 4   3   3   GLN GLN A . n 
A 1 5   LEU 5   4   4   LEU LEU A . n 
A 1 6   THR 6   5   5   THR THR A . n 
A 1 7   GLU 7   6   6   GLU GLU A . n 
A 1 8   ASP 8   7   7   ASP ASP A . n 
A 1 9   GLN 9   8   8   GLN GLN A . n 
A 1 10  ILE 10  9   9   ILE ILE A . n 
A 1 11  SER 11  10  10  SER SER A . n 
A 1 12  GLU 12  11  11  GLU GLU A . n 
A 1 13  PHE 13  12  12  PHE PHE A . n 
A 1 14  LYS 14  13  13  LYS LYS A . n 
A 1 15  GLU 15  14  14  GLU GLU A . n 
A 1 16  ALA 16  15  15  ALA ALA A . n 
A 1 17  PHE 17  16  16  PHE PHE A . n 
A 1 18  SER 18  17  17  SER SER A . n 
A 1 19  LEU 19  18  18  LEU LEU A . n 
A 1 20  PHE 20  19  19  PHE PHE A . n 
A 1 21  ASP 21  20  20  ASP ASP A . n 
A 1 22  LYS 22  21  21  LYS LYS A . n 
A 1 23  ASP 23  22  22  ASP ASP A . n 
A 1 24  GLY 24  23  23  GLY GLY A . n 
A 1 25  ASP 25  24  24  ASP ASP A . n 
A 1 26  GLY 26  25  25  GLY GLY A . n 
A 1 27  CYS 27  26  26  CYS CYS A . n 
A 1 28  ILE 28  27  27  ILE ILE A . n 
A 1 29  THR 29  28  28  THR THR A . n 
A 1 30  THR 30  29  29  THR THR A . n 
A 1 31  LYS 31  30  30  LYS LYS A . n 
A 1 32  GLU 32  31  31  GLU GLU A . n 
A 1 33  LEU 33  32  32  LEU LEU A . n 
A 1 34  GLY 34  33  33  GLY GLY A . n 
A 1 35  THR 35  34  34  THR THR A . n 
A 1 36  VAL 36  35  35  VAL VAL A . n 
A 1 37  MET 37  36  36  MET MET A . n 
A 1 38  ARG 38  37  37  ARG ARG A . n 
A 1 39  SER 39  38  38  SER SER A . n 
A 1 40  LEU 40  39  39  LEU LEU A . n 
A 1 41  GLY 41  40  40  GLY GLY A . n 
A 1 42  GLN 42  41  41  GLN GLN A . n 
A 1 43  ASN 43  42  42  ASN ASN A . n 
A 1 44  PRO 44  43  43  PRO PRO A . n 
A 1 45  THR 45  44  44  THR THR A . n 
A 1 46  GLU 46  45  45  GLU GLU A . n 
A 1 47  ALA 47  46  46  ALA ALA A . n 
A 1 48  GLU 48  47  47  GLU GLU A . n 
A 1 49  LEU 49  48  48  LEU LEU A . n 
A 1 50  GLN 50  49  49  GLN GLN A . n 
A 1 51  ASP 51  50  50  ASP ASP A . n 
A 1 52  MET 52  51  51  MET MET A . n 
A 1 53  ILE 53  52  52  ILE ILE A . n 
A 1 54  ASN 54  53  53  ASN ASN A . n 
A 1 55  GLU 55  54  54  GLU GLU A . n 
A 1 56  VAL 56  55  55  VAL VAL A . n 
A 1 57  ASP 57  56  56  ASP ASP A . n 
A 1 58  ALA 58  57  57  ALA ALA A . n 
A 1 59  ASP 59  58  58  ASP ASP A . n 
A 1 60  GLY 60  59  59  GLY GLY A . n 
A 1 61  ASN 61  60  60  ASN ASN A . n 
A 1 62  GLY 62  61  61  GLY GLY A . n 
A 1 63  THR 63  62  62  THR THR A . n 
A 1 64  ILE 64  63  63  ILE ILE A . n 
A 1 65  ASP 65  64  64  ASP ASP A . n 
A 1 66  PHE 66  65  65  PHE PHE A . n 
A 1 67  PRO 67  66  66  PRO PRO A . n 
A 1 68  GLU 68  67  67  GLU GLU A . n 
A 1 69  PHE 69  68  68  PHE PHE A . n 
A 1 70  LEU 70  69  69  LEU LEU A . n 
A 1 71  ASN 71  70  70  ASN ASN A . n 
A 1 72  LEU 72  71  71  LEU LEU A . n 
A 1 73  MET 73  72  72  MET MET A . n 
A 1 74  ALA 74  73  73  ALA ALA A . n 
A 1 75  ARG 75  74  74  ARG ARG A . n 
A 1 76  LYS 76  75  75  LYS LYS A . n 
A 1 77  MET 77  76  76  MET MET A . n 
A 1 78  LYS 78  77  77  LYS LYS A . n 
A 1 79  ASP 79  78  78  ASP ASP A . n 
A 1 80  THR 80  79  79  THR THR A . n 
A 1 81  ASP 81  80  80  ASP ASP A . n 
A 1 82  SER 82  81  81  SER SER A . n 
A 1 83  GLU 83  82  82  GLU GLU A . n 
A 1 84  GLU 84  83  83  GLU GLU A . n 
A 1 85  GLU 85  84  84  GLU GLU A . n 
A 1 86  LEU 86  85  85  LEU LEU A . n 
A 1 87  LYS 87  86  86  LYS LYS A . n 
A 1 88  GLU 88  87  87  GLU GLU A . n 
A 1 89  ALA 89  88  88  ALA ALA A . n 
A 1 90  PHE 90  89  89  PHE PHE A . n 
A 1 91  ARG 91  90  90  ARG ARG A . n 
A 1 92  VAL 92  91  91  VAL VAL A . n 
A 1 93  PHE 93  92  92  PHE PHE A . n 
A 1 94  ASP 94  93  93  ASP ASP A . n 
A 1 95  LYS 95  94  94  LYS LYS A . n 
A 1 96  ASP 96  95  95  ASP ASP A . n 
A 1 97  GLN 97  96  96  GLN GLN A . n 
A 1 98  ASN 98  97  97  ASN ASN A . n 
A 1 99  GLY 99  98  98  GLY GLY A . n 
A 1 100 PHE 100 99  99  PHE PHE A . n 
A 1 101 ILE 101 100 100 ILE ILE A . n 
A 1 102 SER 102 101 101 SER SER A . n 
A 1 103 ALA 103 102 102 ALA ALA A . n 
A 1 104 ALA 104 103 103 ALA ALA A . n 
A 1 105 GLU 105 104 104 GLU GLU A . n 
A 1 106 LEU 106 105 105 LEU LEU A . n 
A 1 107 ARG 107 106 106 ARG ARG A . n 
A 1 108 HIS 108 107 107 HIS HIS A . n 
A 1 109 VAL 109 108 108 VAL VAL A . n 
A 1 110 MET 110 109 109 MET MET A . n 
A 1 111 THR 111 110 110 THR THR A . n 
A 1 112 ASN 112 111 111 ASN ASN A . n 
A 1 113 LEU 113 112 112 LEU LEU A . n 
A 1 114 GLY 114 113 113 GLY GLY A . n 
A 1 115 GLU 115 114 114 GLU GLU A . n 
A 1 116 LYS 116 115 115 LYS LYS A . n 
A 1 117 LEU 117 116 116 LEU LEU A . n 
A 1 118 THR 118 117 117 THR THR A . n 
A 1 119 ASP 119 118 118 ASP ASP A . n 
A 1 120 GLU 120 119 119 GLU GLU A . n 
A 1 121 GLU 121 120 120 GLU GLU A . n 
A 1 122 VAL 122 121 121 VAL VAL A . n 
A 1 123 ASP 123 122 122 ASP ASP A . n 
A 1 124 GLU 124 123 123 GLU GLU A . n 
A 1 125 MET 125 124 124 MET MET A . n 
A 1 126 ILE 126 125 125 ILE ILE A . n 
A 1 127 ARG 127 126 126 ARG ARG A . n 
A 1 128 GLU 128 127 127 GLU GLU A . n 
A 1 129 ALA 129 128 128 ALA ALA A . n 
A 1 130 ASP 130 129 129 ASP ASP A . n 
A 1 131 VAL 131 130 130 VAL VAL A . n 
A 1 132 ASP 132 131 131 ASP ASP A . n 
A 1 133 GLY 133 132 132 GLY GLY A . n 
A 1 134 ASP 134 133 133 ASP ASP A . n 
A 1 135 GLY 135 134 134 GLY GLY A . n 
A 1 136 GLN 136 135 135 GLN GLN A . n 
A 1 137 ILE 137 136 136 ILE ILE A . n 
A 1 138 ASN 138 137 137 ASN ASN A . n 
A 1 139 TYR 139 138 138 TYR TYR A . n 
A 1 140 ASP 140 139 139 ASP ASP A . n 
A 1 141 GLU 141 140 140 GLU GLU A . n 
A 1 142 PHE 142 141 141 PHE PHE A . n 
A 1 143 VAL 143 142 142 VAL VAL A . n 
A 1 144 LYS 144 143 143 LYS LYS A . n 
A 1 145 VAL 145 144 144 VAL VAL A . n 
A 1 146 MET 146 145 145 MET MET A . n 
A 1 147 MET 147 146 146 MET MET A . n 
A 1 148 ALA 148 147 147 ALA ALA A . n 
A 1 149 LYS 149 148 ?   ?   ?   A . n 
# 
loop_
_pdbx_nonpoly_scheme.asym_id 
_pdbx_nonpoly_scheme.entity_id 
_pdbx_nonpoly_scheme.mon_id 
_pdbx_nonpoly_scheme.ndb_seq_num 
_pdbx_nonpoly_scheme.pdb_seq_num 
_pdbx_nonpoly_scheme.auth_seq_num 
_pdbx_nonpoly_scheme.pdb_mon_id 
_pdbx_nonpoly_scheme.auth_mon_id 
_pdbx_nonpoly_scheme.pdb_strand_id 
_pdbx_nonpoly_scheme.pdb_ins_code 
B 2 CA  1   1001 1   CA  CA  A . 
C 2 CA  1   1002 2   CA  CA  A . 
D 2 CA  1   1003 3   CA  CA  A . 
E 2 CA  1   1004 4   CA  CA  A . 
F 3 MPD 1   2001 1   MPD MPD A . 
G 3 MPD 1   3001 1   MPD MPD A . 
H 3 MPD 1   4001 1   MPD MPD A . 
I 4 HOH 1   4002 1   HOH TIP A . 
I 4 HOH 2   4003 2   HOH TIP A . 
I 4 HOH 3   4004 3   HOH TIP A . 
I 4 HOH 4   4005 4   HOH TIP A . 
I 4 HOH 5   4006 5   HOH TIP A . 
I 4 HOH 6   4007 6   HOH TIP A . 
I 4 HOH 7   4008 7   HOH TIP A . 
I 4 HOH 8   4009 8   HOH TIP A . 
I 4 HOH 9   4010 9   HOH TIP A . 
I 4 HOH 10  4011 10  HOH TIP A . 
I 4 HOH 11  4012 11  HOH TIP A . 
I 4 HOH 12  4013 12  HOH TIP A . 
I 4 HOH 13  4014 13  HOH TIP A . 
I 4 HOH 14  4015 14  HOH TIP A . 
I 4 HOH 15  4016 15  HOH TIP A . 
I 4 HOH 16  4017 16  HOH TIP A . 
I 4 HOH 17  4018 17  HOH TIP A . 
I 4 HOH 18  4019 18  HOH TIP A . 
I 4 HOH 19  4020 19  HOH TIP A . 
I 4 HOH 20  4021 20  HOH TIP A . 
I 4 HOH 21  4022 21  HOH TIP A . 
I 4 HOH 22  4023 22  HOH TIP A . 
I 4 HOH 23  4024 23  HOH TIP A . 
I 4 HOH 24  4025 24  HOH TIP A . 
I 4 HOH 25  4026 25  HOH TIP A . 
I 4 HOH 26  4027 26  HOH TIP A . 
I 4 HOH 27  4028 27  HOH TIP A . 
I 4 HOH 28  4029 28  HOH TIP A . 
I 4 HOH 29  4030 29  HOH TIP A . 
I 4 HOH 30  4031 30  HOH TIP A . 
I 4 HOH 31  4032 31  HOH TIP A . 
I 4 HOH 32  4033 32  HOH TIP A . 
I 4 HOH 33  4034 33  HOH TIP A . 
I 4 HOH 34  4035 34  HOH TIP A . 
I 4 HOH 35  4036 35  HOH TIP A . 
I 4 HOH 36  4037 36  HOH TIP A . 
I 4 HOH 37  4038 37  HOH TIP A . 
I 4 HOH 38  4039 38  HOH TIP A . 
I 4 HOH 39  4040 39  HOH TIP A . 
I 4 HOH 40  4041 40  HOH TIP A . 
I 4 HOH 41  4042 41  HOH TIP A . 
I 4 HOH 42  4043 42  HOH TIP A . 
I 4 HOH 43  4044 43  HOH TIP A . 
I 4 HOH 44  4045 44  HOH TIP A . 
I 4 HOH 45  4046 45  HOH TIP A . 
I 4 HOH 46  4047 46  HOH TIP A . 
I 4 HOH 47  4048 47  HOH TIP A . 
I 4 HOH 48  4049 48  HOH TIP A . 
I 4 HOH 49  4050 49  HOH TIP A . 
I 4 HOH 50  4051 50  HOH TIP A . 
I 4 HOH 51  4052 51  HOH TIP A . 
I 4 HOH 52  4053 52  HOH TIP A . 
I 4 HOH 53  4054 53  HOH TIP A . 
I 4 HOH 54  4055 54  HOH TIP A . 
I 4 HOH 55  4056 55  HOH TIP A . 
I 4 HOH 56  4057 56  HOH TIP A . 
I 4 HOH 57  4058 57  HOH TIP A . 
I 4 HOH 58  4059 58  HOH TIP A . 
I 4 HOH 59  4060 59  HOH TIP A . 
I 4 HOH 60  4061 60  HOH TIP A . 
I 4 HOH 61  4062 61  HOH TIP A . 
I 4 HOH 62  4063 62  HOH TIP A . 
I 4 HOH 63  4064 63  HOH TIP A . 
I 4 HOH 64  4065 64  HOH TIP A . 
I 4 HOH 65  4066 65  HOH TIP A . 
I 4 HOH 66  4067 66  HOH TIP A . 
I 4 HOH 67  4068 67  HOH TIP A . 
I 4 HOH 68  4069 68  HOH TIP A . 
I 4 HOH 69  4070 69  HOH TIP A . 
I 4 HOH 70  4071 70  HOH TIP A . 
I 4 HOH 71  4072 71  HOH TIP A . 
I 4 HOH 72  4073 72  HOH TIP A . 
I 4 HOH 73  4074 73  HOH TIP A . 
I 4 HOH 74  4075 74  HOH TIP A . 
I 4 HOH 75  4076 75  HOH TIP A . 
I 4 HOH 76  4077 76  HOH TIP A . 
I 4 HOH 77  4078 77  HOH TIP A . 
I 4 HOH 78  4079 78  HOH TIP A . 
I 4 HOH 79  4080 79  HOH TIP A . 
I 4 HOH 80  4081 80  HOH TIP A . 
I 4 HOH 81  4082 81  HOH TIP A . 
I 4 HOH 82  4083 82  HOH TIP A . 
I 4 HOH 83  4084 83  HOH TIP A . 
I 4 HOH 84  4085 84  HOH TIP A . 
I 4 HOH 85  4086 85  HOH TIP A . 
I 4 HOH 86  4087 86  HOH TIP A . 
I 4 HOH 87  4088 88  HOH TIP A . 
I 4 HOH 88  4089 89  HOH TIP A . 
I 4 HOH 89  4090 90  HOH TIP A . 
I 4 HOH 90  4091 91  HOH TIP A . 
I 4 HOH 91  4092 92  HOH TIP A . 
I 4 HOH 92  4093 93  HOH TIP A . 
I 4 HOH 93  4094 94  HOH TIP A . 
I 4 HOH 94  4095 95  HOH TIP A . 
I 4 HOH 95  4096 96  HOH TIP A . 
I 4 HOH 96  4097 97  HOH TIP A . 
I 4 HOH 97  4098 98  HOH TIP A . 
I 4 HOH 98  4099 99  HOH TIP A . 
I 4 HOH 99  4100 100 HOH TIP A . 
I 4 HOH 100 4101 101 HOH TIP A . 
I 4 HOH 101 4102 102 HOH TIP A . 
I 4 HOH 102 4103 103 HOH TIP A . 
I 4 HOH 103 4104 104 HOH TIP A . 
I 4 HOH 104 4105 105 HOH TIP A . 
I 4 HOH 105 4106 106 HOH TIP A . 
I 4 HOH 106 4107 107 HOH TIP A . 
I 4 HOH 107 4108 108 HOH TIP A . 
I 4 HOH 108 4109 109 HOH TIP A . 
I 4 HOH 109 4110 110 HOH TIP A . 
# 
loop_
_pdbx_unobs_or_zero_occ_atoms.id 
_pdbx_unobs_or_zero_occ_atoms.PDB_model_num 
_pdbx_unobs_or_zero_occ_atoms.polymer_flag 
_pdbx_unobs_or_zero_occ_atoms.occupancy_flag 
_pdbx_unobs_or_zero_occ_atoms.auth_asym_id 
_pdbx_unobs_or_zero_occ_atoms.auth_comp_id 
_pdbx_unobs_or_zero_occ_atoms.auth_seq_id 
_pdbx_unobs_or_zero_occ_atoms.PDB_ins_code 
_pdbx_unobs_or_zero_occ_atoms.auth_atom_id 
_pdbx_unobs_or_zero_occ_atoms.label_alt_id 
_pdbx_unobs_or_zero_occ_atoms.label_asym_id 
_pdbx_unobs_or_zero_occ_atoms.label_comp_id 
_pdbx_unobs_or_zero_occ_atoms.label_seq_id 
_pdbx_unobs_or_zero_occ_atoms.label_atom_id 
1 1 Y 1 A ALA 1 ? CB  ? A ALA 2 CB  
2 1 Y 1 A ASP 2 ? CB  ? A ASP 3 CB  
3 1 Y 1 A ASP 2 ? CG  ? A ASP 3 CG  
4 1 Y 1 A ASP 2 ? OD1 ? A ASP 3 OD1 
5 1 Y 1 A ASP 2 ? OD2 ? A ASP 3 OD2 
# 
loop_
_software.name 
_software.classification 
_software.version 
_software.citation_id 
_software.pdbx_ordinal 
CNS       refinement     1.1 ? 1 
SCALEPACK 'data scaling' .   ? 2 
MOLREP    phasing        .   ? 3 
# 
_cell.entry_id           1RFJ 
_cell.length_a           24.440 
_cell.length_b           68.980 
_cell.length_c           109.890 
_cell.angle_alpha        90.00 
_cell.angle_beta         90.00 
_cell.angle_gamma        90.00 
_cell.Z_PDB              4 
_cell.pdbx_unique_axis   ? 
# 
_symmetry.entry_id                         1RFJ 
_symmetry.space_group_name_H-M             'P 21 21 21' 
_symmetry.pdbx_full_space_group_name_H-M   ? 
_symmetry.cell_setting                     ? 
_symmetry.Int_Tables_number                19 
# 
_exptl.entry_id          1RFJ 
_exptl.method            'X-RAY DIFFRACTION' 
_exptl.crystals_number   1 
# 
_exptl_crystal.id                    1 
_exptl_crystal.density_meas          ? 
_exptl_crystal.density_percent_sol   51.40 
_exptl_crystal.description           ? 
_exptl_crystal.density_Matthews      2.55 
# 
_exptl_crystal_grow.crystal_id      1 
_exptl_crystal_grow.method          'VAPOR DIFFUSION, HANGING DROP' 
_exptl_crystal_grow.temp            277 
_exptl_crystal_grow.temp_details    ? 
_exptl_crystal_grow.pH              3.90 
_exptl_crystal_grow.pdbx_details    'MPD, CaCl2, NaAc-HAc, pH 3.90, VAPOR DIFFUSION, HANGING DROP, temperature 277K' 
_exptl_crystal_grow.pdbx_pH_range   . 
# 
_diffrn.id                     1 
_diffrn.ambient_temp           298.0 
_diffrn.ambient_temp_details   ? 
_diffrn.crystal_id             1 
# 
_diffrn_detector.diffrn_id              1 
_diffrn_detector.detector               'IMAGE PLATE' 
_diffrn_detector.type                   'RIGAKU RAXIS IV' 
_diffrn_detector.pdbx_collection_date   2001-11-29 
_diffrn_detector.details                mirrors 
# 
_diffrn_radiation.diffrn_id                        1 
_diffrn_radiation.wavelength_id                    1 
_diffrn_radiation.pdbx_monochromatic_or_laue_m_l   M 
_diffrn_radiation.monochromator                    ? 
_diffrn_radiation.pdbx_diffrn_protocol             'SINGLE WAVELENGTH' 
_diffrn_radiation.pdbx_scattering_type             x-ray 
# 
_diffrn_radiation_wavelength.id           1 
_diffrn_radiation_wavelength.wavelength   1.000 
_diffrn_radiation_wavelength.wt           1.0 
# 
_diffrn_source.diffrn_id                   1 
_diffrn_source.source                      SYNCHROTRON 
_diffrn_source.type                        'PHOTON FACTORY BEAMLINE BL-6B' 
_diffrn_source.pdbx_synchrotron_site       'Photon Factory' 
_diffrn_source.pdbx_synchrotron_beamline   BL-6B 
_diffrn_source.pdbx_wavelength             ? 
_diffrn_source.pdbx_wavelength_list        1.000 
# 
_reflns.entry_id                     1RFJ 
_reflns.observed_criterion_sigma_I   ? 
_reflns.observed_criterion_sigma_F   ? 
_reflns.d_resolution_low             60 
_reflns.d_resolution_high            2.0 
_reflns.number_obs                   12583 
_reflns.number_all                   ? 
_reflns.percent_possible_obs         95.1 
_reflns.pdbx_Rmerge_I_obs            0.056 
_reflns.pdbx_Rsym_value              ? 
_reflns.pdbx_netI_over_sigmaI        23.5 
_reflns.B_iso_Wilson_estimate        22.7 
_reflns.pdbx_redundancy              8.6 
_reflns.R_free_details               ? 
_reflns.limit_h_max                  ? 
_reflns.limit_h_min                  ? 
_reflns.limit_k_max                  ? 
_reflns.limit_k_min                  ? 
_reflns.limit_l_max                  ? 
_reflns.limit_l_min                  ? 
_reflns.observed_criterion_F_max     ? 
_reflns.observed_criterion_F_min     ? 
_reflns.pdbx_diffrn_id               1 
_reflns.pdbx_ordinal                 1 
# 
_reflns_shell.d_res_high             2.00 
_reflns_shell.d_res_low              2.05 
_reflns_shell.percent_possible_all   88.9 
_reflns_shell.Rmerge_I_obs           0.129 
_reflns_shell.pdbx_Rsym_value        ? 
_reflns_shell.meanI_over_sigI_obs    6.1 
_reflns_shell.pdbx_redundancy        ? 
_reflns_shell.percent_possible_obs   ? 
_reflns_shell.number_unique_all      ? 
_reflns_shell.pdbx_diffrn_id         ? 
_reflns_shell.pdbx_ordinal           1 
# 
_refine.entry_id                                 1RFJ 
_refine.ls_number_reflns_obs                     11592 
_refine.ls_number_reflns_all                     ? 
_refine.pdbx_ls_sigma_I                          ? 
_refine.pdbx_ls_sigma_F                          0.0 
_refine.pdbx_data_cutoff_high_absF               1101054.81 
_refine.pdbx_data_cutoff_low_absF                0.000000 
_refine.pdbx_data_cutoff_high_rms_absF           ? 
_refine.ls_d_res_low                             7.95 
_refine.ls_d_res_high                            2.00 
_refine.ls_percent_reflns_obs                    88.9 
_refine.ls_R_factor_obs                          0.23 
_refine.ls_R_factor_all                          0.23 
_refine.ls_R_factor_R_work                       0.228 
_refine.ls_R_factor_R_free                       0.25 
_refine.ls_R_factor_R_free_error                 0.007 
_refine.ls_R_factor_R_free_error_details         ? 
_refine.ls_percent_reflns_R_free                 10.4 
_refine.ls_number_reflns_R_free                  1204 
_refine.ls_number_parameters                     ? 
_refine.ls_number_restraints                     ? 
_refine.occupancy_min                            ? 
_refine.occupancy_max                            ? 
_refine.correlation_coeff_Fo_to_Fc               ? 
_refine.correlation_coeff_Fo_to_Fc_free          ? 
_refine.B_iso_mean                               33.7 
_refine.aniso_B[1][1]                            -0.31 
_refine.aniso_B[2][2]                            -0.91 
_refine.aniso_B[3][3]                            1.22 
_refine.aniso_B[1][2]                            0.00 
_refine.aniso_B[1][3]                            0.00 
_refine.aniso_B[2][3]                            0.00 
_refine.solvent_model_details                    'FLAT MODEL' 
_refine.solvent_model_param_ksol                 0.566604 
_refine.solvent_model_param_bsol                 99.1273 
_refine.pdbx_solvent_vdw_probe_radii             ? 
_refine.pdbx_solvent_ion_probe_radii             ? 
_refine.pdbx_solvent_shrinkage_radii             ? 
_refine.pdbx_ls_cross_valid_method               THROUGHOUT 
_refine.details                                  ? 
_refine.pdbx_starting_model                      ? 
_refine.pdbx_method_to_determine_struct          'MOLECULAR REPLACEMENT' 
_refine.pdbx_isotropic_thermal_model             RESTRAINED 
_refine.pdbx_stereochemistry_target_values       ? 
_refine.pdbx_stereochem_target_val_spec_case     ? 
_refine.pdbx_R_Free_selection_details            RANDOM 
_refine.pdbx_overall_ESU_R                       ? 
_refine.pdbx_overall_ESU_R_Free                  ? 
_refine.overall_SU_ML                            ? 
_refine.overall_SU_B                             ? 
_refine.ls_redundancy_reflns_obs                 ? 
_refine.B_iso_min                                ? 
_refine.B_iso_max                                ? 
_refine.overall_SU_R_Cruickshank_DPI             ? 
_refine.overall_SU_R_free                        ? 
_refine.pdbx_refine_id                           'X-RAY DIFFRACTION' 
_refine.pdbx_diffrn_id                           1 
_refine.pdbx_TLS_residual_ADP_flag               ? 
_refine.pdbx_overall_phase_error                 ? 
_refine.pdbx_overall_SU_R_free_Cruickshank_DPI   ? 
_refine.pdbx_overall_SU_R_Blow_DPI               ? 
_refine.pdbx_overall_SU_R_free_Blow_DPI          ? 
# 
_refine_analyze.entry_id                        1RFJ 
_refine_analyze.Luzzati_coordinate_error_obs    0.25 
_refine_analyze.Luzzati_sigma_a_obs             0.15 
_refine_analyze.Luzzati_d_res_low_obs           5.00 
_refine_analyze.Luzzati_coordinate_error_free   0.29 
_refine_analyze.Luzzati_sigma_a_free            0.20 
_refine_analyze.Luzzati_d_res_low_free          ? 
_refine_analyze.number_disordered_residues      ? 
_refine_analyze.occupancy_sum_hydrogen          ? 
_refine_analyze.occupancy_sum_non_hydrogen      ? 
_refine_analyze.pdbx_Luzzati_d_res_high_obs     ? 
_refine_analyze.pdbx_refine_id                  'X-RAY DIFFRACTION' 
# 
_refine_hist.pdbx_refine_id                   'X-RAY DIFFRACTION' 
_refine_hist.cycle_id                         LAST 
_refine_hist.pdbx_number_atoms_protein        1160 
_refine_hist.pdbx_number_atoms_nucleic_acid   0 
_refine_hist.pdbx_number_atoms_ligand         4 
_refine_hist.number_atoms_solvent             133 
_refine_hist.number_atoms_total               1297 
_refine_hist.d_res_high                       2.00 
_refine_hist.d_res_low                        7.95 
# 
loop_
_refine_ls_restr.type 
_refine_ls_restr.dev_ideal 
_refine_ls_restr.dev_ideal_target 
_refine_ls_restr.weight 
_refine_ls_restr.number 
_refine_ls_restr.pdbx_refine_id 
_refine_ls_restr.pdbx_restraint_function 
c_bond_d           0.005 ?    ? ? 'X-RAY DIFFRACTION' ? 
c_angle_deg        1.0   ?    ? ? 'X-RAY DIFFRACTION' ? 
c_dihedral_angle_d 19.0  ?    ? ? 'X-RAY DIFFRACTION' ? 
c_improper_angle_d 0.68  ?    ? ? 'X-RAY DIFFRACTION' ? 
c_mcbond_it        1.53  1.50 ? ? 'X-RAY DIFFRACTION' ? 
c_mcangle_it       2.27  2.00 ? ? 'X-RAY DIFFRACTION' ? 
c_scbond_it        2.34  2.00 ? ? 'X-RAY DIFFRACTION' ? 
c_scangle_it       3.38  2.50 ? ? 'X-RAY DIFFRACTION' ? 
# 
_refine_ls_shell.pdbx_total_number_of_bins_used   6 
_refine_ls_shell.d_res_high                       2.00 
_refine_ls_shell.d_res_low                        2.12 
_refine_ls_shell.number_reflns_R_work             1495 
_refine_ls_shell.R_factor_R_work                  0.242 
_refine_ls_shell.percent_reflns_obs               78.7 
_refine_ls_shell.R_factor_R_free                  0.261 
_refine_ls_shell.R_factor_R_free_error            0.020 
_refine_ls_shell.percent_reflns_R_free            10.4 
_refine_ls_shell.number_reflns_R_free             174 
_refine_ls_shell.number_reflns_obs                ? 
_refine_ls_shell.redundancy_reflns_obs            ? 
_refine_ls_shell.number_reflns_all                ? 
_refine_ls_shell.pdbx_refine_id                   'X-RAY DIFFRACTION' 
_refine_ls_shell.R_factor_all                     ? 
# 
loop_
_pdbx_xplor_file.serial_no 
_pdbx_xplor_file.param_file 
_pdbx_xplor_file.topol_file 
_pdbx_xplor_file.pdbx_refine_id 
1 PROTEIN_REP.PARAM PROTEIN.TOP   'X-RAY DIFFRACTION' 
2 ION.PARAM         ION.TOP       'X-RAY DIFFRACTION' 
3 WATER_REP.PARAM   WATER_REP.TOP 'X-RAY DIFFRACTION' 
4 LIGAND.PARAM      LIGAND.TOP    'X-RAY DIFFRACTION' 
# 
_struct.entry_id                  1RFJ 
_struct.title                     'Crystal Structure of Potato Calmodulin PCM6' 
_struct.pdbx_model_details        ? 
_struct.pdbx_CASP_flag            ? 
_struct.pdbx_model_type_details   ? 
# 
_struct_keywords.entry_id        1RFJ 
_struct_keywords.pdbx_keywords   'METAL BINDING PROTEIN' 
_struct_keywords.text            'plant calmodulin, PCM6, METAL BINDING PROTEIN' 
# 
loop_
_struct_asym.id 
_struct_asym.pdbx_blank_PDB_chainid_flag 
_struct_asym.pdbx_modified 
_struct_asym.entity_id 
_struct_asym.details 
A N N 1 ? 
B N N 2 ? 
C N N 2 ? 
D N N 2 ? 
E N N 2 ? 
F N N 3 ? 
G N N 3 ? 
H N N 3 ? 
I N N 4 ? 
# 
_struct_ref.id                         1 
_struct_ref.db_name                    UNP 
_struct_ref.db_code                    Q42478_SOLCO 
_struct_ref.entity_id                  1 
_struct_ref.pdbx_seq_one_letter_code   
;MADQLTEDQISEFKEAFSLFDKDGDGCITTKELGTVMRSLGQNPTEAELQDMINEVDADGNGTIDFPEFLNLMARKMKDT
DSEEELKEAFRVFDKDQNGFISAAELRHVMTNLGEKLTDEEVDEMIREADVDGDGQINYDEFVKVMMAK
;
_struct_ref.pdbx_align_begin           1 
_struct_ref.pdbx_db_accession          Q42478 
_struct_ref.pdbx_db_isoform            ? 
# 
_struct_ref_seq.align_id                      1 
_struct_ref_seq.ref_id                        1 
_struct_ref_seq.pdbx_PDB_id_code              1RFJ 
_struct_ref_seq.pdbx_strand_id                A 
_struct_ref_seq.seq_align_beg                 1 
_struct_ref_seq.pdbx_seq_align_beg_ins_code   ? 
_struct_ref_seq.seq_align_end                 149 
_struct_ref_seq.pdbx_seq_align_end_ins_code   ? 
_struct_ref_seq.pdbx_db_accession             Q42478 
_struct_ref_seq.db_align_beg                  1 
_struct_ref_seq.pdbx_db_align_beg_ins_code    ? 
_struct_ref_seq.db_align_end                  149 
_struct_ref_seq.pdbx_db_align_end_ins_code    ? 
_struct_ref_seq.pdbx_auth_seq_align_beg       0 
_struct_ref_seq.pdbx_auth_seq_align_end       148 
# 
_pdbx_struct_assembly.id                   1 
_pdbx_struct_assembly.details              author_defined_assembly 
_pdbx_struct_assembly.method_details       ? 
_pdbx_struct_assembly.oligomeric_details   monomeric 
_pdbx_struct_assembly.oligomeric_count     1 
# 
_pdbx_struct_assembly_gen.assembly_id       1 
_pdbx_struct_assembly_gen.oper_expression   1 
_pdbx_struct_assembly_gen.asym_id_list      A,B,C,D,E,F,G,H,I 
# 
_pdbx_struct_oper_list.id                   1 
_pdbx_struct_oper_list.type                 'identity operation' 
_pdbx_struct_oper_list.name                 1_555 
_pdbx_struct_oper_list.symmetry_operation   x,y,z 
_pdbx_struct_oper_list.matrix[1][1]         1.0000000000 
_pdbx_struct_oper_list.matrix[1][2]         0.0000000000 
_pdbx_struct_oper_list.matrix[1][3]         0.0000000000 
_pdbx_struct_oper_list.vector[1]            0.0000000000 
_pdbx_struct_oper_list.matrix[2][1]         0.0000000000 
_pdbx_struct_oper_list.matrix[2][2]         1.0000000000 
_pdbx_struct_oper_list.matrix[2][3]         0.0000000000 
_pdbx_struct_oper_list.vector[2]            0.0000000000 
_pdbx_struct_oper_list.matrix[3][1]         0.0000000000 
_pdbx_struct_oper_list.matrix[3][2]         0.0000000000 
_pdbx_struct_oper_list.matrix[3][3]         1.0000000000 
_pdbx_struct_oper_list.vector[3]            0.0000000000 
# 
_struct_biol.id                    1 
_struct_biol.pdbx_parent_biol_id   ? 
_struct_biol.details               ? 
# 
loop_
_struct_conf.conf_type_id 
_struct_conf.id 
_struct_conf.pdbx_PDB_helix_id 
_struct_conf.beg_label_comp_id 
_struct_conf.beg_label_asym_id 
_struct_conf.beg_label_seq_id 
_struct_conf.pdbx_beg_PDB_ins_code 
_struct_conf.end_label_comp_id 
_struct_conf.end_label_asym_id 
_struct_conf.end_label_seq_id 
_struct_conf.pdbx_end_PDB_ins_code 
_struct_conf.beg_auth_comp_id 
_struct_conf.beg_auth_asym_id 
_struct_conf.beg_auth_seq_id 
_struct_conf.end_auth_comp_id 
_struct_conf.end_auth_asym_id 
_struct_conf.end_auth_seq_id 
_struct_conf.pdbx_PDB_helix_class 
_struct_conf.details 
_struct_conf.pdbx_PDB_helix_length 
HELX_P HELX_P1 1 THR A 6   ? ASP A 21  ? THR A 5   ASP A 20  1 ? 16 
HELX_P HELX_P2 2 THR A 29  ? LEU A 40  ? THR A 28  LEU A 39  1 ? 12 
HELX_P HELX_P3 3 THR A 45  ? ASP A 57  ? THR A 44  ASP A 56  1 ? 13 
HELX_P HELX_P4 4 ASP A 65  ? ASP A 94  ? ASP A 64  ASP A 93  1 ? 30 
HELX_P HELX_P5 5 SER A 102 ? ASN A 112 ? SER A 101 ASN A 111 1 ? 11 
HELX_P HELX_P6 6 THR A 118 ? ASP A 130 ? THR A 117 ASP A 129 1 ? 13 
HELX_P HELX_P7 7 TYR A 139 ? MET A 147 ? TYR A 138 MET A 146 1 ? 9  
# 
_struct_conf_type.id          HELX_P 
_struct_conf_type.criteria    ? 
_struct_conf_type.reference   ? 
# 
loop_
_struct_conn.id 
_struct_conn.conn_type_id 
_struct_conn.pdbx_leaving_atom_flag 
_struct_conn.pdbx_PDB_id 
_struct_conn.ptnr1_label_asym_id 
_struct_conn.ptnr1_label_comp_id 
_struct_conn.ptnr1_label_seq_id 
_struct_conn.ptnr1_label_atom_id 
_struct_conn.pdbx_ptnr1_label_alt_id 
_struct_conn.pdbx_ptnr1_PDB_ins_code 
_struct_conn.pdbx_ptnr1_standard_comp_id 
_struct_conn.ptnr1_symmetry 
_struct_conn.ptnr2_label_asym_id 
_struct_conn.ptnr2_label_comp_id 
_struct_conn.ptnr2_label_seq_id 
_struct_conn.ptnr2_label_atom_id 
_struct_conn.pdbx_ptnr2_label_alt_id 
_struct_conn.pdbx_ptnr2_PDB_ins_code 
_struct_conn.ptnr1_auth_asym_id 
_struct_conn.ptnr1_auth_comp_id 
_struct_conn.ptnr1_auth_seq_id 
_struct_conn.ptnr2_auth_asym_id 
_struct_conn.ptnr2_auth_comp_id 
_struct_conn.ptnr2_auth_seq_id 
_struct_conn.ptnr2_symmetry 
_struct_conn.pdbx_ptnr3_label_atom_id 
_struct_conn.pdbx_ptnr3_label_seq_id 
_struct_conn.pdbx_ptnr3_label_comp_id 
_struct_conn.pdbx_ptnr3_label_asym_id 
_struct_conn.pdbx_ptnr3_label_alt_id 
_struct_conn.pdbx_ptnr3_PDB_ins_code 
_struct_conn.details 
_struct_conn.pdbx_dist_value 
_struct_conn.pdbx_value_order 
_struct_conn.pdbx_role 
metalc1  metalc ? ? A ASP 21  OD2 ? ? ? 1_555 B CA  . CA ? ? A ASP 20   A CA  1001 1_555 ? ? ? ? ? ? ? 2.193 ? ? 
metalc2  metalc ? ? A ASP 23  OD1 ? ? ? 1_555 B CA  . CA ? ? A ASP 22   A CA  1001 1_555 ? ? ? ? ? ? ? 2.364 ? ? 
metalc3  metalc ? ? A ASP 25  OD2 ? ? ? 1_555 B CA  . CA ? ? A ASP 24   A CA  1001 1_555 ? ? ? ? ? ? ? 2.275 ? ? 
metalc4  metalc ? ? A CYS 27  O   ? ? ? 1_555 B CA  . CA ? ? A CYS 26   A CA  1001 1_555 ? ? ? ? ? ? ? 2.365 ? ? 
metalc5  metalc ? ? A GLU 32  OE1 ? ? ? 1_555 B CA  . CA ? ? A GLU 31   A CA  1001 1_555 ? ? ? ? ? ? ? 2.447 ? ? 
metalc6  metalc ? ? A GLU 32  OE2 ? ? ? 1_555 B CA  . CA ? ? A GLU 31   A CA  1001 1_555 ? ? ? ? ? ? ? 2.547 ? ? 
metalc7  metalc ? ? A ASP 57  OD2 ? ? ? 1_555 C CA  . CA ? ? A ASP 56   A CA  1002 1_555 ? ? ? ? ? ? ? 2.161 ? ? 
metalc8  metalc ? ? A ASP 59  OD2 ? ? ? 1_555 C CA  . CA ? ? A ASP 58   A CA  1002 1_555 ? ? ? ? ? ? ? 2.473 ? ? 
metalc9  metalc ? ? A ASN 61  OD1 ? ? ? 1_555 C CA  . CA ? ? A ASN 60   A CA  1002 1_555 ? ? ? ? ? ? ? 2.383 ? ? 
metalc10 metalc ? ? A THR 63  O   ? ? ? 1_555 C CA  . CA ? ? A THR 62   A CA  1002 1_555 ? ? ? ? ? ? ? 2.403 ? ? 
metalc11 metalc ? ? A GLU 68  OE1 ? ? ? 1_555 C CA  . CA ? ? A GLU 67   A CA  1002 1_555 ? ? ? ? ? ? ? 2.376 ? ? 
metalc12 metalc ? ? A GLU 68  OE2 ? ? ? 1_555 C CA  . CA ? ? A GLU 67   A CA  1002 1_555 ? ? ? ? ? ? ? 2.545 ? ? 
metalc13 metalc ? ? A ASP 94  OD2 ? ? ? 1_555 D CA  . CA ? ? A ASP 93   A CA  1003 1_555 ? ? ? ? ? ? ? 2.342 ? ? 
metalc14 metalc ? ? A ASP 96  OD1 ? ? ? 1_555 D CA  . CA ? ? A ASP 95   A CA  1003 1_555 ? ? ? ? ? ? ? 2.308 ? ? 
metalc15 metalc ? ? A ASN 98  OD1 ? ? ? 1_555 D CA  . CA ? ? A ASN 97   A CA  1003 1_555 ? ? ? ? ? ? ? 2.343 ? ? 
metalc16 metalc ? ? A PHE 100 O   ? ? ? 1_555 D CA  . CA ? ? A PHE 99   A CA  1003 1_555 ? ? ? ? ? ? ? 2.297 ? ? 
metalc17 metalc ? ? A GLU 105 OE1 ? ? ? 1_555 D CA  . CA ? ? A GLU 104  A CA  1003 1_555 ? ? ? ? ? ? ? 2.340 ? ? 
metalc18 metalc ? ? A GLU 105 OE2 ? ? ? 1_555 D CA  . CA ? ? A GLU 104  A CA  1003 1_555 ? ? ? ? ? ? ? 2.415 ? ? 
metalc19 metalc ? ? A ASP 130 OD1 ? ? ? 1_555 E CA  . CA ? ? A ASP 129  A CA  1004 1_555 ? ? ? ? ? ? ? 2.282 ? ? 
metalc20 metalc ? ? A ASP 132 OD2 ? ? ? 1_555 E CA  . CA ? ? A ASP 131  A CA  1004 1_555 ? ? ? ? ? ? ? 2.359 ? ? 
metalc21 metalc ? ? A ASP 134 OD2 ? ? ? 1_555 E CA  . CA ? ? A ASP 133  A CA  1004 1_555 ? ? ? ? ? ? ? 2.353 ? ? 
metalc22 metalc ? ? A GLN 136 O   ? ? ? 1_555 E CA  . CA ? ? A GLN 135  A CA  1004 1_555 ? ? ? ? ? ? ? 2.369 ? ? 
metalc23 metalc ? ? A GLU 141 OE1 ? ? ? 1_555 E CA  . CA ? ? A GLU 140  A CA  1004 1_555 ? ? ? ? ? ? ? 2.648 ? ? 
metalc24 metalc ? ? A GLU 141 OE2 ? ? ? 1_555 E CA  . CA ? ? A GLU 140  A CA  1004 1_555 ? ? ? ? ? ? ? 2.490 ? ? 
metalc25 metalc ? ? B CA  .   CA  ? ? ? 1_555 I HOH . O  ? ? A CA  1001 A HOH 4109 1_555 ? ? ? ? ? ? ? 2.481 ? ? 
metalc26 metalc ? ? C CA  .   CA  ? ? ? 1_555 I HOH . O  ? ? A CA  1002 A HOH 4006 1_555 ? ? ? ? ? ? ? 3.285 ? ? 
metalc27 metalc ? ? C CA  .   CA  ? ? ? 1_555 I HOH . O  ? ? A CA  1002 A HOH 4056 1_555 ? ? ? ? ? ? ? 2.343 ? ? 
metalc28 metalc ? ? D CA  .   CA  ? ? ? 1_555 I HOH . O  ? ? A CA  1003 A HOH 4063 1_555 ? ? ? ? ? ? ? 2.382 ? ? 
metalc29 metalc ? ? E CA  .   CA  ? ? ? 1_555 I HOH . O  ? ? A CA  1004 A HOH 4062 1_555 ? ? ? ? ? ? ? 2.464 ? ? 
# 
_struct_conn_type.id          metalc 
_struct_conn_type.criteria    ? 
_struct_conn_type.reference   ? 
# 
loop_
_pdbx_struct_conn_angle.id 
_pdbx_struct_conn_angle.ptnr1_label_atom_id 
_pdbx_struct_conn_angle.ptnr1_label_alt_id 
_pdbx_struct_conn_angle.ptnr1_label_asym_id 
_pdbx_struct_conn_angle.ptnr1_label_comp_id 
_pdbx_struct_conn_angle.ptnr1_label_seq_id 
_pdbx_struct_conn_angle.ptnr1_auth_atom_id 
_pdbx_struct_conn_angle.ptnr1_auth_asym_id 
_pdbx_struct_conn_angle.ptnr1_auth_comp_id 
_pdbx_struct_conn_angle.ptnr1_auth_seq_id 
_pdbx_struct_conn_angle.ptnr1_PDB_ins_code 
_pdbx_struct_conn_angle.ptnr1_symmetry 
_pdbx_struct_conn_angle.ptnr2_label_atom_id 
_pdbx_struct_conn_angle.ptnr2_label_alt_id 
_pdbx_struct_conn_angle.ptnr2_label_asym_id 
_pdbx_struct_conn_angle.ptnr2_label_comp_id 
_pdbx_struct_conn_angle.ptnr2_label_seq_id 
_pdbx_struct_conn_angle.ptnr2_auth_atom_id 
_pdbx_struct_conn_angle.ptnr2_auth_asym_id 
_pdbx_struct_conn_angle.ptnr2_auth_comp_id 
_pdbx_struct_conn_angle.ptnr2_auth_seq_id 
_pdbx_struct_conn_angle.ptnr2_PDB_ins_code 
_pdbx_struct_conn_angle.ptnr2_symmetry 
_pdbx_struct_conn_angle.ptnr3_label_atom_id 
_pdbx_struct_conn_angle.ptnr3_label_alt_id 
_pdbx_struct_conn_angle.ptnr3_label_asym_id 
_pdbx_struct_conn_angle.ptnr3_label_comp_id 
_pdbx_struct_conn_angle.ptnr3_label_seq_id 
_pdbx_struct_conn_angle.ptnr3_auth_atom_id 
_pdbx_struct_conn_angle.ptnr3_auth_asym_id 
_pdbx_struct_conn_angle.ptnr3_auth_comp_id 
_pdbx_struct_conn_angle.ptnr3_auth_seq_id 
_pdbx_struct_conn_angle.ptnr3_PDB_ins_code 
_pdbx_struct_conn_angle.ptnr3_symmetry 
_pdbx_struct_conn_angle.value 
_pdbx_struct_conn_angle.value_esd 
1  OD2 ? A ASP 21  ? A ASP 20   ? 1_555 CA ? B CA . ? A CA 1001 ? 1_555 OD1 ? A ASP 23  ? A ASP 22   ? 1_555 83.0  ? 
2  OD2 ? A ASP 21  ? A ASP 20   ? 1_555 CA ? B CA . ? A CA 1001 ? 1_555 OD2 ? A ASP 25  ? A ASP 24   ? 1_555 83.7  ? 
3  OD1 ? A ASP 23  ? A ASP 22   ? 1_555 CA ? B CA . ? A CA 1001 ? 1_555 OD2 ? A ASP 25  ? A ASP 24   ? 1_555 77.1  ? 
4  OD2 ? A ASP 21  ? A ASP 20   ? 1_555 CA ? B CA . ? A CA 1001 ? 1_555 O   ? A CYS 27  ? A CYS 26   ? 1_555 87.3  ? 
5  OD1 ? A ASP 23  ? A ASP 22   ? 1_555 CA ? B CA . ? A CA 1001 ? 1_555 O   ? A CYS 27  ? A CYS 26   ? 1_555 156.6 ? 
6  OD2 ? A ASP 25  ? A ASP 24   ? 1_555 CA ? B CA . ? A CA 1001 ? 1_555 O   ? A CYS 27  ? A CYS 26   ? 1_555 80.7  ? 
7  OD2 ? A ASP 21  ? A ASP 20   ? 1_555 CA ? B CA . ? A CA 1001 ? 1_555 OE1 ? A GLU 32  ? A GLU 31   ? 1_555 104.6 ? 
8  OD1 ? A ASP 23  ? A ASP 22   ? 1_555 CA ? B CA . ? A CA 1001 ? 1_555 OE1 ? A GLU 32  ? A GLU 31   ? 1_555 126.4 ? 
9  OD2 ? A ASP 25  ? A ASP 24   ? 1_555 CA ? B CA . ? A CA 1001 ? 1_555 OE1 ? A GLU 32  ? A GLU 31   ? 1_555 155.4 ? 
10 O   ? A CYS 27  ? A CYS 26   ? 1_555 CA ? B CA . ? A CA 1001 ? 1_555 OE1 ? A GLU 32  ? A GLU 31   ? 1_555 76.7  ? 
11 OD2 ? A ASP 21  ? A ASP 20   ? 1_555 CA ? B CA . ? A CA 1001 ? 1_555 OE2 ? A GLU 32  ? A GLU 31   ? 1_555 96.2  ? 
12 OD1 ? A ASP 23  ? A ASP 22   ? 1_555 CA ? B CA . ? A CA 1001 ? 1_555 OE2 ? A GLU 32  ? A GLU 31   ? 1_555 74.4  ? 
13 OD2 ? A ASP 25  ? A ASP 24   ? 1_555 CA ? B CA . ? A CA 1001 ? 1_555 OE2 ? A GLU 32  ? A GLU 31   ? 1_555 151.3 ? 
14 O   ? A CYS 27  ? A CYS 26   ? 1_555 CA ? B CA . ? A CA 1001 ? 1_555 OE2 ? A GLU 32  ? A GLU 31   ? 1_555 128.0 ? 
15 OE1 ? A GLU 32  ? A GLU 31   ? 1_555 CA ? B CA . ? A CA 1001 ? 1_555 OE2 ? A GLU 32  ? A GLU 31   ? 1_555 52.2  ? 
16 OD2 ? A ASP 21  ? A ASP 20   ? 1_555 CA ? B CA . ? A CA 1001 ? 1_555 O   ? I HOH .   ? A HOH 4109 ? 1_555 166.1 ? 
17 OD1 ? A ASP 23  ? A ASP 22   ? 1_555 CA ? B CA . ? A CA 1001 ? 1_555 O   ? I HOH .   ? A HOH 4109 ? 1_555 84.5  ? 
18 OD2 ? A ASP 25  ? A ASP 24   ? 1_555 CA ? B CA . ? A CA 1001 ? 1_555 O   ? I HOH .   ? A HOH 4109 ? 1_555 87.6  ? 
19 O   ? A CYS 27  ? A CYS 26   ? 1_555 CA ? B CA . ? A CA 1001 ? 1_555 O   ? I HOH .   ? A HOH 4109 ? 1_555 102.0 ? 
20 OE1 ? A GLU 32  ? A GLU 31   ? 1_555 CA ? B CA . ? A CA 1001 ? 1_555 O   ? I HOH .   ? A HOH 4109 ? 1_555 87.7  ? 
21 OE2 ? A GLU 32  ? A GLU 31   ? 1_555 CA ? B CA . ? A CA 1001 ? 1_555 O   ? I HOH .   ? A HOH 4109 ? 1_555 86.3  ? 
22 OD2 ? A ASP 57  ? A ASP 56   ? 1_555 CA ? C CA . ? A CA 1002 ? 1_555 OD2 ? A ASP 59  ? A ASP 58   ? 1_555 73.8  ? 
23 OD2 ? A ASP 57  ? A ASP 56   ? 1_555 CA ? C CA . ? A CA 1002 ? 1_555 OD1 ? A ASN 61  ? A ASN 60   ? 1_555 82.7  ? 
24 OD2 ? A ASP 59  ? A ASP 58   ? 1_555 CA ? C CA . ? A CA 1002 ? 1_555 OD1 ? A ASN 61  ? A ASN 60   ? 1_555 77.1  ? 
25 OD2 ? A ASP 57  ? A ASP 56   ? 1_555 CA ? C CA . ? A CA 1002 ? 1_555 O   ? A THR 63  ? A THR 62   ? 1_555 80.3  ? 
26 OD2 ? A ASP 59  ? A ASP 58   ? 1_555 CA ? C CA . ? A CA 1002 ? 1_555 O   ? A THR 63  ? A THR 62   ? 1_555 146.8 ? 
27 OD1 ? A ASN 61  ? A ASN 60   ? 1_555 CA ? C CA . ? A CA 1002 ? 1_555 O   ? A THR 63  ? A THR 62   ? 1_555 79.3  ? 
28 OD2 ? A ASP 57  ? A ASP 56   ? 1_555 CA ? C CA . ? A CA 1002 ? 1_555 OE1 ? A GLU 68  ? A GLU 67   ? 1_555 104.5 ? 
29 OD2 ? A ASP 59  ? A ASP 58   ? 1_555 CA ? C CA . ? A CA 1002 ? 1_555 OE1 ? A GLU 68  ? A GLU 67   ? 1_555 126.1 ? 
30 OD1 ? A ASN 61  ? A ASN 60   ? 1_555 CA ? C CA . ? A CA 1002 ? 1_555 OE1 ? A GLU 68  ? A GLU 67   ? 1_555 156.8 ? 
31 O   ? A THR 63  ? A THR 62   ? 1_555 CA ? C CA . ? A CA 1002 ? 1_555 OE1 ? A GLU 68  ? A GLU 67   ? 1_555 80.2  ? 
32 OD2 ? A ASP 57  ? A ASP 56   ? 1_555 CA ? C CA . ? A CA 1002 ? 1_555 OE2 ? A GLU 68  ? A GLU 67   ? 1_555 85.0  ? 
33 OD2 ? A ASP 59  ? A ASP 58   ? 1_555 CA ? C CA . ? A CA 1002 ? 1_555 OE2 ? A GLU 68  ? A GLU 67   ? 1_555 73.6  ? 
34 OD1 ? A ASN 61  ? A ASN 60   ? 1_555 CA ? C CA . ? A CA 1002 ? 1_555 OE2 ? A GLU 68  ? A GLU 67   ? 1_555 150.3 ? 
35 O   ? A THR 63  ? A THR 62   ? 1_555 CA ? C CA . ? A CA 1002 ? 1_555 OE2 ? A GLU 68  ? A GLU 67   ? 1_555 124.9 ? 
36 OE1 ? A GLU 68  ? A GLU 67   ? 1_555 CA ? C CA . ? A CA 1002 ? 1_555 OE2 ? A GLU 68  ? A GLU 67   ? 1_555 52.9  ? 
37 OD2 ? A ASP 57  ? A ASP 56   ? 1_555 CA ? C CA . ? A CA 1002 ? 1_555 O   ? I HOH .   ? A HOH 4006 ? 1_555 143.2 ? 
38 OD2 ? A ASP 59  ? A ASP 58   ? 1_555 CA ? C CA . ? A CA 1002 ? 1_555 O   ? I HOH .   ? A HOH 4006 ? 1_555 119.4 ? 
39 OD1 ? A ASN 61  ? A ASN 60   ? 1_555 CA ? C CA . ? A CA 1002 ? 1_555 O   ? I HOH .   ? A HOH 4006 ? 1_555 69.0  ? 
40 O   ? A THR 63  ? A THR 62   ? 1_555 CA ? C CA . ? A CA 1002 ? 1_555 O   ? I HOH .   ? A HOH 4006 ? 1_555 72.0  ? 
41 OE1 ? A GLU 68  ? A GLU 67   ? 1_555 CA ? C CA . ? A CA 1002 ? 1_555 O   ? I HOH .   ? A HOH 4006 ? 1_555 94.2  ? 
42 OE2 ? A GLU 68  ? A GLU 67   ? 1_555 CA ? C CA . ? A CA 1002 ? 1_555 O   ? I HOH .   ? A HOH 4006 ? 1_555 130.8 ? 
43 OD2 ? A ASP 57  ? A ASP 56   ? 1_555 CA ? C CA . ? A CA 1002 ? 1_555 O   ? I HOH .   ? A HOH 4056 ? 1_555 159.3 ? 
44 OD2 ? A ASP 59  ? A ASP 58   ? 1_555 CA ? C CA . ? A CA 1002 ? 1_555 O   ? I HOH .   ? A HOH 4056 ? 1_555 86.2  ? 
45 OD1 ? A ASN 61  ? A ASN 60   ? 1_555 CA ? C CA . ? A CA 1002 ? 1_555 O   ? I HOH .   ? A HOH 4056 ? 1_555 98.2  ? 
46 O   ? A THR 63  ? A THR 62   ? 1_555 CA ? C CA . ? A CA 1002 ? 1_555 O   ? I HOH .   ? A HOH 4056 ? 1_555 120.3 ? 
47 OE1 ? A GLU 68  ? A GLU 67   ? 1_555 CA ? C CA . ? A CA 1002 ? 1_555 O   ? I HOH .   ? A HOH 4056 ? 1_555 82.8  ? 
48 OE2 ? A GLU 68  ? A GLU 67   ? 1_555 CA ? C CA . ? A CA 1002 ? 1_555 O   ? I HOH .   ? A HOH 4056 ? 1_555 84.3  ? 
49 O   ? I HOH .   ? A HOH 4006 ? 1_555 CA ? C CA . ? A CA 1002 ? 1_555 O   ? I HOH .   ? A HOH 4056 ? 1_555 52.8  ? 
50 OD2 ? A ASP 94  ? A ASP 93   ? 1_555 CA ? D CA . ? A CA 1003 ? 1_555 OD1 ? A ASP 96  ? A ASP 95   ? 1_555 80.1  ? 
51 OD2 ? A ASP 94  ? A ASP 93   ? 1_555 CA ? D CA . ? A CA 1003 ? 1_555 OD1 ? A ASN 98  ? A ASN 97   ? 1_555 81.7  ? 
52 OD1 ? A ASP 96  ? A ASP 95   ? 1_555 CA ? D CA . ? A CA 1003 ? 1_555 OD1 ? A ASN 98  ? A ASN 97   ? 1_555 79.3  ? 
53 OD2 ? A ASP 94  ? A ASP 93   ? 1_555 CA ? D CA . ? A CA 1003 ? 1_555 O   ? A PHE 100 ? A PHE 99   ? 1_555 85.2  ? 
54 OD1 ? A ASP 96  ? A ASP 95   ? 1_555 CA ? D CA . ? A CA 1003 ? 1_555 O   ? A PHE 100 ? A PHE 99   ? 1_555 157.0 ? 
55 OD1 ? A ASN 98  ? A ASN 97   ? 1_555 CA ? D CA . ? A CA 1003 ? 1_555 O   ? A PHE 100 ? A PHE 99   ? 1_555 81.1  ? 
56 OD2 ? A ASP 94  ? A ASP 93   ? 1_555 CA ? D CA . ? A CA 1003 ? 1_555 OE1 ? A GLU 105 ? A GLU 104  ? 1_555 109.9 ? 
57 OD1 ? A ASP 96  ? A ASP 95   ? 1_555 CA ? D CA . ? A CA 1003 ? 1_555 OE1 ? A GLU 105 ? A GLU 104  ? 1_555 124.0 ? 
58 OD1 ? A ASN 98  ? A ASN 97   ? 1_555 CA ? D CA . ? A CA 1003 ? 1_555 OE1 ? A GLU 105 ? A GLU 104  ? 1_555 154.7 ? 
59 O   ? A PHE 100 ? A PHE 99   ? 1_555 CA ? D CA . ? A CA 1003 ? 1_555 OE1 ? A GLU 105 ? A GLU 104  ? 1_555 77.7  ? 
60 OD2 ? A ASP 94  ? A ASP 93   ? 1_555 CA ? D CA . ? A CA 1003 ? 1_555 OE2 ? A GLU 105 ? A GLU 104  ? 1_555 99.3  ? 
61 OD1 ? A ASP 96  ? A ASP 95   ? 1_555 CA ? D CA . ? A CA 1003 ? 1_555 OE2 ? A GLU 105 ? A GLU 104  ? 1_555 69.2  ? 
62 OD1 ? A ASN 98  ? A ASN 97   ? 1_555 CA ? D CA . ? A CA 1003 ? 1_555 OE2 ? A GLU 105 ? A GLU 104  ? 1_555 147.7 ? 
63 O   ? A PHE 100 ? A PHE 99   ? 1_555 CA ? D CA . ? A CA 1003 ? 1_555 OE2 ? A GLU 105 ? A GLU 104  ? 1_555 131.2 ? 
64 OE1 ? A GLU 105 ? A GLU 104  ? 1_555 CA ? D CA . ? A CA 1003 ? 1_555 OE2 ? A GLU 105 ? A GLU 104  ? 1_555 54.9  ? 
65 OD2 ? A ASP 94  ? A ASP 93   ? 1_555 CA ? D CA . ? A CA 1003 ? 1_555 O   ? I HOH .   ? A HOH 4063 ? 1_555 166.1 ? 
66 OD1 ? A ASP 96  ? A ASP 95   ? 1_555 CA ? D CA . ? A CA 1003 ? 1_555 O   ? I HOH .   ? A HOH 4063 ? 1_555 91.3  ? 
67 OD1 ? A ASN 98  ? A ASN 97   ? 1_555 CA ? D CA . ? A CA 1003 ? 1_555 O   ? I HOH .   ? A HOH 4063 ? 1_555 86.0  ? 
68 O   ? A PHE 100 ? A PHE 99   ? 1_555 CA ? D CA . ? A CA 1003 ? 1_555 O   ? I HOH .   ? A HOH 4063 ? 1_555 99.4  ? 
69 OE1 ? A GLU 105 ? A GLU 104  ? 1_555 CA ? D CA . ? A CA 1003 ? 1_555 O   ? I HOH .   ? A HOH 4063 ? 1_555 84.0  ? 
70 OE2 ? A GLU 105 ? A GLU 104  ? 1_555 CA ? D CA . ? A CA 1003 ? 1_555 O   ? I HOH .   ? A HOH 4063 ? 1_555 87.6  ? 
71 OD1 ? A ASP 130 ? A ASP 129  ? 1_555 CA ? E CA . ? A CA 1004 ? 1_555 OD2 ? A ASP 132 ? A ASP 131  ? 1_555 81.9  ? 
72 OD1 ? A ASP 130 ? A ASP 129  ? 1_555 CA ? E CA . ? A CA 1004 ? 1_555 OD2 ? A ASP 134 ? A ASP 133  ? 1_555 88.3  ? 
73 OD2 ? A ASP 132 ? A ASP 131  ? 1_555 CA ? E CA . ? A CA 1004 ? 1_555 OD2 ? A ASP 134 ? A ASP 133  ? 1_555 79.1  ? 
74 OD1 ? A ASP 130 ? A ASP 129  ? 1_555 CA ? E CA . ? A CA 1004 ? 1_555 O   ? A GLN 136 ? A GLN 135  ? 1_555 88.6  ? 
75 OD2 ? A ASP 132 ? A ASP 131  ? 1_555 CA ? E CA . ? A CA 1004 ? 1_555 O   ? A GLN 136 ? A GLN 135  ? 1_555 155.3 ? 
76 OD2 ? A ASP 134 ? A ASP 133  ? 1_555 CA ? E CA . ? A CA 1004 ? 1_555 O   ? A GLN 136 ? A GLN 135  ? 1_555 77.8  ? 
77 OD1 ? A ASP 130 ? A ASP 129  ? 1_555 CA ? E CA . ? A CA 1004 ? 1_555 OE1 ? A GLU 141 ? A GLU 140  ? 1_555 89.4  ? 
78 OD2 ? A ASP 132 ? A ASP 131  ? 1_555 CA ? E CA . ? A CA 1004 ? 1_555 OE1 ? A GLU 141 ? A GLU 140  ? 1_555 75.2  ? 
79 OD2 ? A ASP 134 ? A ASP 133  ? 1_555 CA ? E CA . ? A CA 1004 ? 1_555 OE1 ? A GLU 141 ? A GLU 140  ? 1_555 154.3 ? 
80 O   ? A GLN 136 ? A GLN 135  ? 1_555 CA ? E CA . ? A CA 1004 ? 1_555 OE1 ? A GLU 141 ? A GLU 140  ? 1_555 127.7 ? 
81 OD1 ? A ASP 130 ? A ASP 129  ? 1_555 CA ? E CA . ? A CA 1004 ? 1_555 OE2 ? A GLU 141 ? A GLU 140  ? 1_555 103.0 ? 
82 OD2 ? A ASP 132 ? A ASP 131  ? 1_555 CA ? E CA . ? A CA 1004 ? 1_555 OE2 ? A GLU 141 ? A GLU 140  ? 1_555 125.0 ? 
83 OD2 ? A ASP 134 ? A ASP 133  ? 1_555 CA ? E CA . ? A CA 1004 ? 1_555 OE2 ? A GLU 141 ? A GLU 140  ? 1_555 154.2 ? 
84 O   ? A GLN 136 ? A GLN 135  ? 1_555 CA ? E CA . ? A CA 1004 ? 1_555 OE2 ? A GLU 141 ? A GLU 140  ? 1_555 79.3  ? 
85 OE1 ? A GLU 141 ? A GLU 140  ? 1_555 CA ? E CA . ? A CA 1004 ? 1_555 OE2 ? A GLU 141 ? A GLU 140  ? 1_555 50.4  ? 
86 OD1 ? A ASP 130 ? A ASP 129  ? 1_555 CA ? E CA . ? A CA 1004 ? 1_555 O   ? I HOH .   ? A HOH 4062 ? 1_555 164.3 ? 
87 OD2 ? A ASP 132 ? A ASP 131  ? 1_555 CA ? E CA . ? A CA 1004 ? 1_555 O   ? I HOH .   ? A HOH 4062 ? 1_555 85.5  ? 
88 OD2 ? A ASP 134 ? A ASP 133  ? 1_555 CA ? E CA . ? A CA 1004 ? 1_555 O   ? I HOH .   ? A HOH 4062 ? 1_555 80.2  ? 
89 O   ? A GLN 136 ? A GLN 135  ? 1_555 CA ? E CA . ? A CA 1004 ? 1_555 O   ? I HOH .   ? A HOH 4062 ? 1_555 99.1  ? 
90 OE1 ? A GLU 141 ? A GLU 140  ? 1_555 CA ? E CA . ? A CA 1004 ? 1_555 O   ? I HOH .   ? A HOH 4062 ? 1_555 96.4  ? 
91 OE2 ? A GLU 141 ? A GLU 140  ? 1_555 CA ? E CA . ? A CA 1004 ? 1_555 O   ? I HOH .   ? A HOH 4062 ? 1_555 91.9  ? 
# 
_struct_sheet.id               A 
_struct_sheet.type             ? 
_struct_sheet.number_strands   2 
_struct_sheet.details          ? 
# 
_struct_sheet_order.sheet_id     A 
_struct_sheet_order.range_id_1   1 
_struct_sheet_order.range_id_2   2 
_struct_sheet_order.offset       ? 
_struct_sheet_order.sense        anti-parallel 
# 
loop_
_struct_sheet_range.sheet_id 
_struct_sheet_range.id 
_struct_sheet_range.beg_label_comp_id 
_struct_sheet_range.beg_label_asym_id 
_struct_sheet_range.beg_label_seq_id 
_struct_sheet_range.pdbx_beg_PDB_ins_code 
_struct_sheet_range.end_label_comp_id 
_struct_sheet_range.end_label_asym_id 
_struct_sheet_range.end_label_seq_id 
_struct_sheet_range.pdbx_end_PDB_ins_code 
_struct_sheet_range.beg_auth_comp_id 
_struct_sheet_range.beg_auth_asym_id 
_struct_sheet_range.beg_auth_seq_id 
_struct_sheet_range.end_auth_comp_id 
_struct_sheet_range.end_auth_asym_id 
_struct_sheet_range.end_auth_seq_id 
A 1 PHE A 100 ? ILE A 101 ? PHE A 99  ILE A 100 
A 2 ILE A 137 ? ASN A 138 ? ILE A 136 ASN A 137 
# 
_pdbx_struct_sheet_hbond.sheet_id                A 
_pdbx_struct_sheet_hbond.range_id_1              1 
_pdbx_struct_sheet_hbond.range_id_2              2 
_pdbx_struct_sheet_hbond.range_1_label_atom_id   N 
_pdbx_struct_sheet_hbond.range_1_label_comp_id   ILE 
_pdbx_struct_sheet_hbond.range_1_label_asym_id   A 
_pdbx_struct_sheet_hbond.range_1_label_seq_id    101 
_pdbx_struct_sheet_hbond.range_1_PDB_ins_code    ? 
_pdbx_struct_sheet_hbond.range_1_auth_atom_id    N 
_pdbx_struct_sheet_hbond.range_1_auth_comp_id    ILE 
_pdbx_struct_sheet_hbond.range_1_auth_asym_id    A 
_pdbx_struct_sheet_hbond.range_1_auth_seq_id     100 
_pdbx_struct_sheet_hbond.range_2_label_atom_id   O 
_pdbx_struct_sheet_hbond.range_2_label_comp_id   ILE 
_pdbx_struct_sheet_hbond.range_2_label_asym_id   A 
_pdbx_struct_sheet_hbond.range_2_label_seq_id    137 
_pdbx_struct_sheet_hbond.range_2_PDB_ins_code    ? 
_pdbx_struct_sheet_hbond.range_2_auth_atom_id    O 
_pdbx_struct_sheet_hbond.range_2_auth_comp_id    ILE 
_pdbx_struct_sheet_hbond.range_2_auth_asym_id    A 
_pdbx_struct_sheet_hbond.range_2_auth_seq_id     136 
# 
loop_
_struct_site.id 
_struct_site.pdbx_evidence_code 
_struct_site.pdbx_auth_asym_id 
_struct_site.pdbx_auth_comp_id 
_struct_site.pdbx_auth_seq_id 
_struct_site.pdbx_auth_ins_code 
_struct_site.pdbx_num_residues 
_struct_site.details 
AC1 Software A CA  1001 ? 6 'BINDING SITE FOR RESIDUE CA A 1001'  
AC2 Software A CA  1002 ? 6 'BINDING SITE FOR RESIDUE CA A 1002'  
AC3 Software A CA  1003 ? 6 'BINDING SITE FOR RESIDUE CA A 1003'  
AC4 Software A CA  1004 ? 6 'BINDING SITE FOR RESIDUE CA A 1004'  
AC5 Software A MPD 2001 ? 3 'BINDING SITE FOR RESIDUE MPD A 2001' 
AC6 Software A MPD 3001 ? 3 'BINDING SITE FOR RESIDUE MPD A 3001' 
AC7 Software A MPD 4001 ? 7 'BINDING SITE FOR RESIDUE MPD A 4001' 
# 
loop_
_struct_site_gen.id 
_struct_site_gen.site_id 
_struct_site_gen.pdbx_num_res 
_struct_site_gen.label_comp_id 
_struct_site_gen.label_asym_id 
_struct_site_gen.label_seq_id 
_struct_site_gen.pdbx_auth_ins_code 
_struct_site_gen.auth_comp_id 
_struct_site_gen.auth_asym_id 
_struct_site_gen.auth_seq_id 
_struct_site_gen.label_atom_id 
_struct_site_gen.label_alt_id 
_struct_site_gen.symmetry 
_struct_site_gen.details 
1  AC1 6 ASP A 21  ? ASP A 20   . ? 1_555 ? 
2  AC1 6 ASP A 23  ? ASP A 22   . ? 1_555 ? 
3  AC1 6 ASP A 25  ? ASP A 24   . ? 1_555 ? 
4  AC1 6 CYS A 27  ? CYS A 26   . ? 1_555 ? 
5  AC1 6 GLU A 32  ? GLU A 31   . ? 1_555 ? 
6  AC1 6 HOH I .   ? HOH A 4109 . ? 1_555 ? 
7  AC2 6 ASP A 57  ? ASP A 56   . ? 1_555 ? 
8  AC2 6 ASP A 59  ? ASP A 58   . ? 1_555 ? 
9  AC2 6 ASN A 61  ? ASN A 60   . ? 1_555 ? 
10 AC2 6 THR A 63  ? THR A 62   . ? 1_555 ? 
11 AC2 6 GLU A 68  ? GLU A 67   . ? 1_555 ? 
12 AC2 6 HOH I .   ? HOH A 4056 . ? 1_555 ? 
13 AC3 6 ASP A 94  ? ASP A 93   . ? 1_555 ? 
14 AC3 6 ASP A 96  ? ASP A 95   . ? 1_555 ? 
15 AC3 6 ASN A 98  ? ASN A 97   . ? 1_555 ? 
16 AC3 6 PHE A 100 ? PHE A 99   . ? 1_555 ? 
17 AC3 6 GLU A 105 ? GLU A 104  . ? 1_555 ? 
18 AC3 6 HOH I .   ? HOH A 4063 . ? 1_555 ? 
19 AC4 6 ASP A 130 ? ASP A 129  . ? 1_555 ? 
20 AC4 6 ASP A 132 ? ASP A 131  . ? 1_555 ? 
21 AC4 6 ASP A 134 ? ASP A 133  . ? 1_555 ? 
22 AC4 6 GLN A 136 ? GLN A 135  . ? 1_555 ? 
23 AC4 6 GLU A 141 ? GLU A 140  . ? 1_555 ? 
24 AC4 6 HOH I .   ? HOH A 4062 . ? 1_555 ? 
25 AC5 3 LYS A 87  ? LYS A 86   . ? 1_555 ? 
26 AC5 3 PHE A 90  ? PHE A 89   . ? 1_555 ? 
27 AC5 3 HOH I .   ? HOH A 4022 . ? 1_455 ? 
28 AC6 3 LEU A 106 ? LEU A 105  . ? 1_555 ? 
29 AC6 3 ALA A 129 ? ALA A 128  . ? 1_555 ? 
30 AC6 3 MET A 146 ? MET A 145  . ? 1_555 ? 
31 AC7 7 PRO A 67  ? PRO A 66   . ? 3_655 ? 
32 AC7 7 GLN A 97  ? GLN A 96   . ? 1_655 ? 
33 AC7 7 ASP A 123 ? ASP A 122  . ? 1_555 ? 
34 AC7 7 ARG A 127 ? ARG A 126  . ? 1_555 ? 
35 AC7 7 GLY A 135 ? GLY A 134  . ? 1_555 ? 
36 AC7 7 HOH I .   ? HOH A 4023 . ? 3_655 ? 
37 AC7 7 HOH I .   ? HOH A 4047 . ? 1_555 ? 
# 
loop_
_pdbx_validate_torsion.id 
_pdbx_validate_torsion.PDB_model_num 
_pdbx_validate_torsion.auth_comp_id 
_pdbx_validate_torsion.auth_asym_id 
_pdbx_validate_torsion.auth_seq_id 
_pdbx_validate_torsion.PDB_ins_code 
_pdbx_validate_torsion.label_alt_id 
_pdbx_validate_torsion.phi 
_pdbx_validate_torsion.psi 
1 1 ALA A 1   ? ? 102.99  -102.56 
2 1 ASP A 2   ? ? -144.79 -109.73 
3 1 GLN A 3   ? ? -35.79  128.03  
4 1 ASN A 111 ? ? -66.62  2.25    
# 
_pdbx_unobs_or_zero_occ_residues.id               1 
_pdbx_unobs_or_zero_occ_residues.PDB_model_num    1 
_pdbx_unobs_or_zero_occ_residues.polymer_flag     Y 
_pdbx_unobs_or_zero_occ_residues.occupancy_flag   1 
_pdbx_unobs_or_zero_occ_residues.auth_asym_id     A 
_pdbx_unobs_or_zero_occ_residues.auth_comp_id     LYS 
_pdbx_unobs_or_zero_occ_residues.auth_seq_id      148 
_pdbx_unobs_or_zero_occ_residues.PDB_ins_code     ? 
_pdbx_unobs_or_zero_occ_residues.label_asym_id    A 
_pdbx_unobs_or_zero_occ_residues.label_comp_id    LYS 
_pdbx_unobs_or_zero_occ_residues.label_seq_id     149 
# 
loop_
_chem_comp_atom.comp_id 
_chem_comp_atom.atom_id 
_chem_comp_atom.type_symbol 
_chem_comp_atom.pdbx_aromatic_flag 
_chem_comp_atom.pdbx_stereo_config 
_chem_comp_atom.pdbx_ordinal 
ALA N    N  N N 1   
ALA CA   C  N S 2   
ALA C    C  N N 3   
ALA O    O  N N 4   
ALA CB   C  N N 5   
ALA OXT  O  N N 6   
ALA H    H  N N 7   
ALA H2   H  N N 8   
ALA HA   H  N N 9   
ALA HB1  H  N N 10  
ALA HB2  H  N N 11  
ALA HB3  H  N N 12  
ALA HXT  H  N N 13  
ARG N    N  N N 14  
ARG CA   C  N S 15  
ARG C    C  N N 16  
ARG O    O  N N 17  
ARG CB   C  N N 18  
ARG CG   C  N N 19  
ARG CD   C  N N 20  
ARG NE   N  N N 21  
ARG CZ   C  N N 22  
ARG NH1  N  N N 23  
ARG NH2  N  N N 24  
ARG OXT  O  N N 25  
ARG H    H  N N 26  
ARG H2   H  N N 27  
ARG HA   H  N N 28  
ARG HB2  H  N N 29  
ARG HB3  H  N N 30  
ARG HG2  H  N N 31  
ARG HG3  H  N N 32  
ARG HD2  H  N N 33  
ARG HD3  H  N N 34  
ARG HE   H  N N 35  
ARG HH11 H  N N 36  
ARG HH12 H  N N 37  
ARG HH21 H  N N 38  
ARG HH22 H  N N 39  
ARG HXT  H  N N 40  
ASN N    N  N N 41  
ASN CA   C  N S 42  
ASN C    C  N N 43  
ASN O    O  N N 44  
ASN CB   C  N N 45  
ASN CG   C  N N 46  
ASN OD1  O  N N 47  
ASN ND2  N  N N 48  
ASN OXT  O  N N 49  
ASN H    H  N N 50  
ASN H2   H  N N 51  
ASN HA   H  N N 52  
ASN HB2  H  N N 53  
ASN HB3  H  N N 54  
ASN HD21 H  N N 55  
ASN HD22 H  N N 56  
ASN HXT  H  N N 57  
ASP N    N  N N 58  
ASP CA   C  N S 59  
ASP C    C  N N 60  
ASP O    O  N N 61  
ASP CB   C  N N 62  
ASP CG   C  N N 63  
ASP OD1  O  N N 64  
ASP OD2  O  N N 65  
ASP OXT  O  N N 66  
ASP H    H  N N 67  
ASP H2   H  N N 68  
ASP HA   H  N N 69  
ASP HB2  H  N N 70  
ASP HB3  H  N N 71  
ASP HD2  H  N N 72  
ASP HXT  H  N N 73  
CA  CA   CA N N 74  
CYS N    N  N N 75  
CYS CA   C  N R 76  
CYS C    C  N N 77  
CYS O    O  N N 78  
CYS CB   C  N N 79  
CYS SG   S  N N 80  
CYS OXT  O  N N 81  
CYS H    H  N N 82  
CYS H2   H  N N 83  
CYS HA   H  N N 84  
CYS HB2  H  N N 85  
CYS HB3  H  N N 86  
CYS HG   H  N N 87  
CYS HXT  H  N N 88  
GLN N    N  N N 89  
GLN CA   C  N S 90  
GLN C    C  N N 91  
GLN O    O  N N 92  
GLN CB   C  N N 93  
GLN CG   C  N N 94  
GLN CD   C  N N 95  
GLN OE1  O  N N 96  
GLN NE2  N  N N 97  
GLN OXT  O  N N 98  
GLN H    H  N N 99  
GLN H2   H  N N 100 
GLN HA   H  N N 101 
GLN HB2  H  N N 102 
GLN HB3  H  N N 103 
GLN HG2  H  N N 104 
GLN HG3  H  N N 105 
GLN HE21 H  N N 106 
GLN HE22 H  N N 107 
GLN HXT  H  N N 108 
GLU N    N  N N 109 
GLU CA   C  N S 110 
GLU C    C  N N 111 
GLU O    O  N N 112 
GLU CB   C  N N 113 
GLU CG   C  N N 114 
GLU CD   C  N N 115 
GLU OE1  O  N N 116 
GLU OE2  O  N N 117 
GLU OXT  O  N N 118 
GLU H    H  N N 119 
GLU H2   H  N N 120 
GLU HA   H  N N 121 
GLU HB2  H  N N 122 
GLU HB3  H  N N 123 
GLU HG2  H  N N 124 
GLU HG3  H  N N 125 
GLU HE2  H  N N 126 
GLU HXT  H  N N 127 
GLY N    N  N N 128 
GLY CA   C  N N 129 
GLY C    C  N N 130 
GLY O    O  N N 131 
GLY OXT  O  N N 132 
GLY H    H  N N 133 
GLY H2   H  N N 134 
GLY HA2  H  N N 135 
GLY HA3  H  N N 136 
GLY HXT  H  N N 137 
HIS N    N  N N 138 
HIS CA   C  N S 139 
HIS C    C  N N 140 
HIS O    O  N N 141 
HIS CB   C  N N 142 
HIS CG   C  Y N 143 
HIS ND1  N  Y N 144 
HIS CD2  C  Y N 145 
HIS CE1  C  Y N 146 
HIS NE2  N  Y N 147 
HIS OXT  O  N N 148 
HIS H    H  N N 149 
HIS H2   H  N N 150 
HIS HA   H  N N 151 
HIS HB2  H  N N 152 
HIS HB3  H  N N 153 
HIS HD1  H  N N 154 
HIS HD2  H  N N 155 
HIS HE1  H  N N 156 
HIS HE2  H  N N 157 
HIS HXT  H  N N 158 
HOH O    O  N N 159 
HOH H1   H  N N 160 
HOH H2   H  N N 161 
ILE N    N  N N 162 
ILE CA   C  N S 163 
ILE C    C  N N 164 
ILE O    O  N N 165 
ILE CB   C  N S 166 
ILE CG1  C  N N 167 
ILE CG2  C  N N 168 
ILE CD1  C  N N 169 
ILE OXT  O  N N 170 
ILE H    H  N N 171 
ILE H2   H  N N 172 
ILE HA   H  N N 173 
ILE HB   H  N N 174 
ILE HG12 H  N N 175 
ILE HG13 H  N N 176 
ILE HG21 H  N N 177 
ILE HG22 H  N N 178 
ILE HG23 H  N N 179 
ILE HD11 H  N N 180 
ILE HD12 H  N N 181 
ILE HD13 H  N N 182 
ILE HXT  H  N N 183 
LEU N    N  N N 184 
LEU CA   C  N S 185 
LEU C    C  N N 186 
LEU O    O  N N 187 
LEU CB   C  N N 188 
LEU CG   C  N N 189 
LEU CD1  C  N N 190 
LEU CD2  C  N N 191 
LEU OXT  O  N N 192 
LEU H    H  N N 193 
LEU H2   H  N N 194 
LEU HA   H  N N 195 
LEU HB2  H  N N 196 
LEU HB3  H  N N 197 
LEU HG   H  N N 198 
LEU HD11 H  N N 199 
LEU HD12 H  N N 200 
LEU HD13 H  N N 201 
LEU HD21 H  N N 202 
LEU HD22 H  N N 203 
LEU HD23 H  N N 204 
LEU HXT  H  N N 205 
LYS N    N  N N 206 
LYS CA   C  N S 207 
LYS C    C  N N 208 
LYS O    O  N N 209 
LYS CB   C  N N 210 
LYS CG   C  N N 211 
LYS CD   C  N N 212 
LYS CE   C  N N 213 
LYS NZ   N  N N 214 
LYS OXT  O  N N 215 
LYS H    H  N N 216 
LYS H2   H  N N 217 
LYS HA   H  N N 218 
LYS HB2  H  N N 219 
LYS HB3  H  N N 220 
LYS HG2  H  N N 221 
LYS HG3  H  N N 222 
LYS HD2  H  N N 223 
LYS HD3  H  N N 224 
LYS HE2  H  N N 225 
LYS HE3  H  N N 226 
LYS HZ1  H  N N 227 
LYS HZ2  H  N N 228 
LYS HZ3  H  N N 229 
LYS HXT  H  N N 230 
MET N    N  N N 231 
MET CA   C  N S 232 
MET C    C  N N 233 
MET O    O  N N 234 
MET CB   C  N N 235 
MET CG   C  N N 236 
MET SD   S  N N 237 
MET CE   C  N N 238 
MET OXT  O  N N 239 
MET H    H  N N 240 
MET H2   H  N N 241 
MET HA   H  N N 242 
MET HB2  H  N N 243 
MET HB3  H  N N 244 
MET HG2  H  N N 245 
MET HG3  H  N N 246 
MET HE1  H  N N 247 
MET HE2  H  N N 248 
MET HE3  H  N N 249 
MET HXT  H  N N 250 
MPD C1   C  N N 251 
MPD C2   C  N N 252 
MPD O2   O  N N 253 
MPD CM   C  N N 254 
MPD C3   C  N N 255 
MPD C4   C  N S 256 
MPD O4   O  N N 257 
MPD C5   C  N N 258 
MPD H11  H  N N 259 
MPD H12  H  N N 260 
MPD H13  H  N N 261 
MPD HO2  H  N N 262 
MPD HM1  H  N N 263 
MPD HM2  H  N N 264 
MPD HM3  H  N N 265 
MPD H31  H  N N 266 
MPD H32  H  N N 267 
MPD H4   H  N N 268 
MPD HO4  H  N N 269 
MPD H51  H  N N 270 
MPD H52  H  N N 271 
MPD H53  H  N N 272 
PHE N    N  N N 273 
PHE CA   C  N S 274 
PHE C    C  N N 275 
PHE O    O  N N 276 
PHE CB   C  N N 277 
PHE CG   C  Y N 278 
PHE CD1  C  Y N 279 
PHE CD2  C  Y N 280 
PHE CE1  C  Y N 281 
PHE CE2  C  Y N 282 
PHE CZ   C  Y N 283 
PHE OXT  O  N N 284 
PHE H    H  N N 285 
PHE H2   H  N N 286 
PHE HA   H  N N 287 
PHE HB2  H  N N 288 
PHE HB3  H  N N 289 
PHE HD1  H  N N 290 
PHE HD2  H  N N 291 
PHE HE1  H  N N 292 
PHE HE2  H  N N 293 
PHE HZ   H  N N 294 
PHE HXT  H  N N 295 
PRO N    N  N N 296 
PRO CA   C  N S 297 
PRO C    C  N N 298 
PRO O    O  N N 299 
PRO CB   C  N N 300 
PRO CG   C  N N 301 
PRO CD   C  N N 302 
PRO OXT  O  N N 303 
PRO H    H  N N 304 
PRO HA   H  N N 305 
PRO HB2  H  N N 306 
PRO HB3  H  N N 307 
PRO HG2  H  N N 308 
PRO HG3  H  N N 309 
PRO HD2  H  N N 310 
PRO HD3  H  N N 311 
PRO HXT  H  N N 312 
SER N    N  N N 313 
SER CA   C  N S 314 
SER C    C  N N 315 
SER O    O  N N 316 
SER CB   C  N N 317 
SER OG   O  N N 318 
SER OXT  O  N N 319 
SER H    H  N N 320 
SER H2   H  N N 321 
SER HA   H  N N 322 
SER HB2  H  N N 323 
SER HB3  H  N N 324 
SER HG   H  N N 325 
SER HXT  H  N N 326 
THR N    N  N N 327 
THR CA   C  N S 328 
THR C    C  N N 329 
THR O    O  N N 330 
THR CB   C  N R 331 
THR OG1  O  N N 332 
THR CG2  C  N N 333 
THR OXT  O  N N 334 
THR H    H  N N 335 
THR H2   H  N N 336 
THR HA   H  N N 337 
THR HB   H  N N 338 
THR HG1  H  N N 339 
THR HG21 H  N N 340 
THR HG22 H  N N 341 
THR HG23 H  N N 342 
THR HXT  H  N N 343 
TYR N    N  N N 344 
TYR CA   C  N S 345 
TYR C    C  N N 346 
TYR O    O  N N 347 
TYR CB   C  N N 348 
TYR CG   C  Y N 349 
TYR CD1  C  Y N 350 
TYR CD2  C  Y N 351 
TYR CE1  C  Y N 352 
TYR CE2  C  Y N 353 
TYR CZ   C  Y N 354 
TYR OH   O  N N 355 
TYR OXT  O  N N 356 
TYR H    H  N N 357 
TYR H2   H  N N 358 
TYR HA   H  N N 359 
TYR HB2  H  N N 360 
TYR HB3  H  N N 361 
TYR HD1  H  N N 362 
TYR HD2  H  N N 363 
TYR HE1  H  N N 364 
TYR HE2  H  N N 365 
TYR HH   H  N N 366 
TYR HXT  H  N N 367 
VAL N    N  N N 368 
VAL CA   C  N S 369 
VAL C    C  N N 370 
VAL O    O  N N 371 
VAL CB   C  N N 372 
VAL CG1  C  N N 373 
VAL CG2  C  N N 374 
VAL OXT  O  N N 375 
VAL H    H  N N 376 
VAL H2   H  N N 377 
VAL HA   H  N N 378 
VAL HB   H  N N 379 
VAL HG11 H  N N 380 
VAL HG12 H  N N 381 
VAL HG13 H  N N 382 
VAL HG21 H  N N 383 
VAL HG22 H  N N 384 
VAL HG23 H  N N 385 
VAL HXT  H  N N 386 
# 
loop_
_chem_comp_bond.comp_id 
_chem_comp_bond.atom_id_1 
_chem_comp_bond.atom_id_2 
_chem_comp_bond.value_order 
_chem_comp_bond.pdbx_aromatic_flag 
_chem_comp_bond.pdbx_stereo_config 
_chem_comp_bond.pdbx_ordinal 
ALA N   CA   sing N N 1   
ALA N   H    sing N N 2   
ALA N   H2   sing N N 3   
ALA CA  C    sing N N 4   
ALA CA  CB   sing N N 5   
ALA CA  HA   sing N N 6   
ALA C   O    doub N N 7   
ALA C   OXT  sing N N 8   
ALA CB  HB1  sing N N 9   
ALA CB  HB2  sing N N 10  
ALA CB  HB3  sing N N 11  
ALA OXT HXT  sing N N 12  
ARG N   CA   sing N N 13  
ARG N   H    sing N N 14  
ARG N   H2   sing N N 15  
ARG CA  C    sing N N 16  
ARG CA  CB   sing N N 17  
ARG CA  HA   sing N N 18  
ARG C   O    doub N N 19  
ARG C   OXT  sing N N 20  
ARG CB  CG   sing N N 21  
ARG CB  HB2  sing N N 22  
ARG CB  HB3  sing N N 23  
ARG CG  CD   sing N N 24  
ARG CG  HG2  sing N N 25  
ARG CG  HG3  sing N N 26  
ARG CD  NE   sing N N 27  
ARG CD  HD2  sing N N 28  
ARG CD  HD3  sing N N 29  
ARG NE  CZ   sing N N 30  
ARG NE  HE   sing N N 31  
ARG CZ  NH1  sing N N 32  
ARG CZ  NH2  doub N N 33  
ARG NH1 HH11 sing N N 34  
ARG NH1 HH12 sing N N 35  
ARG NH2 HH21 sing N N 36  
ARG NH2 HH22 sing N N 37  
ARG OXT HXT  sing N N 38  
ASN N   CA   sing N N 39  
ASN N   H    sing N N 40  
ASN N   H2   sing N N 41  
ASN CA  C    sing N N 42  
ASN CA  CB   sing N N 43  
ASN CA  HA   sing N N 44  
ASN C   O    doub N N 45  
ASN C   OXT  sing N N 46  
ASN CB  CG   sing N N 47  
ASN CB  HB2  sing N N 48  
ASN CB  HB3  sing N N 49  
ASN CG  OD1  doub N N 50  
ASN CG  ND2  sing N N 51  
ASN ND2 HD21 sing N N 52  
ASN ND2 HD22 sing N N 53  
ASN OXT HXT  sing N N 54  
ASP N   CA   sing N N 55  
ASP N   H    sing N N 56  
ASP N   H2   sing N N 57  
ASP CA  C    sing N N 58  
ASP CA  CB   sing N N 59  
ASP CA  HA   sing N N 60  
ASP C   O    doub N N 61  
ASP C   OXT  sing N N 62  
ASP CB  CG   sing N N 63  
ASP CB  HB2  sing N N 64  
ASP CB  HB3  sing N N 65  
ASP CG  OD1  doub N N 66  
ASP CG  OD2  sing N N 67  
ASP OD2 HD2  sing N N 68  
ASP OXT HXT  sing N N 69  
CYS N   CA   sing N N 70  
CYS N   H    sing N N 71  
CYS N   H2   sing N N 72  
CYS CA  C    sing N N 73  
CYS CA  CB   sing N N 74  
CYS CA  HA   sing N N 75  
CYS C   O    doub N N 76  
CYS C   OXT  sing N N 77  
CYS CB  SG   sing N N 78  
CYS CB  HB2  sing N N 79  
CYS CB  HB3  sing N N 80  
CYS SG  HG   sing N N 81  
CYS OXT HXT  sing N N 82  
GLN N   CA   sing N N 83  
GLN N   H    sing N N 84  
GLN N   H2   sing N N 85  
GLN CA  C    sing N N 86  
GLN CA  CB   sing N N 87  
GLN CA  HA   sing N N 88  
GLN C   O    doub N N 89  
GLN C   OXT  sing N N 90  
GLN CB  CG   sing N N 91  
GLN CB  HB2  sing N N 92  
GLN CB  HB3  sing N N 93  
GLN CG  CD   sing N N 94  
GLN CG  HG2  sing N N 95  
GLN CG  HG3  sing N N 96  
GLN CD  OE1  doub N N 97  
GLN CD  NE2  sing N N 98  
GLN NE2 HE21 sing N N 99  
GLN NE2 HE22 sing N N 100 
GLN OXT HXT  sing N N 101 
GLU N   CA   sing N N 102 
GLU N   H    sing N N 103 
GLU N   H2   sing N N 104 
GLU CA  C    sing N N 105 
GLU CA  CB   sing N N 106 
GLU CA  HA   sing N N 107 
GLU C   O    doub N N 108 
GLU C   OXT  sing N N 109 
GLU CB  CG   sing N N 110 
GLU CB  HB2  sing N N 111 
GLU CB  HB3  sing N N 112 
GLU CG  CD   sing N N 113 
GLU CG  HG2  sing N N 114 
GLU CG  HG3  sing N N 115 
GLU CD  OE1  doub N N 116 
GLU CD  OE2  sing N N 117 
GLU OE2 HE2  sing N N 118 
GLU OXT HXT  sing N N 119 
GLY N   CA   sing N N 120 
GLY N   H    sing N N 121 
GLY N   H2   sing N N 122 
GLY CA  C    sing N N 123 
GLY CA  HA2  sing N N 124 
GLY CA  HA3  sing N N 125 
GLY C   O    doub N N 126 
GLY C   OXT  sing N N 127 
GLY OXT HXT  sing N N 128 
HIS N   CA   sing N N 129 
HIS N   H    sing N N 130 
HIS N   H2   sing N N 131 
HIS CA  C    sing N N 132 
HIS CA  CB   sing N N 133 
HIS CA  HA   sing N N 134 
HIS C   O    doub N N 135 
HIS C   OXT  sing N N 136 
HIS CB  CG   sing N N 137 
HIS CB  HB2  sing N N 138 
HIS CB  HB3  sing N N 139 
HIS CG  ND1  sing Y N 140 
HIS CG  CD2  doub Y N 141 
HIS ND1 CE1  doub Y N 142 
HIS ND1 HD1  sing N N 143 
HIS CD2 NE2  sing Y N 144 
HIS CD2 HD2  sing N N 145 
HIS CE1 NE2  sing Y N 146 
HIS CE1 HE1  sing N N 147 
HIS NE2 HE2  sing N N 148 
HIS OXT HXT  sing N N 149 
HOH O   H1   sing N N 150 
HOH O   H2   sing N N 151 
ILE N   CA   sing N N 152 
ILE N   H    sing N N 153 
ILE N   H2   sing N N 154 
ILE CA  C    sing N N 155 
ILE CA  CB   sing N N 156 
ILE CA  HA   sing N N 157 
ILE C   O    doub N N 158 
ILE C   OXT  sing N N 159 
ILE CB  CG1  sing N N 160 
ILE CB  CG2  sing N N 161 
ILE CB  HB   sing N N 162 
ILE CG1 CD1  sing N N 163 
ILE CG1 HG12 sing N N 164 
ILE CG1 HG13 sing N N 165 
ILE CG2 HG21 sing N N 166 
ILE CG2 HG22 sing N N 167 
ILE CG2 HG23 sing N N 168 
ILE CD1 HD11 sing N N 169 
ILE CD1 HD12 sing N N 170 
ILE CD1 HD13 sing N N 171 
ILE OXT HXT  sing N N 172 
LEU N   CA   sing N N 173 
LEU N   H    sing N N 174 
LEU N   H2   sing N N 175 
LEU CA  C    sing N N 176 
LEU CA  CB   sing N N 177 
LEU CA  HA   sing N N 178 
LEU C   O    doub N N 179 
LEU C   OXT  sing N N 180 
LEU CB  CG   sing N N 181 
LEU CB  HB2  sing N N 182 
LEU CB  HB3  sing N N 183 
LEU CG  CD1  sing N N 184 
LEU CG  CD2  sing N N 185 
LEU CG  HG   sing N N 186 
LEU CD1 HD11 sing N N 187 
LEU CD1 HD12 sing N N 188 
LEU CD1 HD13 sing N N 189 
LEU CD2 HD21 sing N N 190 
LEU CD2 HD22 sing N N 191 
LEU CD2 HD23 sing N N 192 
LEU OXT HXT  sing N N 193 
LYS N   CA   sing N N 194 
LYS N   H    sing N N 195 
LYS N   H2   sing N N 196 
LYS CA  C    sing N N 197 
LYS CA  CB   sing N N 198 
LYS CA  HA   sing N N 199 
LYS C   O    doub N N 200 
LYS C   OXT  sing N N 201 
LYS CB  CG   sing N N 202 
LYS CB  HB2  sing N N 203 
LYS CB  HB3  sing N N 204 
LYS CG  CD   sing N N 205 
LYS CG  HG2  sing N N 206 
LYS CG  HG3  sing N N 207 
LYS CD  CE   sing N N 208 
LYS CD  HD2  sing N N 209 
LYS CD  HD3  sing N N 210 
LYS CE  NZ   sing N N 211 
LYS CE  HE2  sing N N 212 
LYS CE  HE3  sing N N 213 
LYS NZ  HZ1  sing N N 214 
LYS NZ  HZ2  sing N N 215 
LYS NZ  HZ3  sing N N 216 
LYS OXT HXT  sing N N 217 
MET N   CA   sing N N 218 
MET N   H    sing N N 219 
MET N   H2   sing N N 220 
MET CA  C    sing N N 221 
MET CA  CB   sing N N 222 
MET CA  HA   sing N N 223 
MET C   O    doub N N 224 
MET C   OXT  sing N N 225 
MET CB  CG   sing N N 226 
MET CB  HB2  sing N N 227 
MET CB  HB3  sing N N 228 
MET CG  SD   sing N N 229 
MET CG  HG2  sing N N 230 
MET CG  HG3  sing N N 231 
MET SD  CE   sing N N 232 
MET CE  HE1  sing N N 233 
MET CE  HE2  sing N N 234 
MET CE  HE3  sing N N 235 
MET OXT HXT  sing N N 236 
MPD C1  C2   sing N N 237 
MPD C1  H11  sing N N 238 
MPD C1  H12  sing N N 239 
MPD C1  H13  sing N N 240 
MPD C2  O2   sing N N 241 
MPD C2  CM   sing N N 242 
MPD C2  C3   sing N N 243 
MPD O2  HO2  sing N N 244 
MPD CM  HM1  sing N N 245 
MPD CM  HM2  sing N N 246 
MPD CM  HM3  sing N N 247 
MPD C3  C4   sing N N 248 
MPD C3  H31  sing N N 249 
MPD C3  H32  sing N N 250 
MPD C4  O4   sing N N 251 
MPD C4  C5   sing N N 252 
MPD C4  H4   sing N N 253 
MPD O4  HO4  sing N N 254 
MPD C5  H51  sing N N 255 
MPD C5  H52  sing N N 256 
MPD C5  H53  sing N N 257 
PHE N   CA   sing N N 258 
PHE N   H    sing N N 259 
PHE N   H2   sing N N 260 
PHE CA  C    sing N N 261 
PHE CA  CB   sing N N 262 
PHE CA  HA   sing N N 263 
PHE C   O    doub N N 264 
PHE C   OXT  sing N N 265 
PHE CB  CG   sing N N 266 
PHE CB  HB2  sing N N 267 
PHE CB  HB3  sing N N 268 
PHE CG  CD1  doub Y N 269 
PHE CG  CD2  sing Y N 270 
PHE CD1 CE1  sing Y N 271 
PHE CD1 HD1  sing N N 272 
PHE CD2 CE2  doub Y N 273 
PHE CD2 HD2  sing N N 274 
PHE CE1 CZ   doub Y N 275 
PHE CE1 HE1  sing N N 276 
PHE CE2 CZ   sing Y N 277 
PHE CE2 HE2  sing N N 278 
PHE CZ  HZ   sing N N 279 
PHE OXT HXT  sing N N 280 
PRO N   CA   sing N N 281 
PRO N   CD   sing N N 282 
PRO N   H    sing N N 283 
PRO CA  C    sing N N 284 
PRO CA  CB   sing N N 285 
PRO CA  HA   sing N N 286 
PRO C   O    doub N N 287 
PRO C   OXT  sing N N 288 
PRO CB  CG   sing N N 289 
PRO CB  HB2  sing N N 290 
PRO CB  HB3  sing N N 291 
PRO CG  CD   sing N N 292 
PRO CG  HG2  sing N N 293 
PRO CG  HG3  sing N N 294 
PRO CD  HD2  sing N N 295 
PRO CD  HD3  sing N N 296 
PRO OXT HXT  sing N N 297 
SER N   CA   sing N N 298 
SER N   H    sing N N 299 
SER N   H2   sing N N 300 
SER CA  C    sing N N 301 
SER CA  CB   sing N N 302 
SER CA  HA   sing N N 303 
SER C   O    doub N N 304 
SER C   OXT  sing N N 305 
SER CB  OG   sing N N 306 
SER CB  HB2  sing N N 307 
SER CB  HB3  sing N N 308 
SER OG  HG   sing N N 309 
SER OXT HXT  sing N N 310 
THR N   CA   sing N N 311 
THR N   H    sing N N 312 
THR N   H2   sing N N 313 
THR CA  C    sing N N 314 
THR CA  CB   sing N N 315 
THR CA  HA   sing N N 316 
THR C   O    doub N N 317 
THR C   OXT  sing N N 318 
THR CB  OG1  sing N N 319 
THR CB  CG2  sing N N 320 
THR CB  HB   sing N N 321 
THR OG1 HG1  sing N N 322 
THR CG2 HG21 sing N N 323 
THR CG2 HG22 sing N N 324 
THR CG2 HG23 sing N N 325 
THR OXT HXT  sing N N 326 
TYR N   CA   sing N N 327 
TYR N   H    sing N N 328 
TYR N   H2   sing N N 329 
TYR CA  C    sing N N 330 
TYR CA  CB   sing N N 331 
TYR CA  HA   sing N N 332 
TYR C   O    doub N N 333 
TYR C   OXT  sing N N 334 
TYR CB  CG   sing N N 335 
TYR CB  HB2  sing N N 336 
TYR CB  HB3  sing N N 337 
TYR CG  CD1  doub Y N 338 
TYR CG  CD2  sing Y N 339 
TYR CD1 CE1  sing Y N 340 
TYR CD1 HD1  sing N N 341 
TYR CD2 CE2  doub Y N 342 
TYR CD2 HD2  sing N N 343 
TYR CE1 CZ   doub Y N 344 
TYR CE1 HE1  sing N N 345 
TYR CE2 CZ   sing Y N 346 
TYR CE2 HE2  sing N N 347 
TYR CZ  OH   sing N N 348 
TYR OH  HH   sing N N 349 
TYR OXT HXT  sing N N 350 
VAL N   CA   sing N N 351 
VAL N   H    sing N N 352 
VAL N   H2   sing N N 353 
VAL CA  C    sing N N 354 
VAL CA  CB   sing N N 355 
VAL CA  HA   sing N N 356 
VAL C   O    doub N N 357 
VAL C   OXT  sing N N 358 
VAL CB  CG1  sing N N 359 
VAL CB  CG2  sing N N 360 
VAL CB  HB   sing N N 361 
VAL CG1 HG11 sing N N 362 
VAL CG1 HG12 sing N N 363 
VAL CG1 HG13 sing N N 364 
VAL CG2 HG21 sing N N 365 
VAL CG2 HG22 sing N N 366 
VAL CG2 HG23 sing N N 367 
VAL OXT HXT  sing N N 368 
# 
_atom_sites.entry_id                    1RFJ 
_atom_sites.fract_transf_matrix[1][1]   -0.02286337 
_atom_sites.fract_transf_matrix[1][2]   0.01286720 
_atom_sites.fract_transf_matrix[1][3]   0.03139908 
_atom_sites.fract_transf_matrix[2][1]   0.01127771 
_atom_sites.fract_transf_matrix[2][2]   0.00752982 
_atom_sites.fract_transf_matrix[2][3]   0.00512622 
_atom_sites.fract_transf_matrix[3][1]   -0.00261520 
_atom_sites.fract_transf_matrix[3][2]   0.00723050 
_atom_sites.fract_transf_matrix[3][3]   -0.00486730 
_atom_sites.fract_transf_vector[1]      0.380768 
_atom_sites.fract_transf_vector[2]      0.120046 
_atom_sites.fract_transf_vector[3]      0.220067 
# 
loop_
_atom_type.symbol 
C  
CA 
N  
O  
S  
# 
loop_
_atom_site.group_PDB 
_atom_site.id 
_atom_site.type_symbol 
_atom_site.label_atom_id 
_atom_site.label_alt_id 
_atom_site.label_comp_id 
_atom_site.label_asym_id 
_atom_site.label_entity_id 
_atom_site.label_seq_id 
_atom_site.pdbx_PDB_ins_code 
_atom_site.Cartn_x 
_atom_site.Cartn_y 
_atom_site.Cartn_z 
_atom_site.occupancy 
_atom_site.B_iso_or_equiv 
_atom_site.pdbx_formal_charge 
_atom_site.auth_seq_id 
_atom_site.auth_comp_id 
_atom_site.auth_asym_id 
_atom_site.auth_atom_id 
_atom_site.pdbx_PDB_model_num 
ATOM   1    N  N   . MET A 1 1   ? -5.553  -1.451  -6.614  1.00 62.07 ? 0    MET A N   1 
ATOM   2    C  CA  . MET A 1 1   ? -5.537  -2.593  -7.572  1.00 62.89 ? 0    MET A CA  1 
ATOM   3    C  C   . MET A 1 1   ? -6.952  -2.985  -7.988  1.00 62.34 ? 0    MET A C   1 
ATOM   4    O  O   . MET A 1 1   ? -7.261  -3.044  -9.181  1.00 62.59 ? 0    MET A O   1 
ATOM   5    C  CB  . MET A 1 1   ? -4.843  -3.793  -6.937  1.00 63.44 ? 0    MET A CB  1 
ATOM   6    C  CG  . MET A 1 1   ? -4.742  -4.988  -7.853  1.00 65.42 ? 0    MET A CG  1 
ATOM   7    S  SD  . MET A 1 1   ? -4.208  -6.426  -6.936  1.00 68.05 ? 0    MET A SD  1 
ATOM   8    C  CE  . MET A 1 1   ? -5.690  -6.739  -5.962  1.00 67.10 ? 0    MET A CE  1 
ATOM   9    N  N   . ALA A 1 2   ? -7.801  -3.262  -6.999  1.00 61.78 ? 1    ALA A N   1 
ATOM   10   C  CA  . ALA A 1 2   ? -9.179  -3.629  -7.279  1.00 60.70 ? 1    ALA A CA  1 
ATOM   11   C  C   . ALA A 1 2   ? -9.486  -5.110  -7.156  1.00 59.97 ? 1    ALA A C   1 
ATOM   12   O  O   . ALA A 1 2   ? -9.640  -5.633  -6.052  1.00 60.27 ? 1    ALA A O   1 
ATOM   13   N  N   . ASP A 1 3   ? -9.583  -5.781  -8.300  1.00 59.10 ? 2    ASP A N   1 
ATOM   14   C  CA  . ASP A 1 3   ? -9.874  -7.202  -8.312  1.00 56.96 ? 2    ASP A CA  1 
ATOM   15   C  C   . ASP A 1 3   ? -9.156  -7.926  -9.435  1.00 55.84 ? 2    ASP A C   1 
ATOM   16   O  O   . ASP A 1 3   ? -7.932  -8.071  -9.397  1.00 56.25 ? 2    ASP A O   1 
ATOM   17   N  N   . GLN A 1 4   ? -9.915  -8.372  -10.436 1.00 54.12 ? 3    GLN A N   1 
ATOM   18   C  CA  . GLN A 1 4   ? -9.360  -9.096  -11.583 1.00 52.10 ? 3    GLN A CA  1 
ATOM   19   C  C   . GLN A 1 4   ? -7.983  -8.579  -11.995 1.00 52.03 ? 3    GLN A C   1 
ATOM   20   O  O   . GLN A 1 4   ? -7.792  -7.380  -12.202 1.00 52.90 ? 3    GLN A O   1 
ATOM   21   C  CB  . GLN A 1 4   ? -10.314 -9.009  -12.781 1.00 48.89 ? 3    GLN A CB  1 
ATOM   22   C  CG  . GLN A 1 4   ? -9.814  -9.726  -14.034 1.00 45.56 ? 3    GLN A CG  1 
ATOM   23   C  CD  . GLN A 1 4   ? -9.746  -11.238 -13.871 1.00 42.37 ? 3    GLN A CD  1 
ATOM   24   O  OE1 . GLN A 1 4   ? -10.774 -11.911 -13.774 1.00 40.72 ? 3    GLN A OE1 1 
ATOM   25   N  NE2 . GLN A 1 4   ? -8.532  -11.778 -13.841 1.00 37.71 ? 3    GLN A NE2 1 
ATOM   26   N  N   . LEU A 1 5   ? -7.028  -9.497  -12.108 1.00 51.23 ? 4    LEU A N   1 
ATOM   27   C  CA  . LEU A 1 5   ? -5.664  -9.157  -12.496 1.00 51.33 ? 4    LEU A CA  1 
ATOM   28   C  C   . LEU A 1 5   ? -5.461  -9.466  -13.972 1.00 50.87 ? 4    LEU A C   1 
ATOM   29   O  O   . LEU A 1 5   ? -6.141  -10.328 -14.529 1.00 51.24 ? 4    LEU A O   1 
ATOM   30   C  CB  . LEU A 1 5   ? -4.665  -9.966  -11.668 1.00 52.67 ? 4    LEU A CB  1 
ATOM   31   C  CG  . LEU A 1 5   ? -4.728  -9.774  -10.152 1.00 54.19 ? 4    LEU A CG  1 
ATOM   32   C  CD1 . LEU A 1 5   ? -3.889  -10.839 -9.456  1.00 55.54 ? 4    LEU A CD1 1 
ATOM   33   C  CD2 . LEU A 1 5   ? -4.243  -8.377  -9.800  1.00 54.96 ? 4    LEU A CD2 1 
ATOM   34   N  N   . THR A 1 6   ? -4.522  -8.769  -14.602 1.00 49.82 ? 5    THR A N   1 
ATOM   35   C  CA  . THR A 1 6   ? -4.248  -8.989  -16.015 1.00 49.43 ? 5    THR A CA  1 
ATOM   36   C  C   . THR A 1 6   ? -3.403  -10.243 -16.183 1.00 48.98 ? 5    THR A C   1 
ATOM   37   O  O   . THR A 1 6   ? -2.744  -10.693 -15.242 1.00 48.26 ? 5    THR A O   1 
ATOM   38   C  CB  . THR A 1 6   ? -3.484  -7.802  -16.641 1.00 49.82 ? 5    THR A CB  1 
ATOM   39   O  OG1 . THR A 1 6   ? -2.113  -7.842  -16.226 1.00 49.89 ? 5    THR A OG1 1 
ATOM   40   C  CG2 . THR A 1 6   ? -4.105  -6.480  -16.204 1.00 49.89 ? 5    THR A CG2 1 
ATOM   41   N  N   . GLU A 1 7   ? -3.421  -10.802 -17.385 1.00 48.74 ? 6    GLU A N   1 
ATOM   42   C  CA  . GLU A 1 7   ? -2.654  -12.005 -17.668 1.00 50.17 ? 6    GLU A CA  1 
ATOM   43   C  C   . GLU A 1 7   ? -1.163  -11.793 -17.402 1.00 50.65 ? 6    GLU A C   1 
ATOM   44   O  O   . GLU A 1 7   ? -0.505  -12.654 -16.818 1.00 49.33 ? 6    GLU A O   1 
ATOM   45   C  CB  . GLU A 1 7   ? -2.867  -12.436 -19.120 1.00 51.17 ? 6    GLU A CB  1 
ATOM   46   C  CG  . GLU A 1 7   ? -2.028  -13.636 -19.539 1.00 53.86 ? 6    GLU A CG  1 
ATOM   47   C  CD  . GLU A 1 7   ? -1.979  -13.811 -21.045 1.00 55.68 ? 6    GLU A CD  1 
ATOM   48   O  OE1 . GLU A 1 7   ? -1.798  -12.793 -21.747 1.00 57.49 ? 6    GLU A OE1 1 
ATOM   49   O  OE2 . GLU A 1 7   ? -2.107  -14.959 -21.527 1.00 55.53 ? 6    GLU A OE2 1 
ATOM   50   N  N   . ASP A 1 8   ? -0.631  -10.647 -17.824 1.00 51.21 ? 7    ASP A N   1 
ATOM   51   C  CA  . ASP A 1 8   ? 0.789   -10.365 -17.621 1.00 50.93 ? 7    ASP A CA  1 
ATOM   52   C  C   . ASP A 1 8   ? 1.132   -10.269 -16.136 1.00 49.40 ? 7    ASP A C   1 
ATOM   53   O  O   . ASP A 1 8   ? 2.181   -10.747 -15.706 1.00 49.29 ? 7    ASP A O   1 
ATOM   54   C  CB  . ASP A 1 8   ? 1.194   -9.062  -18.321 1.00 53.89 ? 7    ASP A CB  1 
ATOM   55   C  CG  . ASP A 1 8   ? 2.706   -8.914  -18.448 1.00 55.37 ? 7    ASP A CG  1 
ATOM   56   O  OD1 . ASP A 1 8   ? 3.172   -7.813  -18.809 1.00 56.94 ? 7    ASP A OD1 1 
ATOM   57   O  OD2 . ASP A 1 8   ? 3.430   -9.902  -18.195 1.00 56.14 ? 7    ASP A OD2 1 
ATOM   58   N  N   . GLN A 1 9   ? 0.258   -9.644  -15.355 1.00 47.64 ? 8    GLN A N   1 
ATOM   59   C  CA  . GLN A 1 9   ? 0.495   -9.522  -13.923 1.00 46.93 ? 8    GLN A CA  1 
ATOM   60   C  C   . GLN A 1 9   ? 0.561   -10.915 -13.297 1.00 45.72 ? 8    GLN A C   1 
ATOM   61   O  O   . GLN A 1 9   ? 1.448   -11.203 -12.495 1.00 45.36 ? 8    GLN A O   1 
ATOM   62   C  CB  . GLN A 1 9   ? -0.621  -8.713  -13.258 1.00 48.48 ? 8    GLN A CB  1 
ATOM   63   C  CG  . GLN A 1 9   ? -0.614  -7.236  -13.601 1.00 50.48 ? 8    GLN A CG  1 
ATOM   64   C  CD  . GLN A 1 9   ? -1.765  -6.493  -12.957 1.00 52.23 ? 8    GLN A CD  1 
ATOM   65   O  OE1 . GLN A 1 9   ? -2.928  -6.686  -13.319 1.00 52.91 ? 8    GLN A OE1 1 
ATOM   66   N  NE2 . GLN A 1 9   ? -1.448  -5.642  -11.988 1.00 53.28 ? 8    GLN A NE2 1 
ATOM   67   N  N   . ILE A 1 10  ? -0.380  -11.774 -13.677 1.00 43.37 ? 9    ILE A N   1 
ATOM   68   C  CA  . ILE A 1 10  ? -0.433  -13.139 -13.163 1.00 40.60 ? 9    ILE A CA  1 
ATOM   69   C  C   . ILE A 1 10  ? 0.821   -13.916 -13.551 1.00 40.51 ? 9    ILE A C   1 
ATOM   70   O  O   . ILE A 1 10  ? 1.465   -14.536 -12.705 1.00 37.25 ? 9    ILE A O   1 
ATOM   71   C  CB  . ILE A 1 10  ? -1.672  -13.895 -13.706 1.00 39.22 ? 9    ILE A CB  1 
ATOM   72   C  CG1 . ILE A 1 10  ? -2.951  -13.258 -13.155 1.00 37.64 ? 9    ILE A CG1 1 
ATOM   73   C  CG2 . ILE A 1 10  ? -1.600  -15.368 -13.319 1.00 36.88 ? 9    ILE A CG2 1 
ATOM   74   C  CD1 . ILE A 1 10  ? -4.217  -13.749 -13.821 1.00 35.54 ? 9    ILE A CD1 1 
ATOM   75   N  N   . SER A 1 11  ? 1.161   -13.878 -14.836 1.00 40.48 ? 10   SER A N   1 
ATOM   76   C  CA  . SER A 1 11  ? 2.332   -14.584 -15.342 1.00 41.62 ? 10   SER A CA  1 
ATOM   77   C  C   . SER A 1 11  ? 3.592   -14.162 -14.594 1.00 41.92 ? 10   SER A C   1 
ATOM   78   O  O   . SER A 1 11  ? 4.480   -14.980 -14.334 1.00 41.70 ? 10   SER A O   1 
ATOM   79   C  CB  . SER A 1 11  ? 2.520   -14.303 -16.833 1.00 41.98 ? 10   SER A CB  1 
ATOM   80   O  OG  . SER A 1 11  ? 2.851   -12.942 -17.044 1.00 45.35 ? 10   SER A OG  1 
ATOM   81   N  N   . GLU A 1 12  ? 3.671   -12.881 -14.256 1.00 41.90 ? 11   GLU A N   1 
ATOM   82   C  CA  . GLU A 1 12  ? 4.829   -12.366 -13.544 1.00 43.67 ? 11   GLU A CA  1 
ATOM   83   C  C   . GLU A 1 12  ? 4.834   -12.962 -12.143 1.00 42.61 ? 11   GLU A C   1 
ATOM   84   O  O   . GLU A 1 12  ? 5.835   -13.530 -11.707 1.00 41.52 ? 11   GLU A O   1 
ATOM   85   C  CB  . GLU A 1 12  ? 4.778   -10.836 -13.481 1.00 45.19 ? 11   GLU A CB  1 
ATOM   86   C  CG  . GLU A 1 12  ? 6.136   -10.158 -13.288 1.00 48.16 ? 11   GLU A CG  1 
ATOM   87   C  CD  . GLU A 1 12  ? 7.173   -10.593 -14.318 1.00 50.03 ? 11   GLU A CD  1 
ATOM   88   O  OE1 . GLU A 1 12  ? 6.784   -11.010 -15.431 1.00 50.77 ? 11   GLU A OE1 1 
ATOM   89   O  OE2 . GLU A 1 12  ? 8.382   -10.507 -14.019 1.00 50.04 ? 11   GLU A OE2 1 
ATOM   90   N  N   . PHE A 1 13  ? 3.711   -12.840 -11.439 1.00 41.73 ? 12   PHE A N   1 
ATOM   91   C  CA  . PHE A 1 13  ? 3.624   -13.397 -10.097 1.00 41.75 ? 12   PHE A CA  1 
ATOM   92   C  C   . PHE A 1 13  ? 4.033   -14.863 -10.106 1.00 39.57 ? 12   PHE A C   1 
ATOM   93   O  O   . PHE A 1 13  ? 4.615   -15.357 -9.142  1.00 39.42 ? 12   PHE A O   1 
ATOM   94   C  CB  . PHE A 1 13  ? 2.209   -13.248 -9.534  1.00 43.38 ? 12   PHE A CB  1 
ATOM   95   C  CG  . PHE A 1 13  ? 1.907   -11.872 -9.016  1.00 46.12 ? 12   PHE A CG  1 
ATOM   96   C  CD1 . PHE A 1 13  ? 2.830   -11.200 -8.221  1.00 47.61 ? 12   PHE A CD1 1 
ATOM   97   C  CD2 . PHE A 1 13  ? 0.692   -11.260 -9.293  1.00 46.87 ? 12   PHE A CD2 1 
ATOM   98   C  CE1 . PHE A 1 13  ? 2.545   -9.935  -7.710  1.00 49.48 ? 12   PHE A CE1 1 
ATOM   99   C  CE2 . PHE A 1 13  ? 0.394   -9.998  -8.788  1.00 48.28 ? 12   PHE A CE2 1 
ATOM   100  C  CZ  . PHE A 1 13  ? 1.324   -9.334  -7.993  1.00 48.95 ? 12   PHE A CZ  1 
ATOM   101  N  N   . LYS A 1 14  ? 3.737   -15.559 -11.199 1.00 36.85 ? 13   LYS A N   1 
ATOM   102  C  CA  . LYS A 1 14  ? 4.109   -16.960 -11.307 1.00 36.80 ? 13   LYS A CA  1 
ATOM   103  C  C   . LYS A 1 14  ? 5.625   -17.106 -11.370 1.00 37.82 ? 13   LYS A C   1 
ATOM   104  O  O   . LYS A 1 14  ? 6.190   -18.031 -10.780 1.00 37.17 ? 13   LYS A O   1 
ATOM   105  C  CB  . LYS A 1 14  ? 3.478   -17.601 -12.547 1.00 36.40 ? 13   LYS A CB  1 
ATOM   106  C  CG  . LYS A 1 14  ? 1.986   -17.849 -12.422 1.00 34.70 ? 13   LYS A CG  1 
ATOM   107  C  CD  . LYS A 1 14  ? 1.439   -18.618 -13.610 1.00 33.67 ? 13   LYS A CD  1 
ATOM   108  C  CE  . LYS A 1 14  ? -0.056  -18.875 -13.446 1.00 32.89 ? 13   LYS A CE  1 
ATOM   109  N  NZ  . LYS A 1 14  ? -0.639  -19.606 -14.605 1.00 31.00 ? 13   LYS A NZ  1 
ATOM   110  N  N   . GLU A 1 15  ? 6.289   -16.197 -12.082 1.00 37.95 ? 14   GLU A N   1 
ATOM   111  C  CA  . GLU A 1 15  ? 7.744   -16.266 -12.186 1.00 37.52 ? 14   GLU A CA  1 
ATOM   112  C  C   . GLU A 1 15  ? 8.337   -16.078 -10.795 1.00 37.02 ? 14   GLU A C   1 
ATOM   113  O  O   . GLU A 1 15  ? 9.262   -16.799 -10.391 1.00 36.96 ? 14   GLU A O   1 
ATOM   114  C  CB  . GLU A 1 15  ? 8.286   -15.184 -13.126 1.00 37.44 ? 14   GLU A CB  1 
ATOM   115  C  CG  . GLU A 1 15  ? 9.759   -15.392 -13.464 1.00 38.70 ? 14   GLU A CG  1 
ATOM   116  C  CD  . GLU A 1 15  ? 10.339  -14.313 -14.364 1.00 40.30 ? 14   GLU A CD  1 
ATOM   117  O  OE1 . GLU A 1 15  ? 11.481  -14.504 -14.843 1.00 40.71 ? 14   GLU A OE1 1 
ATOM   118  O  OE2 . GLU A 1 15  ? 9.665   -13.282 -14.586 1.00 37.03 ? 14   GLU A OE2 1 
ATOM   119  N  N   . ALA A 1 16  ? 7.796   -15.102 -10.073 1.00 34.12 ? 15   ALA A N   1 
ATOM   120  C  CA  . ALA A 1 16  ? 8.235   -14.804 -8.718  1.00 34.65 ? 15   ALA A CA  1 
ATOM   121  C  C   . ALA A 1 16  ? 8.050   -16.042 -7.846  1.00 34.20 ? 15   ALA A C   1 
ATOM   122  O  O   . ALA A 1 16  ? 9.007   -16.547 -7.260  1.00 34.76 ? 15   ALA A O   1 
ATOM   123  C  CB  . ALA A 1 16  ? 7.422   -13.645 -8.152  1.00 33.85 ? 15   ALA A CB  1 
ATOM   124  N  N   . PHE A 1 17  ? 6.812   -16.517 -7.761  1.00 33.30 ? 16   PHE A N   1 
ATOM   125  C  CA  . PHE A 1 17  ? 6.488   -17.696 -6.966  1.00 31.37 ? 16   PHE A CA  1 
ATOM   126  C  C   . PHE A 1 17  ? 7.486   -18.804 -7.277  1.00 34.29 ? 16   PHE A C   1 
ATOM   127  O  O   . PHE A 1 17  ? 7.928   -19.531 -6.381  1.00 33.99 ? 16   PHE A O   1 
ATOM   128  C  CB  . PHE A 1 17  ? 5.055   -18.155 -7.280  1.00 26.80 ? 16   PHE A CB  1 
ATOM   129  C  CG  . PHE A 1 17  ? 4.659   -19.447 -6.604  1.00 22.04 ? 16   PHE A CG  1 
ATOM   130  C  CD1 . PHE A 1 17  ? 5.037   -20.669 -7.139  1.00 18.15 ? 16   PHE A CD1 1 
ATOM   131  C  CD2 . PHE A 1 17  ? 3.916   -19.434 -5.432  1.00 19.02 ? 16   PHE A CD2 1 
ATOM   132  C  CE1 . PHE A 1 17  ? 4.687   -21.867 -6.520  1.00 20.83 ? 16   PHE A CE1 1 
ATOM   133  C  CE2 . PHE A 1 17  ? 3.556   -20.631 -4.797  1.00 17.79 ? 16   PHE A CE2 1 
ATOM   134  C  CZ  . PHE A 1 17  ? 3.943   -21.849 -5.345  1.00 17.50 ? 16   PHE A CZ  1 
ATOM   135  N  N   . SER A 1 18  ? 7.854   -18.906 -8.552  1.00 35.39 ? 17   SER A N   1 
ATOM   136  C  CA  . SER A 1 18  ? 8.793   -19.919 -9.021  1.00 38.80 ? 17   SER A CA  1 
ATOM   137  C  C   . SER A 1 18  ? 10.146  -19.838 -8.319  1.00 39.63 ? 17   SER A C   1 
ATOM   138  O  O   . SER A 1 18  ? 10.849  -20.841 -8.197  1.00 39.53 ? 17   SER A O   1 
ATOM   139  C  CB  . SER A 1 18  ? 8.990   -19.774 -10.532 1.00 39.80 ? 17   SER A CB  1 
ATOM   140  O  OG  . SER A 1 18  ? 9.782   -20.828 -11.046 1.00 44.63 ? 17   SER A OG  1 
ATOM   141  N  N   . LEU A 1 19  ? 10.506  -18.642 -7.866  1.00 41.10 ? 18   LEU A N   1 
ATOM   142  C  CA  . LEU A 1 19  ? 11.773  -18.427 -7.176  1.00 43.27 ? 18   LEU A CA  1 
ATOM   143  C  C   . LEU A 1 19  ? 11.667  -18.971 -5.757  1.00 42.75 ? 18   LEU A C   1 
ATOM   144  O  O   . LEU A 1 19  ? 12.581  -19.627 -5.259  1.00 44.42 ? 18   LEU A O   1 
ATOM   145  C  CB  . LEU A 1 19  ? 12.105  -16.936 -7.129  1.00 44.47 ? 18   LEU A CB  1 
ATOM   146  C  CG  . LEU A 1 19  ? 12.162  -16.198 -8.471  1.00 46.63 ? 18   LEU A CG  1 
ATOM   147  C  CD1 . LEU A 1 19  ? 12.304  -14.709 -8.207  1.00 46.90 ? 18   LEU A CD1 1 
ATOM   148  C  CD2 . LEU A 1 19  ? 13.315  -16.720 -9.322  1.00 46.49 ? 18   LEU A CD2 1 
ATOM   149  N  N   . PHE A 1 20  ? 10.542  -18.684 -5.112  1.00 41.42 ? 19   PHE A N   1 
ATOM   150  C  CA  . PHE A 1 20  ? 10.289  -19.152 -3.758  1.00 38.56 ? 19   PHE A CA  1 
ATOM   151  C  C   . PHE A 1 20  ? 10.217  -20.677 -3.730  1.00 37.00 ? 19   PHE A C   1 
ATOM   152  O  O   . PHE A 1 20  ? 10.765  -21.320 -2.833  1.00 33.76 ? 19   PHE A O   1 
ATOM   153  C  CB  . PHE A 1 20  ? 8.975   -18.560 -3.245  1.00 40.71 ? 19   PHE A CB  1 
ATOM   154  C  CG  . PHE A 1 20  ? 9.128   -17.223 -2.579  1.00 41.22 ? 19   PHE A CG  1 
ATOM   155  C  CD1 . PHE A 1 20  ? 9.470   -17.140 -1.234  1.00 41.80 ? 19   PHE A CD1 1 
ATOM   156  C  CD2 . PHE A 1 20  ? 8.941   -16.046 -3.297  1.00 42.35 ? 19   PHE A CD2 1 
ATOM   157  C  CE1 . PHE A 1 20  ? 9.624   -15.906 -0.608  1.00 42.88 ? 19   PHE A CE1 1 
ATOM   158  C  CE2 . PHE A 1 20  ? 9.093   -14.802 -2.679  1.00 42.22 ? 19   PHE A CE2 1 
ATOM   159  C  CZ  . PHE A 1 20  ? 9.436   -14.735 -1.332  1.00 42.75 ? 19   PHE A CZ  1 
ATOM   160  N  N   . ASP A 1 21  ? 9.546   -21.249 -4.725  1.00 35.22 ? 20   ASP A N   1 
ATOM   161  C  CA  . ASP A 1 21  ? 9.383   -22.696 -4.817  1.00 34.84 ? 20   ASP A CA  1 
ATOM   162  C  C   . ASP A 1 21  ? 10.669  -23.374 -5.299  1.00 35.95 ? 20   ASP A C   1 
ATOM   163  O  O   . ASP A 1 21  ? 10.717  -23.951 -6.391  1.00 33.55 ? 20   ASP A O   1 
ATOM   164  C  CB  . ASP A 1 21  ? 8.235   -23.025 -5.770  1.00 35.24 ? 20   ASP A CB  1 
ATOM   165  C  CG  . ASP A 1 21  ? 7.907   -24.499 -5.797  1.00 35.10 ? 20   ASP A CG  1 
ATOM   166  O  OD1 . ASP A 1 21  ? 7.133   -24.912 -6.683  1.00 36.68 ? 20   ASP A OD1 1 
ATOM   167  O  OD2 . ASP A 1 21  ? 8.415   -25.245 -4.930  1.00 34.02 ? 20   ASP A OD2 1 
ATOM   168  N  N   . LYS A 1 22  ? 11.696  -23.312 -4.455  1.00 36.65 ? 21   LYS A N   1 
ATOM   169  C  CA  . LYS A 1 22  ? 13.010  -23.876 -4.745  1.00 37.63 ? 21   LYS A CA  1 
ATOM   170  C  C   . LYS A 1 22  ? 13.064  -25.250 -5.413  1.00 36.61 ? 21   LYS A C   1 
ATOM   171  O  O   . LYS A 1 22  ? 13.879  -25.455 -6.312  1.00 38.32 ? 21   LYS A O   1 
ATOM   172  C  CB  . LYS A 1 22  ? 13.851  -23.888 -3.469  1.00 38.85 ? 21   LYS A CB  1 
ATOM   173  C  CG  . LYS A 1 22  ? 14.194  -22.499 -2.976  1.00 39.92 ? 21   LYS A CG  1 
ATOM   174  C  CD  . LYS A 1 22  ? 14.862  -21.700 -4.076  1.00 42.94 ? 21   LYS A CD  1 
ATOM   175  C  CE  . LYS A 1 22  ? 15.169  -20.285 -3.633  1.00 45.11 ? 21   LYS A CE  1 
ATOM   176  N  NZ  . LYS A 1 22  ? 15.798  -19.504 -4.737  1.00 48.69 ? 21   LYS A NZ  1 
ATOM   177  N  N   . ASP A 1 23  ? 12.229  -26.192 -4.980  1.00 34.42 ? 22   ASP A N   1 
ATOM   178  C  CA  . ASP A 1 23  ? 12.232  -27.517 -5.594  1.00 34.40 ? 22   ASP A CA  1 
ATOM   179  C  C   . ASP A 1 23  ? 11.131  -27.636 -6.644  1.00 34.23 ? 22   ASP A C   1 
ATOM   180  O  O   . ASP A 1 23  ? 10.771  -28.737 -7.058  1.00 32.95 ? 22   ASP A O   1 
ATOM   181  C  CB  . ASP A 1 23  ? 12.063  -28.622 -4.540  1.00 35.21 ? 22   ASP A CB  1 
ATOM   182  C  CG  . ASP A 1 23  ? 10.707  -28.586 -3.852  1.00 37.50 ? 22   ASP A CG  1 
ATOM   183  O  OD1 . ASP A 1 23  ? 9.805   -27.858 -4.319  1.00 33.22 ? 22   ASP A OD1 1 
ATOM   184  O  OD2 . ASP A 1 23  ? 10.543  -29.306 -2.839  1.00 37.99 ? 22   ASP A OD2 1 
ATOM   185  N  N   . GLY A 1 24  ? 10.594  -26.490 -7.053  1.00 33.30 ? 23   GLY A N   1 
ATOM   186  C  CA  . GLY A 1 24  ? 9.542   -26.449 -8.056  1.00 34.32 ? 23   GLY A CA  1 
ATOM   187  C  C   . GLY A 1 24  ? 8.413   -27.469 -7.990  1.00 33.41 ? 23   GLY A C   1 
ATOM   188  O  O   . GLY A 1 24  ? 7.933   -27.911 -9.035  1.00 34.73 ? 23   GLY A O   1 
ATOM   189  N  N   . ASP A 1 25  ? 7.975   -27.855 -6.795  1.00 31.16 ? 24   ASP A N   1 
ATOM   190  C  CA  . ASP A 1 25  ? 6.887   -28.817 -6.708  1.00 28.28 ? 24   ASP A CA  1 
ATOM   191  C  C   . ASP A 1 25  ? 5.516   -28.134 -6.724  1.00 28.26 ? 24   ASP A C   1 
ATOM   192  O  O   . ASP A 1 25  ? 4.480   -28.795 -6.654  1.00 27.51 ? 24   ASP A O   1 
ATOM   193  C  CB  . ASP A 1 25  ? 7.044   -29.708 -5.465  1.00 28.18 ? 24   ASP A CB  1 
ATOM   194  C  CG  . ASP A 1 25  ? 6.885   -28.956 -4.158  1.00 28.45 ? 24   ASP A CG  1 
ATOM   195  O  OD1 . ASP A 1 25  ? 6.727   -29.638 -3.121  1.00 30.45 ? 24   ASP A OD1 1 
ATOM   196  O  OD2 . ASP A 1 25  ? 6.922   -27.708 -4.157  1.00 24.37 ? 24   ASP A OD2 1 
ATOM   197  N  N   . GLY A 1 26  ? 5.515   -26.808 -6.838  1.00 27.39 ? 25   GLY A N   1 
ATOM   198  C  CA  . GLY A 1 26  ? 4.265   -26.065 -6.874  1.00 26.14 ? 25   GLY A CA  1 
ATOM   199  C  C   . GLY A 1 26  ? 3.795   -25.491 -5.545  1.00 24.63 ? 25   GLY A C   1 
ATOM   200  O  O   . GLY A 1 26  ? 2.745   -24.852 -5.477  1.00 23.14 ? 25   GLY A O   1 
ATOM   201  N  N   . CYS A 1 27  ? 4.554   -25.710 -4.478  1.00 23.54 ? 26   CYS A N   1 
ATOM   202  C  CA  . CYS A 1 27  ? 4.154   -25.177 -3.180  1.00 26.10 ? 26   CYS A CA  1 
ATOM   203  C  C   . CYS A 1 27  ? 5.358   -24.695 -2.382  1.00 24.68 ? 26   CYS A C   1 
ATOM   204  O  O   . CYS A 1 27  ? 6.440   -25.264 -2.478  1.00 23.09 ? 26   CYS A O   1 
ATOM   205  C  CB  . CYS A 1 27  ? 3.378   -26.233 -2.381  1.00 27.83 ? 26   CYS A CB  1 
ATOM   206  S  SG  . CYS A 1 27  ? 4.368   -27.577 -1.717  1.00 36.67 ? 26   CYS A SG  1 
ATOM   207  N  N   . ILE A 1 28  ? 5.171   -23.630 -1.609  1.00 23.24 ? 27   ILE A N   1 
ATOM   208  C  CA  . ILE A 1 28  ? 6.261   -23.080 -0.813  1.00 22.36 ? 27   ILE A CA  1 
ATOM   209  C  C   . ILE A 1 28  ? 6.178   -23.590 0.619   1.00 23.71 ? 27   ILE A C   1 
ATOM   210  O  O   . ILE A 1 28  ? 5.144   -23.454 1.278   1.00 19.87 ? 27   ILE A O   1 
ATOM   211  C  CB  . ILE A 1 28  ? 6.217   -21.547 -0.778  1.00 23.77 ? 27   ILE A CB  1 
ATOM   212  C  CG1 . ILE A 1 28  ? 6.208   -20.985 -2.199  1.00 20.92 ? 27   ILE A CG1 1 
ATOM   213  C  CG2 . ILE A 1 28  ? 7.423   -21.019 -0.020  1.00 21.32 ? 27   ILE A CG2 1 
ATOM   214  C  CD1 . ILE A 1 28  ? 5.986   -19.479 -2.248  1.00 21.79 ? 27   ILE A CD1 1 
ATOM   215  N  N   . THR A 1 29  ? 7.274   -24.184 1.086   1.00 22.14 ? 28   THR A N   1 
ATOM   216  C  CA  . THR A 1 29  ? 7.357   -24.723 2.438   1.00 22.13 ? 28   THR A CA  1 
ATOM   217  C  C   . THR A 1 29  ? 8.072   -23.726 3.346   1.00 22.36 ? 28   THR A C   1 
ATOM   218  O  O   . THR A 1 29  ? 8.675   -22.763 2.869   1.00 19.84 ? 28   THR A O   1 
ATOM   219  C  CB  . THR A 1 29  ? 8.168   -26.034 2.461   1.00 24.49 ? 28   THR A CB  1 
ATOM   220  O  OG1 . THR A 1 29  ? 9.503   -25.764 2.013   1.00 23.31 ? 28   THR A OG1 1 
ATOM   221  C  CG2 . THR A 1 29  ? 7.536   -27.081 1.544   1.00 23.23 ? 28   THR A CG2 1 
ATOM   222  N  N   . THR A 1 30  ? 8.002   -23.959 4.654   1.00 23.96 ? 29   THR A N   1 
ATOM   223  C  CA  . THR A 1 30  ? 8.672   -23.088 5.614   1.00 26.57 ? 29   THR A CA  1 
ATOM   224  C  C   . THR A 1 30  ? 10.167  -23.087 5.298   1.00 26.40 ? 29   THR A C   1 
ATOM   225  O  O   . THR A 1 30  ? 10.804  -22.030 5.241   1.00 26.47 ? 29   THR A O   1 
ATOM   226  C  CB  . THR A 1 30  ? 8.470   -23.584 7.064   1.00 27.11 ? 29   THR A CB  1 
ATOM   227  O  OG1 . THR A 1 30  ? 8.890   -24.947 7.160   1.00 30.17 ? 29   THR A OG1 1 
ATOM   228  C  CG2 . THR A 1 30  ? 7.011   -23.499 7.461   1.00 30.23 ? 29   THR A CG2 1 
ATOM   229  N  N   . LYS A 1 31  ? 10.711  -24.282 5.081   1.00 27.58 ? 30   LYS A N   1 
ATOM   230  C  CA  . LYS A 1 31  ? 12.128  -24.445 4.755   1.00 29.53 ? 30   LYS A CA  1 
ATOM   231  C  C   . LYS A 1 31  ? 12.493  -23.581 3.556   1.00 28.70 ? 30   LYS A C   1 
ATOM   232  O  O   . LYS A 1 31  ? 13.463  -22.823 3.601   1.00 27.99 ? 30   LYS A O   1 
ATOM   233  C  CB  . LYS A 1 31  ? 12.437  -25.916 4.451   1.00 32.27 ? 30   LYS A CB  1 
ATOM   234  C  CG  . LYS A 1 31  ? 13.858  -26.170 3.950   1.00 37.21 ? 30   LYS A CG  1 
ATOM   235  C  CD  . LYS A 1 31  ? 14.118  -27.660 3.704   1.00 41.22 ? 30   LYS A CD  1 
ATOM   236  C  CE  . LYS A 1 31  ? 13.258  -28.231 2.574   1.00 44.05 ? 30   LYS A CE  1 
ATOM   237  N  NZ  . LYS A 1 31  ? 13.563  -27.627 1.236   1.00 45.24 ? 30   LYS A NZ  1 
ATOM   238  N  N   . GLU A 1 32  ? 11.713  -23.682 2.483   1.00 28.12 ? 31   GLU A N   1 
ATOM   239  C  CA  . GLU A 1 32  ? 11.996  -22.884 1.299   1.00 28.18 ? 31   GLU A CA  1 
ATOM   240  C  C   . GLU A 1 32  ? 11.853  -21.401 1.606   1.00 28.91 ? 31   GLU A C   1 
ATOM   241  O  O   . GLU A 1 32  ? 12.597  -20.586 1.071   1.00 30.29 ? 31   GLU A O   1 
ATOM   242  C  CB  . GLU A 1 32  ? 11.083  -23.289 0.132   1.00 28.92 ? 31   GLU A CB  1 
ATOM   243  C  CG  . GLU A 1 32  ? 11.329  -24.712 -0.361  1.00 27.44 ? 31   GLU A CG  1 
ATOM   244  C  CD  . GLU A 1 32  ? 10.374  -25.140 -1.456  1.00 29.51 ? 31   GLU A CD  1 
ATOM   245  O  OE1 . GLU A 1 32  ? 9.172   -24.811 -1.360  1.00 28.01 ? 31   GLU A OE1 1 
ATOM   246  O  OE2 . GLU A 1 32  ? 10.820  -25.821 -2.404  1.00 26.07 ? 31   GLU A OE2 1 
ATOM   247  N  N   . LEU A 1 33  ? 10.908  -21.042 2.468   1.00 30.70 ? 32   LEU A N   1 
ATOM   248  C  CA  . LEU A 1 33  ? 10.744  -19.635 2.819   1.00 32.43 ? 32   LEU A CA  1 
ATOM   249  C  C   . LEU A 1 33  ? 11.963  -19.171 3.619   1.00 34.41 ? 32   LEU A C   1 
ATOM   250  O  O   . LEU A 1 33  ? 12.502  -18.091 3.374   1.00 34.48 ? 32   LEU A O   1 
ATOM   251  C  CB  . LEU A 1 33  ? 9.478   -19.420 3.650   1.00 32.55 ? 32   LEU A CB  1 
ATOM   252  C  CG  . LEU A 1 33  ? 9.264   -17.982 4.145   1.00 33.60 ? 32   LEU A CG  1 
ATOM   253  C  CD1 . LEU A 1 33  ? 9.312   -17.016 2.970   1.00 32.18 ? 32   LEU A CD1 1 
ATOM   254  C  CD2 . LEU A 1 33  ? 7.931   -17.879 4.881   1.00 34.30 ? 32   LEU A CD2 1 
ATOM   255  N  N   . GLY A 1 34  ? 12.387  -19.990 4.579   1.00 34.96 ? 33   GLY A N   1 
ATOM   256  C  CA  . GLY A 1 34  ? 13.547  -19.644 5.386   1.00 36.86 ? 33   GLY A CA  1 
ATOM   257  C  C   . GLY A 1 34  ? 14.744  -19.340 4.504   1.00 37.45 ? 33   GLY A C   1 
ATOM   258  O  O   . GLY A 1 34  ? 15.425  -18.331 4.687   1.00 37.47 ? 33   GLY A O   1 
ATOM   259  N  N   . THR A 1 35  ? 14.997  -20.221 3.540   1.00 38.64 ? 34   THR A N   1 
ATOM   260  C  CA  . THR A 1 35  ? 16.103  -20.048 2.608   1.00 40.00 ? 34   THR A CA  1 
ATOM   261  C  C   . THR A 1 35  ? 16.025  -18.660 1.986   1.00 41.87 ? 34   THR A C   1 
ATOM   262  O  O   . THR A 1 35  ? 17.008  -17.926 1.969   1.00 42.90 ? 34   THR A O   1 
ATOM   263  C  CB  . THR A 1 35  ? 16.056  -21.103 1.482   1.00 38.86 ? 34   THR A CB  1 
ATOM   264  O  OG1 . THR A 1 35  ? 16.253  -22.408 2.036   1.00 37.42 ? 34   THR A OG1 1 
ATOM   265  C  CG2 . THR A 1 35  ? 17.136  -20.832 0.449   1.00 39.15 ? 34   THR A CG2 1 
ATOM   266  N  N   . VAL A 1 36  ? 14.845  -18.310 1.482   1.00 43.24 ? 35   VAL A N   1 
ATOM   267  C  CA  . VAL A 1 36  ? 14.619  -17.013 0.856   1.00 45.85 ? 35   VAL A CA  1 
ATOM   268  C  C   . VAL A 1 36  ? 14.793  -15.876 1.859   1.00 47.45 ? 35   VAL A C   1 
ATOM   269  O  O   . VAL A 1 36  ? 15.410  -14.854 1.556   1.00 47.85 ? 35   VAL A O   1 
ATOM   270  C  CB  . VAL A 1 36  ? 13.193  -16.925 0.256   1.00 45.74 ? 35   VAL A CB  1 
ATOM   271  C  CG1 . VAL A 1 36  ? 12.953  -15.537 -0.318  1.00 46.18 ? 35   VAL A CG1 1 
ATOM   272  C  CG2 . VAL A 1 36  ? 13.015  -17.982 -0.823  1.00 45.27 ? 35   VAL A CG2 1 
ATOM   273  N  N   . MET A 1 37  ? 14.233  -16.057 3.050   1.00 49.49 ? 36   MET A N   1 
ATOM   274  C  CA  . MET A 1 37  ? 14.325  -15.051 4.101   1.00 51.59 ? 36   MET A CA  1 
ATOM   275  C  C   . MET A 1 37  ? 15.784  -14.758 4.444   1.00 53.42 ? 36   MET A C   1 
ATOM   276  O  O   . MET A 1 37  ? 16.230  -13.609 4.382   1.00 53.48 ? 36   MET A O   1 
ATOM   277  C  CB  . MET A 1 37  ? 13.585  -15.532 5.352   1.00 52.68 ? 36   MET A CB  1 
ATOM   278  C  CG  . MET A 1 37  ? 12.075  -15.476 5.244   1.00 53.75 ? 36   MET A CG  1 
ATOM   279  S  SD  . MET A 1 37  ? 11.511  -13.789 5.015   1.00 56.83 ? 36   MET A SD  1 
ATOM   280  C  CE  . MET A 1 37  ? 11.351  -13.255 6.723   1.00 55.30 ? 36   MET A CE  1 
ATOM   281  N  N   . ARG A 1 38  ? 16.522  -15.806 4.802   1.00 54.46 ? 37   ARG A N   1 
ATOM   282  C  CA  . ARG A 1 38  ? 17.930  -15.673 5.158   1.00 55.38 ? 37   ARG A CA  1 
ATOM   283  C  C   . ARG A 1 38  ? 18.717  -14.935 4.080   1.00 56.16 ? 37   ARG A C   1 
ATOM   284  O  O   . ARG A 1 38  ? 19.444  -13.988 4.379   1.00 56.88 ? 37   ARG A O   1 
ATOM   285  C  CB  . ARG A 1 38  ? 18.540  -17.059 5.402   1.00 54.40 ? 37   ARG A CB  1 
ATOM   286  C  CG  . ARG A 1 38  ? 18.071  -17.727 6.693   1.00 55.37 ? 37   ARG A CG  1 
ATOM   287  C  CD  . ARG A 1 38  ? 18.450  -19.202 6.739   1.00 56.32 ? 37   ARG A CD  1 
ATOM   288  N  NE  . ARG A 1 38  ? 19.885  -19.415 6.556   1.00 58.20 ? 37   ARG A NE  1 
ATOM   289  C  CZ  . ARG A 1 38  ? 20.823  -19.016 7.411   1.00 58.02 ? 37   ARG A CZ  1 
ATOM   290  N  NH1 . ARG A 1 38  ? 20.484  -18.378 8.525   1.00 57.60 ? 37   ARG A NH1 1 
ATOM   291  N  NH2 . ARG A 1 38  ? 22.103  -19.252 7.147   1.00 58.21 ? 37   ARG A NH2 1 
ATOM   292  N  N   . SER A 1 39  ? 18.553  -15.356 2.828   1.00 56.48 ? 38   SER A N   1 
ATOM   293  C  CA  . SER A 1 39  ? 19.264  -14.741 1.708   1.00 56.61 ? 38   SER A CA  1 
ATOM   294  C  C   . SER A 1 39  ? 19.040  -13.240 1.619   1.00 56.95 ? 38   SER A C   1 
ATOM   295  O  O   . SER A 1 39  ? 19.812  -12.533 0.976   1.00 57.52 ? 38   SER A O   1 
ATOM   296  C  CB  . SER A 1 39  ? 18.840  -15.380 0.384   1.00 56.50 ? 38   SER A CB  1 
ATOM   297  O  OG  . SER A 1 39  ? 17.512  -15.019 0.046   1.00 57.22 ? 38   SER A OG  1 
ATOM   298  N  N   . LEU A 1 40  ? 17.980  -12.756 2.256   1.00 57.10 ? 39   LEU A N   1 
ATOM   299  C  CA  . LEU A 1 40  ? 17.673  -11.333 2.234   1.00 57.43 ? 39   LEU A CA  1 
ATOM   300  C  C   . LEU A 1 40  ? 18.221  -10.632 3.472   1.00 58.18 ? 39   LEU A C   1 
ATOM   301  O  O   . LEU A 1 40  ? 17.942  -9.453  3.707   1.00 58.55 ? 39   LEU A O   1 
ATOM   302  C  CB  . LEU A 1 40  ? 16.161  -11.124 2.128   1.00 57.00 ? 39   LEU A CB  1 
ATOM   303  C  CG  . LEU A 1 40  ? 15.546  -11.689 0.843   1.00 57.13 ? 39   LEU A CG  1 
ATOM   304  C  CD1 . LEU A 1 40  ? 14.031  -11.601 0.910   1.00 56.85 ? 39   LEU A CD1 1 
ATOM   305  C  CD2 . LEU A 1 40  ? 16.079  -10.926 -0.361  1.00 56.64 ? 39   LEU A CD2 1 
ATOM   306  N  N   . GLY A 1 41  ? 19.000  -11.368 4.261   1.00 58.03 ? 40   GLY A N   1 
ATOM   307  C  CA  . GLY A 1 41  ? 19.601  -10.804 5.457   1.00 58.72 ? 40   GLY A CA  1 
ATOM   308  C  C   . GLY A 1 41  ? 18.753  -10.893 6.712   1.00 58.38 ? 40   GLY A C   1 
ATOM   309  O  O   . GLY A 1 41  ? 18.883  -10.059 7.610   1.00 59.26 ? 40   GLY A O   1 
ATOM   310  N  N   . GLN A 1 42  ? 17.889  -11.900 6.781   1.00 57.34 ? 41   GLN A N   1 
ATOM   311  C  CA  . GLN A 1 42  ? 17.025  -12.082 7.941   1.00 56.35 ? 41   GLN A CA  1 
ATOM   312  C  C   . GLN A 1 42  ? 17.279  -13.432 8.584   1.00 55.27 ? 41   GLN A C   1 
ATOM   313  O  O   . GLN A 1 42  ? 17.985  -14.268 8.026   1.00 54.98 ? 41   GLN A O   1 
ATOM   314  C  CB  . GLN A 1 42  ? 15.556  -11.991 7.531   1.00 56.76 ? 41   GLN A CB  1 
ATOM   315  C  CG  . GLN A 1 42  ? 15.164  -10.662 6.930   1.00 57.64 ? 41   GLN A CG  1 
ATOM   316  C  CD  . GLN A 1 42  ? 13.712  -10.628 6.514   1.00 58.47 ? 41   GLN A CD  1 
ATOM   317  O  OE1 . GLN A 1 42  ? 12.812  -10.762 7.345   1.00 58.54 ? 41   GLN A OE1 1 
ATOM   318  N  NE2 . GLN A 1 42  ? 13.473  -10.451 5.218   1.00 59.12 ? 41   GLN A NE2 1 
ATOM   319  N  N   . ASN A 1 43  ? 16.695  -13.639 9.758   1.00 54.80 ? 42   ASN A N   1 
ATOM   320  C  CA  . ASN A 1 43  ? 16.852  -14.895 10.475  1.00 54.77 ? 42   ASN A CA  1 
ATOM   321  C  C   . ASN A 1 43  ? 15.594  -15.237 11.271  1.00 54.01 ? 42   ASN A C   1 
ATOM   322  O  O   . ASN A 1 43  ? 15.595  -15.201 12.503  1.00 54.32 ? 42   ASN A O   1 
ATOM   323  C  CB  . ASN A 1 43  ? 18.053  -14.821 11.420  1.00 56.66 ? 42   ASN A CB  1 
ATOM   324  C  CG  . ASN A 1 43  ? 19.349  -14.515 10.694  1.00 58.87 ? 42   ASN A CG  1 
ATOM   325  O  OD1 . ASN A 1 43  ? 19.618  -13.366 10.333  1.00 59.22 ? 42   ASN A OD1 1 
ATOM   326  N  ND2 . ASN A 1 43  ? 20.155  -15.547 10.464  1.00 59.77 ? 42   ASN A ND2 1 
ATOM   327  N  N   . PRO A 1 44  ? 14.499  -15.571 10.572  1.00 52.17 ? 43   PRO A N   1 
ATOM   328  C  CA  . PRO A 1 44  ? 13.235  -15.920 11.223  1.00 50.55 ? 43   PRO A CA  1 
ATOM   329  C  C   . PRO A 1 44  ? 13.378  -17.182 12.063  1.00 48.74 ? 43   PRO A C   1 
ATOM   330  O  O   . PRO A 1 44  ? 14.160  -18.071 11.732  1.00 47.88 ? 43   PRO A O   1 
ATOM   331  C  CB  . PRO A 1 44  ? 12.285  -16.140 10.045  1.00 50.64 ? 43   PRO A CB  1 
ATOM   332  C  CG  . PRO A 1 44  ? 12.863  -15.285 8.966   1.00 50.59 ? 43   PRO A CG  1 
ATOM   333  C  CD  . PRO A 1 44  ? 14.336  -15.535 9.109   1.00 51.28 ? 43   PRO A CD  1 
ATOM   334  N  N   . THR A 1 45  ? 12.627  -17.260 13.153  1.00 47.05 ? 44   THR A N   1 
ATOM   335  C  CA  . THR A 1 45  ? 12.666  -18.445 13.993  1.00 45.33 ? 44   THR A CA  1 
ATOM   336  C  C   . THR A 1 45  ? 11.769  -19.482 13.314  1.00 44.79 ? 44   THR A C   1 
ATOM   337  O  O   . THR A 1 45  ? 10.889  -19.125 12.530  1.00 44.47 ? 44   THR A O   1 
ATOM   338  C  CB  . THR A 1 45  ? 12.130  -18.145 15.409  1.00 44.87 ? 44   THR A CB  1 
ATOM   339  O  OG1 . THR A 1 45  ? 10.754  -17.753 15.330  1.00 42.54 ? 44   THR A OG1 1 
ATOM   340  C  CG2 . THR A 1 45  ? 12.935  -17.019 16.048  1.00 44.43 ? 44   THR A CG2 1 
ATOM   341  N  N   . GLU A 1 46  ? 12.000  -20.760 13.595  1.00 43.68 ? 45   GLU A N   1 
ATOM   342  C  CA  . GLU A 1 46  ? 11.196  -21.820 13.004  1.00 43.60 ? 45   GLU A CA  1 
ATOM   343  C  C   . GLU A 1 46  ? 9.717   -21.570 13.291  1.00 43.51 ? 45   GLU A C   1 
ATOM   344  O  O   . GLU A 1 46  ? 8.847   -21.965 12.510  1.00 41.35 ? 45   GLU A O   1 
ATOM   345  C  CB  . GLU A 1 46  ? 11.626  -23.178 13.567  1.00 45.47 ? 45   GLU A CB  1 
ATOM   346  C  CG  . GLU A 1 46  ? 10.803  -24.372 13.095  1.00 48.91 ? 45   GLU A CG  1 
ATOM   347  C  CD  . GLU A 1 46  ? 10.628  -24.423 11.583  1.00 51.32 ? 45   GLU A CD  1 
ATOM   348  O  OE1 . GLU A 1 46  ? 11.569  -24.032 10.854  1.00 50.78 ? 45   GLU A OE1 1 
ATOM   349  O  OE2 . GLU A 1 46  ? 9.549   -24.868 11.125  1.00 51.87 ? 45   GLU A OE2 1 
ATOM   350  N  N   . ALA A 1 47  ? 9.444   -20.901 14.411  1.00 41.82 ? 46   ALA A N   1 
ATOM   351  C  CA  . ALA A 1 47  ? 8.075   -20.586 14.816  1.00 42.33 ? 46   ALA A CA  1 
ATOM   352  C  C   . ALA A 1 47  ? 7.490   -19.462 13.962  1.00 41.11 ? 46   ALA A C   1 
ATOM   353  O  O   . ALA A 1 47  ? 6.289   -19.429 13.694  1.00 41.17 ? 46   ALA A O   1 
ATOM   354  C  CB  . ALA A 1 47  ? 8.042   -20.192 16.294  1.00 42.20 ? 46   ALA A CB  1 
ATOM   355  N  N   . GLU A 1 48  ? 8.345   -18.540 13.544  1.00 39.54 ? 47   GLU A N   1 
ATOM   356  C  CA  . GLU A 1 48  ? 7.912   -17.426 12.722  1.00 40.43 ? 47   GLU A CA  1 
ATOM   357  C  C   . GLU A 1 48  ? 7.665   -17.886 11.293  1.00 40.28 ? 47   GLU A C   1 
ATOM   358  O  O   . GLU A 1 48  ? 6.674   -17.497 10.672  1.00 39.29 ? 47   GLU A O   1 
ATOM   359  C  CB  . GLU A 1 48  ? 8.960   -16.316 12.765  1.00 42.63 ? 47   GLU A CB  1 
ATOM   360  C  CG  . GLU A 1 48  ? 8.998   -15.608 14.112  1.00 47.00 ? 47   GLU A CG  1 
ATOM   361  C  CD  . GLU A 1 48  ? 10.193  -14.694 14.272  1.00 48.80 ? 47   GLU A CD  1 
ATOM   362  O  OE1 . GLU A 1 48  ? 10.227  -13.933 15.264  1.00 50.08 ? 47   GLU A OE1 1 
ATOM   363  O  OE2 . GLU A 1 48  ? 11.099  -14.741 13.415  1.00 50.30 ? 47   GLU A OE2 1 
ATOM   364  N  N   . LEU A 1 49  ? 8.562   -18.721 10.774  1.00 39.35 ? 48   LEU A N   1 
ATOM   365  C  CA  . LEU A 1 49  ? 8.404   -19.233 9.419   1.00 38.73 ? 48   LEU A CA  1 
ATOM   366  C  C   . LEU A 1 49  ? 7.082   -19.989 9.336   1.00 38.25 ? 48   LEU A C   1 
ATOM   367  O  O   . LEU A 1 49  ? 6.333   -19.833 8.370   1.00 36.67 ? 48   LEU A O   1 
ATOM   368  C  CB  . LEU A 1 49  ? 9.572   -20.157 9.043   1.00 38.83 ? 48   LEU A CB  1 
ATOM   369  C  CG  . LEU A 1 49  ? 10.950  -19.507 8.843   1.00 39.38 ? 48   LEU A CG  1 
ATOM   370  C  CD1 . LEU A 1 49  ? 11.978  -20.584 8.544   1.00 40.66 ? 48   LEU A CD1 1 
ATOM   371  C  CD2 . LEU A 1 49  ? 10.903  -18.495 7.703   1.00 38.75 ? 48   LEU A CD2 1 
ATOM   372  N  N   . GLN A 1 50  ? 6.787   -20.793 10.357  1.00 36.96 ? 49   GLN A N   1 
ATOM   373  C  CA  . GLN A 1 50  ? 5.541   -21.550 10.375  1.00 39.25 ? 49   GLN A CA  1 
ATOM   374  C  C   . GLN A 1 50  ? 4.324   -20.638 10.445  1.00 37.94 ? 49   GLN A C   1 
ATOM   375  O  O   . GLN A 1 50  ? 3.271   -20.964 9.894   1.00 36.44 ? 49   GLN A O   1 
ATOM   376  C  CB  . GLN A 1 50  ? 5.514   -22.531 11.544  1.00 40.68 ? 49   GLN A CB  1 
ATOM   377  C  CG  . GLN A 1 50  ? 6.007   -23.925 11.190  1.00 47.86 ? 49   GLN A CG  1 
ATOM   378  C  CD  . GLN A 1 50  ? 5.103   -24.652 10.193  1.00 51.36 ? 49   GLN A CD  1 
ATOM   379  O  OE1 . GLN A 1 50  ? 5.294   -25.840 9.926   1.00 53.70 ? 49   GLN A OE1 1 
ATOM   380  N  NE2 . GLN A 1 50  ? 4.122   -23.942 9.640   1.00 52.91 ? 49   GLN A NE2 1 
ATOM   381  N  N   . ASP A 1 51  ? 4.463   -19.504 11.128  1.00 36.46 ? 50   ASP A N   1 
ATOM   382  C  CA  . ASP A 1 51  ? 3.361   -18.554 11.233  1.00 34.79 ? 50   ASP A CA  1 
ATOM   383  C  C   . ASP A 1 51  ? 3.131   -17.957 9.855   1.00 34.31 ? 50   ASP A C   1 
ATOM   384  O  O   . ASP A 1 51  ? 2.015   -17.990 9.337   1.00 31.80 ? 50   ASP A O   1 
ATOM   385  C  CB  . ASP A 1 51  ? 3.677   -17.417 12.215  1.00 35.11 ? 50   ASP A CB  1 
ATOM   386  C  CG  . ASP A 1 51  ? 3.481   -17.815 13.668  1.00 35.51 ? 50   ASP A CG  1 
ATOM   387  O  OD1 . ASP A 1 51  ? 2.738   -18.783 13.937  1.00 33.72 ? 50   ASP A OD1 1 
ATOM   388  O  OD2 . ASP A 1 51  ? 4.059   -17.138 14.545  1.00 34.62 ? 50   ASP A OD2 1 
ATOM   389  N  N   . MET A 1 52  ? 4.193   -17.409 9.270   1.00 32.37 ? 51   MET A N   1 
ATOM   390  C  CA  . MET A 1 52  ? 4.112   -16.806 7.944   1.00 34.08 ? 51   MET A CA  1 
ATOM   391  C  C   . MET A 1 52  ? 3.446   -17.759 6.958   1.00 31.60 ? 51   MET A C   1 
ATOM   392  O  O   . MET A 1 52  ? 2.562   -17.364 6.196   1.00 33.17 ? 51   MET A O   1 
ATOM   393  C  CB  . MET A 1 52  ? 5.508   -16.450 7.434   1.00 35.94 ? 51   MET A CB  1 
ATOM   394  C  CG  . MET A 1 52  ? 6.184   -15.320 8.184   1.00 38.13 ? 51   MET A CG  1 
ATOM   395  S  SD  . MET A 1 52  ? 7.917   -15.132 7.700   1.00 40.24 ? 51   MET A SD  1 
ATOM   396  C  CE  . MET A 1 52  ? 7.792   -14.000 6.322   1.00 40.19 ? 51   MET A CE  1 
ATOM   397  N  N   . ILE A 1 53  ? 3.879   -19.014 6.965   1.00 29.72 ? 52   ILE A N   1 
ATOM   398  C  CA  . ILE A 1 53  ? 3.298   -20.003 6.070   1.00 27.95 ? 52   ILE A CA  1 
ATOM   399  C  C   . ILE A 1 53  ? 1.837   -20.239 6.457   1.00 28.23 ? 52   ILE A C   1 
ATOM   400  O  O   . ILE A 1 53  ? 0.935   -20.165 5.618   1.00 26.61 ? 52   ILE A O   1 
ATOM   401  C  CB  . ILE A 1 53  ? 4.068   -21.343 6.139   1.00 27.70 ? 52   ILE A CB  1 
ATOM   402  C  CG1 . ILE A 1 53  ? 5.426   -21.209 5.442   1.00 26.75 ? 52   ILE A CG1 1 
ATOM   403  C  CG2 . ILE A 1 53  ? 3.254   -22.449 5.489   1.00 26.74 ? 52   ILE A CG2 1 
ATOM   404  C  CD1 . ILE A 1 53  ? 5.339   -20.886 3.961   1.00 27.87 ? 52   ILE A CD1 1 
ATOM   405  N  N   . ASN A 1 54  ? 1.609   -20.506 7.738   1.00 26.35 ? 53   ASN A N   1 
ATOM   406  C  CA  . ASN A 1 54  ? 0.265   -20.769 8.229   1.00 28.15 ? 53   ASN A CA  1 
ATOM   407  C  C   . ASN A 1 54  ? -0.731  -19.644 7.967   1.00 27.68 ? 53   ASN A C   1 
ATOM   408  O  O   . ASN A 1 54  ? -1.892  -19.904 7.659   1.00 27.29 ? 53   ASN A O   1 
ATOM   409  C  CB  . ASN A 1 54  ? 0.315   -21.095 9.725   1.00 30.69 ? 53   ASN A CB  1 
ATOM   410  C  CG  . ASN A 1 54  ? 0.783   -22.515 9.995   1.00 33.32 ? 53   ASN A CG  1 
ATOM   411  O  OD1 . ASN A 1 54  ? 1.120   -22.874 11.130  1.00 36.46 ? 53   ASN A OD1 1 
ATOM   412  N  ND2 . ASN A 1 54  ? 0.799   -23.336 8.953   1.00 33.50 ? 53   ASN A ND2 1 
ATOM   413  N  N   . GLU A 1 55  ? -0.281  -18.399 8.077   1.00 26.48 ? 54   GLU A N   1 
ATOM   414  C  CA  . GLU A 1 55  ? -1.153  -17.251 7.857   1.00 28.66 ? 54   GLU A CA  1 
ATOM   415  C  C   . GLU A 1 55  ? -1.560  -17.091 6.396   1.00 29.08 ? 54   GLU A C   1 
ATOM   416  O  O   . GLU A 1 55  ? -2.539  -16.413 6.093   1.00 30.61 ? 54   GLU A O   1 
ATOM   417  C  CB  . GLU A 1 55  ? -0.467  -15.972 8.335   1.00 29.86 ? 54   GLU A CB  1 
ATOM   418  C  CG  . GLU A 1 55  ? -0.115  -15.995 9.815   1.00 34.77 ? 54   GLU A CG  1 
ATOM   419  C  CD  . GLU A 1 55  ? 0.767   -14.831 10.232  1.00 36.94 ? 54   GLU A CD  1 
ATOM   420  O  OE1 . GLU A 1 55  ? 1.389   -14.212 9.344   1.00 37.59 ? 54   GLU A OE1 1 
ATOM   421  O  OE2 . GLU A 1 55  ? 0.849   -14.548 11.449  1.00 40.38 ? 54   GLU A OE2 1 
ATOM   422  N  N   . VAL A 1 56  ? -0.809  -17.712 5.492   1.00 28.28 ? 55   VAL A N   1 
ATOM   423  C  CA  . VAL A 1 56  ? -1.100  -17.622 4.062   1.00 26.40 ? 55   VAL A CA  1 
ATOM   424  C  C   . VAL A 1 56  ? -1.720  -18.918 3.527   1.00 25.35 ? 55   VAL A C   1 
ATOM   425  O  O   . VAL A 1 56  ? -2.348  -18.919 2.464   1.00 22.94 ? 55   VAL A O   1 
ATOM   426  C  CB  . VAL A 1 56  ? 0.191   -17.297 3.260   1.00 28.74 ? 55   VAL A CB  1 
ATOM   427  C  CG1 . VAL A 1 56  ? -0.121  -17.144 1.770   1.00 28.21 ? 55   VAL A CG1 1 
ATOM   428  C  CG2 . VAL A 1 56  ? 0.825   -16.023 3.795   1.00 29.65 ? 55   VAL A CG2 1 
ATOM   429  N  N   . ASP A 1 57  ? -1.551  -20.010 4.273   1.00 23.19 ? 56   ASP A N   1 
ATOM   430  C  CA  . ASP A 1 57  ? -2.074  -21.326 3.884   1.00 23.24 ? 56   ASP A CA  1 
ATOM   431  C  C   . ASP A 1 57  ? -3.587  -21.448 4.094   1.00 23.36 ? 56   ASP A C   1 
ATOM   432  O  O   . ASP A 1 57  ? -4.042  -22.038 5.080   1.00 23.34 ? 56   ASP A O   1 
ATOM   433  C  CB  . ASP A 1 57  ? -1.374  -22.423 4.692   1.00 21.62 ? 56   ASP A CB  1 
ATOM   434  C  CG  . ASP A 1 57  ? -1.738  -23.808 4.222   1.00 24.82 ? 56   ASP A CG  1 
ATOM   435  O  OD1 . ASP A 1 57  ? -1.527  -24.768 4.998   1.00 22.80 ? 56   ASP A OD1 1 
ATOM   436  O  OD2 . ASP A 1 57  ? -2.225  -23.941 3.074   1.00 23.10 ? 56   ASP A OD2 1 
ATOM   437  N  N   . ALA A 1 58  ? -4.364  -20.925 3.149   1.00 23.25 ? 57   ALA A N   1 
ATOM   438  C  CA  . ALA A 1 58  ? -5.825  -20.949 3.251   1.00 22.78 ? 57   ALA A CA  1 
ATOM   439  C  C   . ALA A 1 58  ? -6.467  -22.332 3.389   1.00 22.90 ? 57   ALA A C   1 
ATOM   440  O  O   . ALA A 1 58  ? -7.432  -22.489 4.133   1.00 23.98 ? 57   ALA A O   1 
ATOM   441  C  CB  . ALA A 1 58  ? -6.440  -20.200 2.056   1.00 19.06 ? 57   ALA A CB  1 
ATOM   442  N  N   . ASP A 1 59  ? -5.953  -23.337 2.685   1.00 24.00 ? 58   ASP A N   1 
ATOM   443  C  CA  . ASP A 1 59  ? -6.556  -24.667 2.790   1.00 23.71 ? 58   ASP A CA  1 
ATOM   444  C  C   . ASP A 1 59  ? -5.924  -25.540 3.876   1.00 24.69 ? 58   ASP A C   1 
ATOM   445  O  O   . ASP A 1 59  ? -6.251  -26.723 4.017   1.00 24.91 ? 58   ASP A O   1 
ATOM   446  C  CB  . ASP A 1 59  ? -6.520  -25.382 1.434   1.00 24.87 ? 58   ASP A CB  1 
ATOM   447  C  CG  . ASP A 1 59  ? -5.117  -25.666 0.956   1.00 25.25 ? 58   ASP A CG  1 
ATOM   448  O  OD1 . ASP A 1 59  ? -4.977  -26.120 -0.201  1.00 23.83 ? 58   ASP A OD1 1 
ATOM   449  O  OD2 . ASP A 1 59  ? -4.160  -25.442 1.728   1.00 23.59 ? 58   ASP A OD2 1 
ATOM   450  N  N   . GLY A 1 60  ? -5.026  -24.946 4.650   1.00 24.42 ? 59   GLY A N   1 
ATOM   451  C  CA  . GLY A 1 60  ? -4.377  -25.666 5.733   1.00 25.56 ? 59   GLY A CA  1 
ATOM   452  C  C   . GLY A 1 60  ? -3.613  -26.944 5.415   1.00 26.20 ? 59   GLY A C   1 
ATOM   453  O  O   . GLY A 1 60  ? -3.483  -27.810 6.283   1.00 26.83 ? 59   GLY A O   1 
ATOM   454  N  N   . ASN A 1 61  ? -3.099  -27.084 4.197   1.00 23.86 ? 60   ASN A N   1 
ATOM   455  C  CA  . ASN A 1 61  ? -2.351  -28.289 3.867   1.00 23.56 ? 60   ASN A CA  1 
ATOM   456  C  C   . ASN A 1 61  ? -0.869  -28.175 4.234   1.00 23.46 ? 60   ASN A C   1 
ATOM   457  O  O   . ASN A 1 61  ? -0.075  -29.048 3.892   1.00 25.16 ? 60   ASN A O   1 
ATOM   458  C  CB  . ASN A 1 61  ? -2.503  -28.631 2.382   1.00 22.51 ? 60   ASN A CB  1 
ATOM   459  C  CG  . ASN A 1 61  ? -1.810  -27.636 1.482   1.00 20.70 ? 60   ASN A CG  1 
ATOM   460  O  OD1 . ASN A 1 61  ? -1.365  -26.586 1.931   1.00 18.11 ? 60   ASN A OD1 1 
ATOM   461  N  ND2 . ASN A 1 61  ? -1.722  -27.963 0.200   1.00 22.57 ? 60   ASN A ND2 1 
ATOM   462  N  N   . GLY A 1 62  ? -0.500  -27.095 4.916   1.00 21.23 ? 61   GLY A N   1 
ATOM   463  C  CA  . GLY A 1 62  ? 0.880   -26.922 5.343   1.00 22.56 ? 61   GLY A CA  1 
ATOM   464  C  C   . GLY A 1 62  ? 1.832   -26.132 4.456   1.00 22.49 ? 61   GLY A C   1 
ATOM   465  O  O   . GLY A 1 62  ? 2.914   -25.746 4.909   1.00 22.25 ? 61   GLY A O   1 
ATOM   466  N  N   . THR A 1 63  ? 1.450   -25.886 3.208   1.00 20.34 ? 62   THR A N   1 
ATOM   467  C  CA  . THR A 1 63  ? 2.307   -25.145 2.286   1.00 20.27 ? 62   THR A CA  1 
ATOM   468  C  C   . THR A 1 63  ? 1.527   -24.082 1.512   1.00 19.41 ? 62   THR A C   1 
ATOM   469  O  O   . THR A 1 63  ? 0.298   -24.052 1.551   1.00 17.06 ? 62   THR A O   1 
ATOM   470  C  CB  . THR A 1 63  ? 2.982   -26.091 1.282   1.00 21.28 ? 62   THR A CB  1 
ATOM   471  O  OG1 . THR A 1 63  ? 1.981   -26.784 0.525   1.00 20.79 ? 62   THR A OG1 1 
ATOM   472  C  CG2 . THR A 1 63  ? 3.849   -27.116 2.016   1.00 21.01 ? 62   THR A CG2 1 
ATOM   473  N  N   . ILE A 1 64  ? 2.250   -23.204 0.827   1.00 17.00 ? 63   ILE A N   1 
ATOM   474  C  CA  . ILE A 1 64  ? 1.619   -22.139 0.048   1.00 18.28 ? 63   ILE A CA  1 
ATOM   475  C  C   . ILE A 1 64  ? 1.615   -22.501 -1.431  1.00 15.52 ? 63   ILE A C   1 
ATOM   476  O  O   . ILE A 1 64  ? 2.675   -22.751 -2.010  1.00 15.31 ? 63   ILE A O   1 
ATOM   477  C  CB  . ILE A 1 64  ? 2.385   -20.797 0.199   1.00 19.30 ? 63   ILE A CB  1 
ATOM   478  C  CG1 . ILE A 1 64  ? 2.531   -20.432 1.678   1.00 17.67 ? 63   ILE A CG1 1 
ATOM   479  C  CG2 . ILE A 1 64  ? 1.671   -19.685 -0.580  1.00 17.09 ? 63   ILE A CG2 1 
ATOM   480  C  CD1 . ILE A 1 64  ? 1.230   -20.283 2.421   1.00 23.29 ? 63   ILE A CD1 1 
ATOM   481  N  N   . ASP A 1 65  ? 0.437   -22.545 -2.051  1.00 15.61 ? 64   ASP A N   1 
ATOM   482  C  CA  . ASP A 1 65  ? 0.396   -22.841 -3.476  1.00 12.48 ? 64   ASP A CA  1 
ATOM   483  C  C   . ASP A 1 65  ? 0.288   -21.520 -4.240  1.00 15.53 ? 64   ASP A C   1 
ATOM   484  O  O   . ASP A 1 65  ? 0.339   -20.451 -3.623  1.00 12.74 ? 64   ASP A O   1 
ATOM   485  C  CB  . ASP A 1 65  ? -0.735  -23.829 -3.829  1.00 15.41 ? 64   ASP A CB  1 
ATOM   486  C  CG  . ASP A 1 65  ? -2.127  -23.327 -3.475  1.00 15.67 ? 64   ASP A CG  1 
ATOM   487  O  OD1 . ASP A 1 65  ? -3.048  -24.177 -3.495  1.00 14.65 ? 64   ASP A OD1 1 
ATOM   488  O  OD2 . ASP A 1 65  ? -2.316  -22.125 -3.189  1.00 14.03 ? 64   ASP A OD2 1 
ATOM   489  N  N   . PHE A 1 66  ? 0.154   -21.564 -5.562  1.00 14.26 ? 65   PHE A N   1 
ATOM   490  C  CA  . PHE A 1 66  ? 0.109   -20.305 -6.302  1.00 15.05 ? 65   PHE A CA  1 
ATOM   491  C  C   . PHE A 1 66  ? -1.042  -19.363 -5.961  1.00 13.35 ? 65   PHE A C   1 
ATOM   492  O  O   . PHE A 1 66  ? -0.808  -18.197 -5.645  1.00 13.50 ? 65   PHE A O   1 
ATOM   493  C  CB  . PHE A 1 66  ? 0.142   -20.531 -7.817  1.00 15.13 ? 65   PHE A CB  1 
ATOM   494  C  CG  . PHE A 1 66  ? 0.148   -19.246 -8.594  1.00 19.52 ? 65   PHE A CG  1 
ATOM   495  C  CD1 . PHE A 1 66  ? -0.938  -18.878 -9.379  1.00 18.75 ? 65   PHE A CD1 1 
ATOM   496  C  CD2 . PHE A 1 66  ? 1.210   -18.355 -8.461  1.00 17.26 ? 65   PHE A CD2 1 
ATOM   497  C  CE1 . PHE A 1 66  ? -0.965  -17.632 -10.016 1.00 18.00 ? 65   PHE A CE1 1 
ATOM   498  C  CE2 . PHE A 1 66  ? 1.188   -17.117 -9.090  1.00 19.61 ? 65   PHE A CE2 1 
ATOM   499  C  CZ  . PHE A 1 66  ? 0.097   -16.755 -9.868  1.00 20.64 ? 65   PHE A CZ  1 
ATOM   500  N  N   . PRO A 1 67  ? -2.300  -19.838 -6.034  1.00 12.78 ? 66   PRO A N   1 
ATOM   501  C  CA  . PRO A 1 67  ? -3.408  -18.931 -5.701  1.00 14.41 ? 66   PRO A CA  1 
ATOM   502  C  C   . PRO A 1 67  ? -3.301  -18.331 -4.297  1.00 15.45 ? 66   PRO A C   1 
ATOM   503  O  O   . PRO A 1 67  ? -3.681  -17.177 -4.083  1.00 16.72 ? 66   PRO A O   1 
ATOM   504  C  CB  . PRO A 1 67  ? -4.659  -19.807 -5.872  1.00 14.13 ? 66   PRO A CB  1 
ATOM   505  C  CG  . PRO A 1 67  ? -4.144  -21.209 -5.728  1.00 13.06 ? 66   PRO A CG  1 
ATOM   506  C  CD  . PRO A 1 67  ? -2.813  -21.151 -6.456  1.00 12.20 ? 66   PRO A CD  1 
ATOM   507  N  N   . GLU A 1 68  ? -2.795  -19.111 -3.345  1.00 15.59 ? 67   GLU A N   1 
ATOM   508  C  CA  . GLU A 1 68  ? -2.648  -18.613 -1.976  1.00 16.80 ? 67   GLU A CA  1 
ATOM   509  C  C   . GLU A 1 68  ? -1.590  -17.502 -2.010  1.00 18.25 ? 67   GLU A C   1 
ATOM   510  O  O   . GLU A 1 68  ? -1.773  -16.431 -1.434  1.00 18.52 ? 67   GLU A O   1 
ATOM   511  C  CB  . GLU A 1 68  ? -2.240  -19.761 -1.031  1.00 13.40 ? 67   GLU A CB  1 
ATOM   512  C  CG  . GLU A 1 68  ? -3.342  -20.820 -0.849  1.00 12.49 ? 67   GLU A CG  1 
ATOM   513  C  CD  . GLU A 1 68  ? -2.895  -22.061 -0.078  1.00 15.52 ? 67   GLU A CD  1 
ATOM   514  O  OE1 . GLU A 1 68  ? -1.695  -22.420 -0.134  1.00 14.26 ? 67   GLU A OE1 1 
ATOM   515  O  OE2 . GLU A 1 68  ? -3.758  -22.700 0.566   1.00 11.97 ? 67   GLU A OE2 1 
ATOM   516  N  N   . PHE A 1 69  ? -0.497  -17.764 -2.717  1.00 19.46 ? 68   PHE A N   1 
ATOM   517  C  CA  . PHE A 1 69  ? 0.583   -16.793 -2.878  1.00 21.50 ? 68   PHE A CA  1 
ATOM   518  C  C   . PHE A 1 69  ? 0.067   -15.547 -3.592  1.00 23.51 ? 68   PHE A C   1 
ATOM   519  O  O   . PHE A 1 69  ? 0.387   -14.419 -3.210  1.00 22.98 ? 68   PHE A O   1 
ATOM   520  C  CB  . PHE A 1 69  ? 1.707   -17.396 -3.717  1.00 21.57 ? 68   PHE A CB  1 
ATOM   521  C  CG  . PHE A 1 69  ? 2.829   -16.439 -4.011  1.00 25.14 ? 68   PHE A CG  1 
ATOM   522  C  CD1 . PHE A 1 69  ? 3.771   -16.126 -3.037  1.00 25.00 ? 68   PHE A CD1 1 
ATOM   523  C  CD2 . PHE A 1 69  ? 2.954   -15.859 -5.273  1.00 25.80 ? 68   PHE A CD2 1 
ATOM   524  C  CE1 . PHE A 1 69  ? 4.824   -15.249 -3.314  1.00 27.75 ? 68   PHE A CE1 1 
ATOM   525  C  CE2 . PHE A 1 69  ? 4.001   -14.982 -5.556  1.00 27.45 ? 68   PHE A CE2 1 
ATOM   526  C  CZ  . PHE A 1 69  ? 4.939   -14.679 -4.572  1.00 25.80 ? 68   PHE A CZ  1 
ATOM   527  N  N   . LEU A 1 70  ? -0.725  -15.764 -4.640  1.00 23.00 ? 69   LEU A N   1 
ATOM   528  C  CA  . LEU A 1 70  ? -1.271  -14.668 -5.428  1.00 22.31 ? 69   LEU A CA  1 
ATOM   529  C  C   . LEU A 1 70  ? -2.190  -13.756 -4.634  1.00 24.02 ? 69   LEU A C   1 
ATOM   530  O  O   . LEU A 1 70  ? -2.095  -12.530 -4.751  1.00 20.98 ? 69   LEU A O   1 
ATOM   531  C  CB  . LEU A 1 70  ? -2.028  -15.204 -6.649  1.00 22.63 ? 69   LEU A CB  1 
ATOM   532  C  CG  . LEU A 1 70  ? -2.636  -14.117 -7.548  1.00 24.75 ? 69   LEU A CG  1 
ATOM   533  C  CD1 . LEU A 1 70  ? -1.536  -13.178 -8.009  1.00 26.12 ? 69   LEU A CD1 1 
ATOM   534  C  CD2 . LEU A 1 70  ? -3.321  -14.741 -8.750  1.00 26.58 ? 69   LEU A CD2 1 
ATOM   535  N  N   . ASN A 1 71  ? -3.078  -14.348 -3.832  1.00 22.94 ? 70   ASN A N   1 
ATOM   536  C  CA  . ASN A 1 71  ? -4.015  -13.568 -3.033  1.00 24.13 ? 70   ASN A CA  1 
ATOM   537  C  C   . ASN A 1 71  ? -3.304  -12.699 -1.997  1.00 26.52 ? 70   ASN A C   1 
ATOM   538  O  O   . ASN A 1 71  ? -3.776  -11.617 -1.654  1.00 24.81 ? 70   ASN A O   1 
ATOM   539  C  CB  . ASN A 1 71  ? -5.034  -14.487 -2.344  1.00 22.15 ? 70   ASN A CB  1 
ATOM   540  C  CG  . ASN A 1 71  ? -5.914  -15.231 -3.336  1.00 19.28 ? 70   ASN A CG  1 
ATOM   541  O  OD1 . ASN A 1 71  ? -6.062  -14.820 -4.493  1.00 18.66 ? 70   ASN A OD1 1 
ATOM   542  N  ND2 . ASN A 1 71  ? -6.512  -16.322 -2.885  1.00 17.38 ? 70   ASN A ND2 1 
ATOM   543  N  N   . LEU A 1 72  ? -2.172  -13.174 -1.497  1.00 28.30 ? 71   LEU A N   1 
ATOM   544  C  CA  . LEU A 1 72  ? -1.409  -12.407 -0.525  1.00 31.39 ? 71   LEU A CA  1 
ATOM   545  C  C   . LEU A 1 72  ? -0.813  -11.191 -1.230  1.00 32.24 ? 71   LEU A C   1 
ATOM   546  O  O   . LEU A 1 72  ? -0.980  -10.057 -0.786  1.00 30.42 ? 71   LEU A O   1 
ATOM   547  C  CB  . LEU A 1 72  ? -0.286  -13.263 0.069   1.00 33.04 ? 71   LEU A CB  1 
ATOM   548  C  CG  . LEU A 1 72  ? 0.731   -12.535 0.957   1.00 33.52 ? 71   LEU A CG  1 
ATOM   549  C  CD1 . LEU A 1 72  ? 0.045   -12.020 2.222   1.00 33.85 ? 71   LEU A CD1 1 
ATOM   550  C  CD2 . LEU A 1 72  ? 1.863   -13.483 1.302   1.00 33.97 ? 71   LEU A CD2 1 
ATOM   551  N  N   . MET A 1 73  ? -0.119  -11.442 -2.334  1.00 33.64 ? 72   MET A N   1 
ATOM   552  C  CA  . MET A 1 73  ? 0.509   -10.378 -3.104  1.00 35.07 ? 72   MET A CA  1 
ATOM   553  C  C   . MET A 1 73  ? -0.506  -9.378  -3.647  1.00 34.45 ? 72   MET A C   1 
ATOM   554  O  O   . MET A 1 73  ? -0.200  -8.193  -3.780  1.00 33.74 ? 72   MET A O   1 
ATOM   555  C  CB  . MET A 1 73  ? 1.326   -10.971 -4.256  1.00 39.27 ? 72   MET A CB  1 
ATOM   556  C  CG  . MET A 1 73  ? 2.836   -10.821 -4.082  1.00 42.71 ? 72   MET A CG  1 
ATOM   557  S  SD  . MET A 1 73  ? 3.419   -11.438 -2.496  1.00 48.18 ? 72   MET A SD  1 
ATOM   558  C  CE  . MET A 1 73  ? 5.157   -11.695 -2.856  1.00 48.00 ? 72   MET A CE  1 
ATOM   559  N  N   . ALA A 1 74  ? -1.708  -9.847  -3.967  1.00 31.47 ? 73   ALA A N   1 
ATOM   560  C  CA  . ALA A 1 74  ? -2.739  -8.955  -4.483  1.00 30.63 ? 73   ALA A CA  1 
ATOM   561  C  C   . ALA A 1 74  ? -3.176  -7.985  -3.386  1.00 31.18 ? 73   ALA A C   1 
ATOM   562  O  O   . ALA A 1 74  ? -3.398  -6.799  -3.642  1.00 29.15 ? 73   ALA A O   1 
ATOM   563  C  CB  . ALA A 1 74  ? -3.936  -9.761  -4.988  1.00 29.47 ? 73   ALA A CB  1 
ATOM   564  N  N   . ARG A 1 75  ? -3.289  -8.494  -2.161  1.00 30.74 ? 74   ARG A N   1 
ATOM   565  C  CA  . ARG A 1 75  ? -3.689  -7.668  -1.024  1.00 32.31 ? 74   ARG A CA  1 
ATOM   566  C  C   . ARG A 1 75  ? -2.597  -6.641  -0.715  1.00 33.33 ? 74   ARG A C   1 
ATOM   567  O  O   . ARG A 1 75  ? -2.894  -5.499  -0.357  1.00 30.60 ? 74   ARG A O   1 
ATOM   568  C  CB  . ARG A 1 75  ? -3.942  -8.545  0.203   1.00 32.61 ? 74   ARG A CB  1 
ATOM   569  C  CG  . ARG A 1 75  ? -4.352  -7.793  1.467   1.00 33.95 ? 74   ARG A CG  1 
ATOM   570  C  CD  . ARG A 1 75  ? -5.740  -7.161  1.364   1.00 36.39 ? 74   ARG A CD  1 
ATOM   571  N  NE  . ARG A 1 75  ? -5.711  -5.830  0.764   1.00 39.15 ? 74   ARG A NE  1 
ATOM   572  C  CZ  . ARG A 1 75  ? -6.776  -5.043  0.631   1.00 40.24 ? 74   ARG A CZ  1 
ATOM   573  N  NH1 . ARG A 1 75  ? -7.966  -5.452  1.053   1.00 39.51 ? 74   ARG A NH1 1 
ATOM   574  N  NH2 . ARG A 1 75  ? -6.652  -3.843  0.079   1.00 40.39 ? 74   ARG A NH2 1 
ATOM   575  N  N   . LYS A 1 76  ? -1.338  -7.060  -0.850  1.00 33.29 ? 75   LYS A N   1 
ATOM   576  C  CA  . LYS A 1 76  ? -0.197  -6.181  -0.601  1.00 35.66 ? 75   LYS A CA  1 
ATOM   577  C  C   . LYS A 1 76  ? -0.136  -5.128  -1.700  1.00 34.45 ? 75   LYS A C   1 
ATOM   578  O  O   . LYS A 1 76  ? 0.188   -3.967  -1.453  1.00 34.35 ? 75   LYS A O   1 
ATOM   579  C  CB  . LYS A 1 76  ? 1.113   -6.977  -0.602  1.00 38.90 ? 75   LYS A CB  1 
ATOM   580  C  CG  . LYS A 1 76  ? 1.214   -8.074  0.449   1.00 43.52 ? 75   LYS A CG  1 
ATOM   581  C  CD  . LYS A 1 76  ? 1.302   -7.522  1.866   1.00 48.39 ? 75   LYS A CD  1 
ATOM   582  C  CE  . LYS A 1 76  ? 1.623   -8.634  2.858   1.00 50.05 ? 75   LYS A CE  1 
ATOM   583  N  NZ  . LYS A 1 76  ? 1.711   -8.138  4.259   1.00 53.95 ? 75   LYS A NZ  1 
ATOM   584  N  N   . MET A 1 77  ? -0.444  -5.550  -2.920  1.00 33.80 ? 76   MET A N   1 
ATOM   585  C  CA  . MET A 1 77  ? -0.438  -4.655  -4.065  1.00 34.16 ? 76   MET A CA  1 
ATOM   586  C  C   . MET A 1 77  ? -1.447  -3.536  -3.859  1.00 33.39 ? 76   MET A C   1 
ATOM   587  O  O   . MET A 1 77  ? -1.120  -2.355  -3.993  1.00 31.14 ? 76   MET A O   1 
ATOM   588  C  CB  . MET A 1 77  ? -0.792  -5.423  -5.339  1.00 38.13 ? 76   MET A CB  1 
ATOM   589  C  CG  . MET A 1 77  ? -0.883  -4.555  -6.580  1.00 42.30 ? 76   MET A CG  1 
ATOM   590  S  SD  . MET A 1 77  ? -1.299  -5.516  -8.052  1.00 48.83 ? 76   MET A SD  1 
ATOM   591  C  CE  . MET A 1 77  ? 0.269   -6.299  -8.389  1.00 46.02 ? 76   MET A CE  1 
ATOM   592  N  N   . LYS A 1 78  ? -2.676  -3.918  -3.530  1.00 30.90 ? 77   LYS A N   1 
ATOM   593  C  CA  . LYS A 1 78  ? -3.740  -2.950  -3.314  1.00 32.73 ? 77   LYS A CA  1 
ATOM   594  C  C   . LYS A 1 78  ? -3.431  -2.020  -2.142  1.00 30.45 ? 77   LYS A C   1 
ATOM   595  O  O   . LYS A 1 78  ? -3.742  -0.829  -2.188  1.00 27.72 ? 77   LYS A O   1 
ATOM   596  C  CB  . LYS A 1 78  ? -5.069  -3.678  -3.096  1.00 35.30 ? 77   LYS A CB  1 
ATOM   597  C  CG  . LYS A 1 78  ? -6.266  -2.766  -2.920  1.00 41.24 ? 77   LYS A CG  1 
ATOM   598  C  CD  . LYS A 1 78  ? -7.541  -3.464  -3.374  1.00 45.58 ? 77   LYS A CD  1 
ATOM   599  C  CE  . LYS A 1 78  ? -8.780  -2.728  -2.890  1.00 46.98 ? 77   LYS A CE  1 
ATOM   600  N  NZ  . LYS A 1 78  ? -8.905  -2.828  -1.405  1.00 48.84 ? 77   LYS A NZ  1 
ATOM   601  N  N   . ASP A 1 79  ? -2.810  -2.554  -1.097  1.00 28.52 ? 78   ASP A N   1 
ATOM   602  C  CA  . ASP A 1 79  ? -2.461  -1.731  0.053   1.00 28.48 ? 78   ASP A CA  1 
ATOM   603  C  C   . ASP A 1 79  ? -1.473  -0.655  -0.403  1.00 29.05 ? 78   ASP A C   1 
ATOM   604  O  O   . ASP A 1 79  ? -1.644  0.530   -0.112  1.00 25.48 ? 78   ASP A O   1 
ATOM   605  C  CB  . ASP A 1 79  ? -1.831  -2.591  1.145   1.00 27.05 ? 78   ASP A CB  1 
ATOM   606  C  CG  . ASP A 1 79  ? -2.842  -3.483  1.840   1.00 28.33 ? 78   ASP A CG  1 
ATOM   607  O  OD1 . ASP A 1 79  ? -2.418  -4.372  2.602   1.00 27.20 ? 78   ASP A OD1 1 
ATOM   608  O  OD2 . ASP A 1 79  ? -4.058  -3.289  1.633   1.00 29.04 ? 78   ASP A OD2 1 
ATOM   609  N  N   . THR A 1 80  ? -0.445  -1.092  -1.121  1.00 29.20 ? 79   THR A N   1 
ATOM   610  C  CA  . THR A 1 80  ? 0.579   -0.201  -1.645  1.00 30.17 ? 79   THR A CA  1 
ATOM   611  C  C   . THR A 1 80  ? -0.055  0.862   -2.532  1.00 30.79 ? 79   THR A C   1 
ATOM   612  O  O   . THR A 1 80  ? 0.219   2.055   -2.383  1.00 33.10 ? 79   THR A O   1 
ATOM   613  C  CB  . THR A 1 80  ? 1.622   -0.988  -2.468  1.00 30.36 ? 79   THR A CB  1 
ATOM   614  O  OG1 . THR A 1 80  ? 2.354   -1.859  -1.598  1.00 28.66 ? 79   THR A OG1 1 
ATOM   615  C  CG2 . THR A 1 80  ? 2.590   -0.037  -3.166  1.00 31.22 ? 79   THR A CG2 1 
ATOM   616  N  N   . ASP A 1 81  ? -0.901  0.429   -3.459  1.00 29.59 ? 80   ASP A N   1 
ATOM   617  C  CA  . ASP A 1 81  ? -1.567  1.358   -4.357  1.00 31.79 ? 80   ASP A CA  1 
ATOM   618  C  C   . ASP A 1 81  ? -2.338  2.418   -3.578  1.00 32.75 ? 80   ASP A C   1 
ATOM   619  O  O   . ASP A 1 81  ? -2.159  3.610   -3.808  1.00 31.06 ? 80   ASP A O   1 
ATOM   620  C  CB  . ASP A 1 81  ? -2.520  0.615   -5.294  1.00 31.50 ? 80   ASP A CB  1 
ATOM   621  C  CG  . ASP A 1 81  ? -1.791  -0.276  -6.279  1.00 33.54 ? 80   ASP A CG  1 
ATOM   622  O  OD1 . ASP A 1 81  ? -2.469  -0.943  -7.091  1.00 33.04 ? 80   ASP A OD1 1 
ATOM   623  O  OD2 . ASP A 1 81  ? -0.541  -0.307  -6.242  1.00 33.78 ? 80   ASP A OD2 1 
ATOM   624  N  N   . SER A 1 82  ? -3.195  1.984   -2.658  1.00 32.23 ? 81   SER A N   1 
ATOM   625  C  CA  . SER A 1 82  ? -3.979  2.920   -1.859  1.00 34.12 ? 81   SER A CA  1 
ATOM   626  C  C   . SER A 1 82  ? -3.074  3.964   -1.219  1.00 33.20 ? 81   SER A C   1 
ATOM   627  O  O   . SER A 1 82  ? -3.325  5.163   -1.314  1.00 32.40 ? 81   SER A O   1 
ATOM   628  C  CB  . SER A 1 82  ? -4.749  2.177   -0.767  1.00 34.98 ? 81   SER A CB  1 
ATOM   629  O  OG  . SER A 1 82  ? -5.759  1.371   -1.340  1.00 40.19 ? 81   SER A OG  1 
ATOM   630  N  N   . GLU A 1 83  ? -2.025  3.493   -0.559  1.00 31.94 ? 82   GLU A N   1 
ATOM   631  C  CA  . GLU A 1 83  ? -1.081  4.381   0.088   1.00 33.93 ? 82   GLU A CA  1 
ATOM   632  C  C   . GLU A 1 83  ? -0.437  5.307   -0.938  1.00 32.79 ? 82   GLU A C   1 
ATOM   633  O  O   . GLU A 1 83  ? -0.367  6.518   -0.740  1.00 31.65 ? 82   GLU A O   1 
ATOM   634  C  CB  . GLU A 1 83  ? 0.006   3.575   0.790   1.00 36.24 ? 82   GLU A CB  1 
ATOM   635  C  CG  . GLU A 1 83  ? 1.011   4.441   1.523   1.00 41.77 ? 82   GLU A CG  1 
ATOM   636  C  CD  . GLU A 1 83  ? 2.196   3.654   2.031   1.00 45.92 ? 82   GLU A CD  1 
ATOM   637  O  OE1 . GLU A 1 83  ? 3.026   4.236   2.761   1.00 47.69 ? 82   GLU A OE1 1 
ATOM   638  O  OE2 . GLU A 1 83  ? 2.301   2.455   1.694   1.00 48.57 ? 82   GLU A OE2 1 
ATOM   639  N  N   . GLU A 1 84  ? 0.037   4.731   -2.037  1.00 30.84 ? 83   GLU A N   1 
ATOM   640  C  CA  . GLU A 1 84  ? 0.679   5.526   -3.071  1.00 30.44 ? 83   GLU A CA  1 
ATOM   641  C  C   . GLU A 1 84  ? -0.274  6.539   -3.679  1.00 29.19 ? 83   GLU A C   1 
ATOM   642  O  O   . GLU A 1 84  ? 0.141   7.631   -4.072  1.00 27.60 ? 83   GLU A O   1 
ATOM   643  C  CB  . GLU A 1 84  ? 1.262   4.621   -4.156  1.00 30.31 ? 83   GLU A CB  1 
ATOM   644  C  CG  . GLU A 1 84  ? 2.459   3.807   -3.682  1.00 34.19 ? 83   GLU A CG  1 
ATOM   645  C  CD  . GLU A 1 84  ? 3.494   4.662   -2.959  1.00 38.18 ? 83   GLU A CD  1 
ATOM   646  O  OE1 . GLU A 1 84  ? 3.914   5.697   -3.524  1.00 38.01 ? 83   GLU A OE1 1 
ATOM   647  O  OE2 . GLU A 1 84  ? 3.887   4.301   -1.825  1.00 36.13 ? 83   GLU A OE2 1 
ATOM   648  N  N   . GLU A 1 85  ? -1.552  6.190   -3.752  1.00 27.17 ? 84   GLU A N   1 
ATOM   649  C  CA  . GLU A 1 85  ? -2.538  7.104   -4.304  1.00 28.41 ? 84   GLU A CA  1 
ATOM   650  C  C   . GLU A 1 85  ? -2.744  8.282   -3.353  1.00 28.23 ? 84   GLU A C   1 
ATOM   651  O  O   . GLU A 1 85  ? -3.010  9.402   -3.794  1.00 25.27 ? 84   GLU A O   1 
ATOM   652  C  CB  . GLU A 1 85  ? -3.853  6.367   -4.565  1.00 31.94 ? 84   GLU A CB  1 
ATOM   653  C  CG  . GLU A 1 85  ? -3.729  5.350   -5.695  1.00 37.79 ? 84   GLU A CG  1 
ATOM   654  C  CD  . GLU A 1 85  ? -4.942  4.453   -5.838  1.00 41.43 ? 84   GLU A CD  1 
ATOM   655  O  OE1 . GLU A 1 85  ? -4.898  3.545   -6.697  1.00 43.91 ? 84   GLU A OE1 1 
ATOM   656  O  OE2 . GLU A 1 85  ? -5.931  4.648   -5.097  1.00 42.99 ? 84   GLU A OE2 1 
ATOM   657  N  N   . LEU A 1 86  ? -2.622  8.032   -2.050  1.00 25.33 ? 85   LEU A N   1 
ATOM   658  C  CA  . LEU A 1 86  ? -2.763  9.106   -1.069  1.00 26.07 ? 85   LEU A CA  1 
ATOM   659  C  C   . LEU A 1 86  ? -1.565  10.033  -1.195  1.00 24.09 ? 85   LEU A C   1 
ATOM   660  O  O   . LEU A 1 86  ? -1.697  11.253  -1.142  1.00 22.95 ? 85   LEU A O   1 
ATOM   661  C  CB  . LEU A 1 86  ? -2.834  8.543   0.350   1.00 26.29 ? 85   LEU A CB  1 
ATOM   662  C  CG  . LEU A 1 86  ? -4.183  7.944   0.742   1.00 27.45 ? 85   LEU A CG  1 
ATOM   663  C  CD1 . LEU A 1 86  ? -4.069  7.298   2.117   1.00 27.19 ? 85   LEU A CD1 1 
ATOM   664  C  CD2 . LEU A 1 86  ? -5.253  9.033   0.741   1.00 29.16 ? 85   LEU A CD2 1 
ATOM   665  N  N   . LYS A 1 87  ? -0.389  9.442   -1.362  1.00 22.48 ? 86   LYS A N   1 
ATOM   666  C  CA  . LYS A 1 87  ? 0.803   10.240  -1.536  1.00 23.14 ? 86   LYS A CA  1 
ATOM   667  C  C   . LYS A 1 87  ? 0.734   11.067  -2.824  1.00 22.66 ? 86   LYS A C   1 
ATOM   668  O  O   . LYS A 1 87  ? 1.103   12.234  -2.800  1.00 20.05 ? 86   LYS A O   1 
ATOM   669  C  CB  . LYS A 1 87  ? 2.046   9.352   -1.545  1.00 23.21 ? 86   LYS A CB  1 
ATOM   670  C  CG  . LYS A 1 87  ? 2.435   8.818   -0.175  1.00 27.13 ? 86   LYS A CG  1 
ATOM   671  C  CD  . LYS A 1 87  ? 3.682   7.958   -0.273  1.00 30.24 ? 86   LYS A CD  1 
ATOM   672  C  CE  . LYS A 1 87  ? 4.067   7.361   1.070   1.00 33.04 ? 86   LYS A CE  1 
ATOM   673  N  NZ  . LYS A 1 87  ? 5.244   6.459   0.946   1.00 34.49 ? 86   LYS A NZ  1 
ATOM   674  N  N   . GLU A 1 88  ? 0.271   10.494  -3.943  1.00 23.00 ? 87   GLU A N   1 
ATOM   675  C  CA  . GLU A 1 88  ? 0.182   11.263  -5.198  1.00 24.17 ? 87   GLU A CA  1 
ATOM   676  C  C   . GLU A 1 88  ? -0.745  12.448  -5.042  1.00 22.96 ? 87   GLU A C   1 
ATOM   677  O  O   . GLU A 1 88  ? -0.448  13.568  -5.474  1.00 20.35 ? 87   GLU A O   1 
ATOM   678  C  CB  . GLU A 1 88  ? -0.351  10.408  -6.354  1.00 28.90 ? 87   GLU A CB  1 
ATOM   679  C  CG  . GLU A 1 88  ? 0.664   9.441   -6.905  1.00 34.38 ? 87   GLU A CG  1 
ATOM   680  C  CD  . GLU A 1 88  ? 0.224   8.805   -8.209  1.00 38.34 ? 87   GLU A CD  1 
ATOM   681  O  OE1 . GLU A 1 88  ? 0.985   7.964   -8.732  1.00 40.58 ? 87   GLU A OE1 1 
ATOM   682  O  OE2 . GLU A 1 88  ? -0.871  9.148   -8.709  1.00 41.46 ? 87   GLU A OE2 1 
ATOM   683  N  N   . ALA A 1 89  ? -1.897  12.177  -4.440  1.00 20.14 ? 88   ALA A N   1 
ATOM   684  C  CA  . ALA A 1 89  ? -2.895  13.206  -4.216  1.00 19.66 ? 88   ALA A CA  1 
ATOM   685  C  C   . ALA A 1 89  ? -2.320  14.357  -3.397  1.00 17.42 ? 88   ALA A C   1 
ATOM   686  O  O   . ALA A 1 89  ? -2.522  15.528  -3.728  1.00 19.82 ? 88   ALA A O   1 
ATOM   687  C  CB  . ALA A 1 89  ? -4.113  12.614  -3.509  1.00 17.13 ? 88   ALA A CB  1 
ATOM   688  N  N   . PHE A 1 90  ? -1.605  14.028  -2.330  1.00 15.79 ? 89   PHE A N   1 
ATOM   689  C  CA  . PHE A 1 90  ? -1.018  15.061  -1.496  1.00 17.54 ? 89   PHE A CA  1 
ATOM   690  C  C   . PHE A 1 90  ? -0.086  15.902  -2.360  1.00 17.66 ? 89   PHE A C   1 
ATOM   691  O  O   . PHE A 1 90  ? -0.118  17.125  -2.302  1.00 18.52 ? 89   PHE A O   1 
ATOM   692  C  CB  . PHE A 1 90  ? -0.233  14.447  -0.342  1.00 17.57 ? 89   PHE A CB  1 
ATOM   693  C  CG  . PHE A 1 90  ? 0.306   15.463  0.624   1.00 16.85 ? 89   PHE A CG  1 
ATOM   694  C  CD1 . PHE A 1 90  ? -0.491  15.958  1.654   1.00 18.09 ? 89   PHE A CD1 1 
ATOM   695  C  CD2 . PHE A 1 90  ? 1.598   15.954  0.483   1.00 17.98 ? 89   PHE A CD2 1 
ATOM   696  C  CE1 . PHE A 1 90  ? -0.006  16.927  2.533   1.00 17.04 ? 89   PHE A CE1 1 
ATOM   697  C  CE2 . PHE A 1 90  ? 2.092   16.927  1.360   1.00 19.06 ? 89   PHE A CE2 1 
ATOM   698  C  CZ  . PHE A 1 90  ? 1.287   17.412  2.386   1.00 15.32 ? 89   PHE A CZ  1 
ATOM   699  N  N   . ARG A 1 91  ? 0.739   15.240  -3.171  1.00 17.58 ? 90   ARG A N   1 
ATOM   700  C  CA  . ARG A 1 91  ? 1.665   15.953  -4.050  1.00 19.10 ? 90   ARG A CA  1 
ATOM   701  C  C   . ARG A 1 91  ? 0.938   16.911  -4.992  1.00 18.80 ? 90   ARG A C   1 
ATOM   702  O  O   . ARG A 1 91  ? 1.422   18.012  -5.259  1.00 21.30 ? 90   ARG A O   1 
ATOM   703  C  CB  . ARG A 1 91  ? 2.494   14.968  -4.877  1.00 18.34 ? 90   ARG A CB  1 
ATOM   704  C  CG  . ARG A 1 91  ? 3.474   14.165  -4.076  1.00 21.23 ? 90   ARG A CG  1 
ATOM   705  C  CD  . ARG A 1 91  ? 4.034   13.036  -4.916  1.00 20.93 ? 90   ARG A CD  1 
ATOM   706  N  NE  . ARG A 1 91  ? 4.687   12.053  -4.070  1.00 26.37 ? 90   ARG A NE  1 
ATOM   707  C  CZ  . ARG A 1 91  ? 4.751   10.762  -4.353  1.00 24.50 ? 90   ARG A CZ  1 
ATOM   708  N  NH1 . ARG A 1 91  ? 4.200   10.299  -5.468  1.00 23.59 ? 90   ARG A NH1 1 
ATOM   709  N  NH2 . ARG A 1 91  ? 5.354   9.936   -3.513  1.00 30.16 ? 90   ARG A NH2 1 
ATOM   710  N  N   . VAL A 1 92  ? -0.218  16.496  -5.502  1.00 19.34 ? 91   VAL A N   1 
ATOM   711  C  CA  . VAL A 1 92  ? -0.984  17.356  -6.399  1.00 18.34 ? 91   VAL A CA  1 
ATOM   712  C  C   . VAL A 1 92  ? -1.396  18.633  -5.679  1.00 19.41 ? 91   VAL A C   1 
ATOM   713  O  O   . VAL A 1 92  ? -1.274  19.729  -6.227  1.00 17.57 ? 91   VAL A O   1 
ATOM   714  C  CB  . VAL A 1 92  ? -2.256  16.653  -6.919  1.00 19.47 ? 91   VAL A CB  1 
ATOM   715  C  CG1 . VAL A 1 92  ? -3.123  17.646  -7.687  1.00 16.72 ? 91   VAL A CG1 1 
ATOM   716  C  CG2 . VAL A 1 92  ? -1.872  15.497  -7.833  1.00 20.97 ? 91   VAL A CG2 1 
ATOM   717  N  N   . PHE A 1 93  ? -1.886  18.492  -4.451  1.00 19.83 ? 92   PHE A N   1 
ATOM   718  C  CA  . PHE A 1 93  ? -2.309  19.653  -3.669  1.00 20.95 ? 92   PHE A CA  1 
ATOM   719  C  C   . PHE A 1 93  ? -1.141  20.550  -3.262  1.00 19.66 ? 92   PHE A C   1 
ATOM   720  O  O   . PHE A 1 93  ? -1.214  21.772  -3.380  1.00 20.47 ? 92   PHE A O   1 
ATOM   721  C  CB  . PHE A 1 93  ? -3.074  19.192  -2.423  1.00 22.32 ? 92   PHE A CB  1 
ATOM   722  C  CG  . PHE A 1 93  ? -4.487  18.774  -2.709  1.00 27.29 ? 92   PHE A CG  1 
ATOM   723  C  CD1 . PHE A 1 93  ? -5.449  19.725  -3.033  1.00 29.01 ? 92   PHE A CD1 1 
ATOM   724  C  CD2 . PHE A 1 93  ? -4.847  17.432  -2.699  1.00 27.70 ? 92   PHE A CD2 1 
ATOM   725  C  CE1 . PHE A 1 93  ? -6.754  19.344  -3.345  1.00 32.60 ? 92   PHE A CE1 1 
ATOM   726  C  CE2 . PHE A 1 93  ? -6.145  17.041  -3.007  1.00 30.48 ? 92   PHE A CE2 1 
ATOM   727  C  CZ  . PHE A 1 93  ? -7.101  17.999  -3.332  1.00 31.59 ? 92   PHE A CZ  1 
ATOM   728  N  N   . ASP A 1 94  ? -0.074  19.934  -2.770  1.00 20.22 ? 93   ASP A N   1 
ATOM   729  C  CA  . ASP A 1 94  ? 1.121   20.653  -2.331  1.00 18.52 ? 93   ASP A CA  1 
ATOM   730  C  C   . ASP A 1 94  ? 1.824   21.191  -3.569  1.00 19.76 ? 93   ASP A C   1 
ATOM   731  O  O   . ASP A 1 94  ? 2.862   20.677  -3.970  1.00 16.65 ? 93   ASP A O   1 
ATOM   732  C  CB  . ASP A 1 94  ? 2.043   19.691  -1.584  1.00 17.74 ? 93   ASP A CB  1 
ATOM   733  C  CG  . ASP A 1 94  ? 3.290   20.362  -1.037  1.00 17.53 ? 93   ASP A CG  1 
ATOM   734  O  OD1 . ASP A 1 94  ? 4.143   19.627  -0.507  1.00 15.19 ? 93   ASP A OD1 1 
ATOM   735  O  OD2 . ASP A 1 94  ? 3.424   21.604  -1.125  1.00 17.44 ? 93   ASP A OD2 1 
ATOM   736  N  N   . LYS A 1 95  ? 1.254   22.241  -4.152  1.00 19.35 ? 94   LYS A N   1 
ATOM   737  C  CA  . LYS A 1 95  ? 1.788   22.845  -5.367  1.00 21.54 ? 94   LYS A CA  1 
ATOM   738  C  C   . LYS A 1 95  ? 3.274   23.207  -5.315  1.00 20.13 ? 94   LYS A C   1 
ATOM   739  O  O   . LYS A 1 95  ? 4.006   22.961  -6.279  1.00 18.28 ? 94   LYS A O   1 
ATOM   740  C  CB  . LYS A 1 95  ? 0.965   24.089  -5.730  1.00 23.34 ? 94   LYS A CB  1 
ATOM   741  C  CG  . LYS A 1 95  ? 1.330   24.724  -7.074  1.00 30.42 ? 94   LYS A CG  1 
ATOM   742  C  CD  . LYS A 1 95  ? 0.521   25.999  -7.323  1.00 34.60 ? 94   LYS A CD  1 
ATOM   743  C  CE  . LYS A 1 95  ? 0.817   26.610  -8.688  1.00 37.65 ? 94   LYS A CE  1 
ATOM   744  N  NZ  . LYS A 1 95  ? 0.333   25.751  -9.807  1.00 42.52 ? 94   LYS A NZ  1 
ATOM   745  N  N   . ASP A 1 96  ? 3.730   23.784  -4.206  1.00 17.91 ? 95   ASP A N   1 
ATOM   746  C  CA  . ASP A 1 96  ? 5.134   24.163  -4.128  1.00 18.47 ? 95   ASP A CA  1 
ATOM   747  C  C   . ASP A 1 96  ? 6.040   23.096  -3.516  1.00 20.46 ? 95   ASP A C   1 
ATOM   748  O  O   . ASP A 1 96  ? 7.208   23.350  -3.236  1.00 18.09 ? 95   ASP A O   1 
ATOM   749  C  CB  . ASP A 1 96  ? 5.298   25.512  -3.404  1.00 19.88 ? 95   ASP A CB  1 
ATOM   750  C  CG  . ASP A 1 96  ? 4.898   25.456  -1.943  1.00 22.45 ? 95   ASP A CG  1 
ATOM   751  O  OD1 . ASP A 1 96  ? 4.504   24.373  -1.468  1.00 20.33 ? 95   ASP A OD1 1 
ATOM   752  O  OD2 . ASP A 1 96  ? 4.986   26.505  -1.266  1.00 20.82 ? 95   ASP A OD2 1 
ATOM   753  N  N   . GLN A 1 97  ? 5.490   21.897  -3.331  1.00 19.90 ? 96   GLN A N   1 
ATOM   754  C  CA  . GLN A 1 97  ? 6.225   20.752  -2.798  1.00 21.86 ? 96   GLN A CA  1 
ATOM   755  C  C   . GLN A 1 97  ? 7.018   21.015  -1.522  1.00 20.75 ? 96   GLN A C   1 
ATOM   756  O  O   . GLN A 1 97  ? 8.128   20.514  -1.371  1.00 20.92 ? 96   GLN A O   1 
ATOM   757  C  CB  . GLN A 1 97  ? 7.175   20.203  -3.880  1.00 23.46 ? 96   GLN A CB  1 
ATOM   758  C  CG  . GLN A 1 97  ? 6.552   20.127  -5.281  1.00 24.42 ? 96   GLN A CG  1 
ATOM   759  C  CD  . GLN A 1 97  ? 7.464   19.465  -6.304  1.00 26.87 ? 96   GLN A CD  1 
ATOM   760  O  OE1 . GLN A 1 97  ? 7.458   18.243  -6.467  1.00 27.57 ? 96   GLN A OE1 1 
ATOM   761  N  NE2 . GLN A 1 97  ? 8.263   20.272  -6.987  1.00 27.36 ? 96   GLN A NE2 1 
ATOM   762  N  N   . ASN A 1 98  ? 6.452   21.777  -0.593  1.00 19.03 ? 97   ASN A N   1 
ATOM   763  C  CA  . ASN A 1 98  ? 7.167   22.061  0.642   1.00 18.69 ? 97   ASN A CA  1 
ATOM   764  C  C   . ASN A 1 98  ? 6.771   21.135  1.790   1.00 19.41 ? 97   ASN A C   1 
ATOM   765  O  O   . ASN A 1 98  ? 7.283   21.253  2.904   1.00 19.05 ? 97   ASN A O   1 
ATOM   766  C  CB  . ASN A 1 98  ? 6.983   23.535  1.038   1.00 18.98 ? 97   ASN A CB  1 
ATOM   767  C  CG  . ASN A 1 98  ? 5.575   23.860  1.535   1.00 21.59 ? 97   ASN A CG  1 
ATOM   768  O  OD1 . ASN A 1 98  ? 4.597   23.160  1.240   1.00 17.54 ? 97   ASN A OD1 1 
ATOM   769  N  ND2 . ASN A 1 98  ? 5.469   24.961  2.275   1.00 18.18 ? 97   ASN A ND2 1 
ATOM   770  N  N   . GLY A 1 99  ? 5.872   20.201  1.513   1.00 17.60 ? 98   GLY A N   1 
ATOM   771  C  CA  . GLY A 1 99  ? 5.450   19.276  2.552   1.00 18.23 ? 98   GLY A CA  1 
ATOM   772  C  C   . GLY A 1 99  ? 4.159   19.664  3.249   1.00 18.46 ? 98   GLY A C   1 
ATOM   773  O  O   . GLY A 1 99  ? 3.698   18.945  4.138   1.00 17.56 ? 98   GLY A O   1 
ATOM   774  N  N   . PHE A 1 100 ? 3.570   20.789  2.850   1.00 15.79 ? 99   PHE A N   1 
ATOM   775  C  CA  . PHE A 1 100 ? 2.326   21.251  3.461   1.00 15.88 ? 99   PHE A CA  1 
ATOM   776  C  C   . PHE A 1 100 ? 1.330   21.775  2.439   1.00 14.84 ? 99   PHE A C   1 
ATOM   777  O  O   . PHE A 1 100 ? 1.707   22.305  1.407   1.00 15.29 ? 99   PHE A O   1 
ATOM   778  C  CB  . PHE A 1 100 ? 2.599   22.375  4.464   1.00 18.25 ? 99   PHE A CB  1 
ATOM   779  C  CG  . PHE A 1 100 ? 3.574   22.008  5.537   1.00 19.68 ? 99   PHE A CG  1 
ATOM   780  C  CD1 . PHE A 1 100 ? 4.930   22.273  5.384   1.00 20.65 ? 99   PHE A CD1 1 
ATOM   781  C  CD2 . PHE A 1 100 ? 3.135   21.382  6.701   1.00 20.21 ? 99   PHE A CD2 1 
ATOM   782  C  CE1 . PHE A 1 100 ? 5.838   21.920  6.380   1.00 22.23 ? 99   PHE A CE1 1 
ATOM   783  C  CE2 . PHE A 1 100 ? 4.030   21.022  7.706   1.00 21.20 ? 99   PHE A CE2 1 
ATOM   784  C  CZ  . PHE A 1 100 ? 5.387   21.293  7.545   1.00 24.11 ? 99   PHE A CZ  1 
ATOM   785  N  N   . ILE A 1 101 ? 0.047   21.622  2.727   1.00 12.92 ? 100  ILE A N   1 
ATOM   786  C  CA  . ILE A 1 101 ? -0.969  22.149  1.828   1.00 13.28 ? 100  ILE A CA  1 
ATOM   787  C  C   . ILE A 1 101 ? -1.450  23.426  2.489   1.00 14.08 ? 100  ILE A C   1 
ATOM   788  O  O   . ILE A 1 101 ? -1.928  23.396  3.631   1.00 13.92 ? 100  ILE A O   1 
ATOM   789  C  CB  . ILE A 1 101 ? -2.173  21.197  1.673   1.00 13.15 ? 100  ILE A CB  1 
ATOM   790  C  CG1 . ILE A 1 101 ? -1.717  19.862  1.086   1.00 9.66  ? 100  ILE A CG1 1 
ATOM   791  C  CG2 . ILE A 1 101 ? -3.222  21.836  0.760   1.00 14.95 ? 100  ILE A CG2 1 
ATOM   792  C  CD1 . ILE A 1 101 ? -2.813  18.802  1.091   1.00 11.52 ? 100  ILE A CD1 1 
ATOM   793  N  N   . SER A 1 102 ? -1.306  24.545  1.786   1.00 13.68 ? 101  SER A N   1 
ATOM   794  C  CA  . SER A 1 102 ? -1.734  25.833  2.308   1.00 14.12 ? 101  SER A CA  1 
ATOM   795  C  C   . SER A 1 102 ? -3.134  26.152  1.819   1.00 14.56 ? 101  SER A C   1 
ATOM   796  O  O   . SER A 1 102 ? -3.633  25.539  0.871   1.00 13.50 ? 101  SER A O   1 
ATOM   797  C  CB  . SER A 1 102 ? -0.787  26.936  1.831   1.00 15.21 ? 101  SER A CB  1 
ATOM   798  O  OG  . SER A 1 102 ? -0.950  27.152  0.439   1.00 9.88  ? 101  SER A OG  1 
ATOM   799  N  N   . ALA A 1 103 ? -3.776  27.116  2.465   1.00 14.46 ? 102  ALA A N   1 
ATOM   800  C  CA  . ALA A 1 103 ? -5.114  27.517  2.047   1.00 14.71 ? 102  ALA A CA  1 
ATOM   801  C  C   . ALA A 1 103 ? -5.064  27.934  0.573   1.00 15.48 ? 102  ALA A C   1 
ATOM   802  O  O   . ALA A 1 103 ? -5.931  27.561  -0.223  1.00 14.76 ? 102  ALA A O   1 
ATOM   803  C  CB  . ALA A 1 103 ? -5.610  28.685  2.914   1.00 15.13 ? 102  ALA A CB  1 
ATOM   804  N  N   . ALA A 1 104 ? -4.045  28.709  0.209   1.00 15.68 ? 103  ALA A N   1 
ATOM   805  C  CA  . ALA A 1 104 ? -3.898  29.169  -1.169  1.00 16.77 ? 103  ALA A CA  1 
ATOM   806  C  C   . ALA A 1 104 ? -3.761  27.994  -2.138  1.00 18.67 ? 103  ALA A C   1 
ATOM   807  O  O   . ALA A 1 104 ? -4.334  28.013  -3.229  1.00 18.61 ? 103  ALA A O   1 
ATOM   808  C  CB  . ALA A 1 104 ? -2.688  30.102  -1.287  1.00 17.43 ? 103  ALA A CB  1 
ATOM   809  N  N   . GLU A 1 105 ? -3.004  26.970  -1.752  1.00 17.51 ? 104  GLU A N   1 
ATOM   810  C  CA  . GLU A 1 105 ? -2.843  25.815  -2.633  1.00 20.18 ? 104  GLU A CA  1 
ATOM   811  C  C   . GLU A 1 105 ? -4.149  25.027  -2.736  1.00 19.51 ? 104  GLU A C   1 
ATOM   812  O  O   . GLU A 1 105 ? -4.499  24.548  -3.813  1.00 19.33 ? 104  GLU A O   1 
ATOM   813  C  CB  . GLU A 1 105 ? -1.708  24.909  -2.144  1.00 18.59 ? 104  GLU A CB  1 
ATOM   814  C  CG  . GLU A 1 105 ? -0.321  25.543  -2.259  1.00 20.08 ? 104  GLU A CG  1 
ATOM   815  C  CD  . GLU A 1 105 ? 0.779   24.711  -1.617  1.00 18.68 ? 104  GLU A CD  1 
ATOM   816  O  OE1 . GLU A 1 105 ? 0.507   24.034  -0.601  1.00 18.83 ? 104  GLU A OE1 1 
ATOM   817  O  OE2 . GLU A 1 105 ? 1.927   24.757  -2.108  1.00 16.12 ? 104  GLU A OE2 1 
ATOM   818  N  N   . LEU A 1 106 ? -4.874  24.904  -1.625  1.00 18.89 ? 105  LEU A N   1 
ATOM   819  C  CA  . LEU A 1 106 ? -6.135  24.176  -1.636  1.00 20.48 ? 105  LEU A CA  1 
ATOM   820  C  C   . LEU A 1 106 ? -7.115  24.876  -2.568  1.00 22.48 ? 105  LEU A C   1 
ATOM   821  O  O   . LEU A 1 106 ? -7.812  24.226  -3.341  1.00 22.26 ? 105  LEU A O   1 
ATOM   822  C  CB  . LEU A 1 106 ? -6.739  24.093  -0.232  1.00 19.97 ? 105  LEU A CB  1 
ATOM   823  C  CG  . LEU A 1 106 ? -8.062  23.316  -0.172  1.00 21.06 ? 105  LEU A CG  1 
ATOM   824  C  CD1 . LEU A 1 106 ? -7.824  21.867  -0.587  1.00 23.13 ? 105  LEU A CD1 1 
ATOM   825  C  CD2 . LEU A 1 106 ? -8.640  23.365  1.236   1.00 23.35 ? 105  LEU A CD2 1 
ATOM   826  N  N   . ARG A 1 107 ? -7.174  26.203  -2.478  1.00 23.96 ? 106  ARG A N   1 
ATOM   827  C  CA  . ARG A 1 107 ? -8.062  26.977  -3.340  1.00 27.09 ? 106  ARG A CA  1 
ATOM   828  C  C   . ARG A 1 107 ? -7.677  26.797  -4.806  1.00 28.13 ? 106  ARG A C   1 
ATOM   829  O  O   . ARG A 1 107 ? -8.532  26.558  -5.656  1.00 30.20 ? 106  ARG A O   1 
ATOM   830  C  CB  . ARG A 1 107 ? -8.004  28.465  -2.981  1.00 27.40 ? 106  ARG A CB  1 
ATOM   831  C  CG  . ARG A 1 107 ? -8.172  29.387  -4.185  1.00 34.66 ? 106  ARG A CG  1 
ATOM   832  C  CD  . ARG A 1 107 ? -8.819  30.694  -3.800  1.00 37.21 ? 106  ARG A CD  1 
ATOM   833  N  NE  . ARG A 1 107 ? -10.213 30.484  -3.426  1.00 43.73 ? 106  ARG A NE  1 
ATOM   834  C  CZ  . ARG A 1 107 ? -11.010 31.435  -2.950  1.00 45.90 ? 106  ARG A CZ  1 
ATOM   835  N  NH1 . ARG A 1 107 ? -10.545 32.668  -2.789  1.00 47.75 ? 106  ARG A NH1 1 
ATOM   836  N  NH2 . ARG A 1 107 ? -12.270 31.153  -2.641  1.00 44.87 ? 106  ARG A NH2 1 
ATOM   837  N  N   . HIS A 1 108 ? -6.387  26.915  -5.100  1.00 28.41 ? 107  HIS A N   1 
ATOM   838  C  CA  . HIS A 1 108 ? -5.915  26.772  -6.471  1.00 32.69 ? 107  HIS A CA  1 
ATOM   839  C  C   . HIS A 1 108 ? -6.207  25.386  -7.028  1.00 35.40 ? 107  HIS A C   1 
ATOM   840  O  O   . HIS A 1 108 ? -6.986  25.235  -7.972  1.00 35.40 ? 107  HIS A O   1 
ATOM   841  C  CB  . HIS A 1 108 ? -4.412  27.017  -6.551  1.00 32.84 ? 107  HIS A CB  1 
ATOM   842  C  CG  . HIS A 1 108 ? -3.860  26.893  -7.937  1.00 36.89 ? 107  HIS A CG  1 
ATOM   843  N  ND1 . HIS A 1 108 ? -4.028  27.870  -8.895  1.00 37.50 ? 107  HIS A ND1 1 
ATOM   844  C  CD2 . HIS A 1 108 ? -3.168  25.894  -8.538  1.00 37.39 ? 107  HIS A CD2 1 
ATOM   845  C  CE1 . HIS A 1 108 ? -3.464  27.479  -10.025 1.00 38.60 ? 107  HIS A CE1 1 
ATOM   846  N  NE2 . HIS A 1 108 ? -2.937  26.285  -9.836  1.00 38.84 ? 107  HIS A NE2 1 
ATOM   847  N  N   . VAL A 1 109 ? -5.565  24.377  -6.449  1.00 37.60 ? 108  VAL A N   1 
ATOM   848  C  CA  . VAL A 1 109 ? -5.749  23.004  -6.900  1.00 40.56 ? 108  VAL A CA  1 
ATOM   849  C  C   . VAL A 1 109 ? -7.226  22.649  -7.004  1.00 42.44 ? 108  VAL A C   1 
ATOM   850  O  O   . VAL A 1 109 ? -7.653  22.061  -7.996  1.00 43.60 ? 108  VAL A O   1 
ATOM   851  C  CB  . VAL A 1 109 ? -5.046  22.003  -5.957  1.00 39.44 ? 108  VAL A CB  1 
ATOM   852  C  CG1 . VAL A 1 109 ? -5.380  20.577  -6.368  1.00 38.18 ? 108  VAL A CG1 1 
ATOM   853  C  CG2 . VAL A 1 109 ? -3.534  22.233  -5.996  1.00 40.39 ? 108  VAL A CG2 1 
ATOM   854  N  N   . MET A 1 110 ? -8.004  23.014  -5.990  1.00 43.71 ? 109  MET A N   1 
ATOM   855  C  CA  . MET A 1 110 ? -9.432  22.725  -6.001  1.00 46.96 ? 109  MET A CA  1 
ATOM   856  C  C   . MET A 1 110 ? -10.049 23.272  -7.288  1.00 49.40 ? 109  MET A C   1 
ATOM   857  O  O   . MET A 1 110 ? -10.519 22.505  -8.124  1.00 50.29 ? 109  MET A O   1 
ATOM   858  C  CB  . MET A 1 110 ? -10.124 23.354  -4.790  1.00 47.27 ? 109  MET A CB  1 
ATOM   859  C  CG  . MET A 1 110 ? -11.550 22.864  -4.563  1.00 49.40 ? 109  MET A CG  1 
ATOM   860  S  SD  . MET A 1 110 ? -11.701 21.493  -3.379  1.00 52.39 ? 109  MET A SD  1 
ATOM   861  C  CE  . MET A 1 110 ? -10.590 20.258  -4.098  1.00 43.76 ? 109  MET A CE  1 
ATOM   862  N  N   . THR A 1 111 ? -10.045 24.596  -7.440  1.00 51.07 ? 110  THR A N   1 
ATOM   863  C  CA  . THR A 1 111 ? -10.597 25.237  -8.634  1.00 52.39 ? 110  THR A CA  1 
ATOM   864  C  C   . THR A 1 111 ? -10.227 24.448  -9.889  1.00 54.12 ? 110  THR A C   1 
ATOM   865  O  O   . THR A 1 111 ? -11.094 24.072  -10.677 1.00 55.53 ? 110  THR A O   1 
ATOM   866  C  CB  . THR A 1 111 ? -10.066 26.686  -8.799  1.00 51.84 ? 110  THR A CB  1 
ATOM   867  O  OG1 . THR A 1 111 ? -10.527 27.496  -7.713  1.00 50.90 ? 110  THR A OG1 1 
ATOM   868  C  CG2 . THR A 1 111 ? -10.552 27.292  -10.112 1.00 51.27 ? 110  THR A CG2 1 
ATOM   869  N  N   . ASN A 1 112 ? -8.934  24.193  -10.058 1.00 55.48 ? 111  ASN A N   1 
ATOM   870  C  CA  . ASN A 1 112 ? -8.434  23.461  -11.217 1.00 56.78 ? 111  ASN A CA  1 
ATOM   871  C  C   . ASN A 1 112 ? -8.882  22.006  -11.246 1.00 57.77 ? 111  ASN A C   1 
ATOM   872  O  O   . ASN A 1 112 ? -8.507  21.254  -12.148 1.00 58.75 ? 111  ASN A O   1 
ATOM   873  C  CB  . ASN A 1 112 ? -6.905  23.521  -11.255 1.00 56.80 ? 111  ASN A CB  1 
ATOM   874  C  CG  . ASN A 1 112 ? -6.384  24.902  -11.603 1.00 57.91 ? 111  ASN A CG  1 
ATOM   875  O  OD1 . ASN A 1 112 ? -6.706  25.885  -10.940 1.00 59.34 ? 111  ASN A OD1 1 
ATOM   876  N  ND2 . ASN A 1 112 ? -5.569  24.979  -12.649 1.00 58.81 ? 111  ASN A ND2 1 
ATOM   877  N  N   . LEU A 1 113 ? -9.687  21.610  -10.267 1.00 57.73 ? 112  LEU A N   1 
ATOM   878  C  CA  . LEU A 1 113 ? -10.174 20.239  -10.187 1.00 57.43 ? 112  LEU A CA  1 
ATOM   879  C  C   . LEU A 1 113 ? -11.663 20.200  -10.490 1.00 57.29 ? 112  LEU A C   1 
ATOM   880  O  O   . LEU A 1 113 ? -12.291 19.142  -10.449 1.00 58.04 ? 112  LEU A O   1 
ATOM   881  C  CB  . LEU A 1 113 ? -9.897  19.667  -8.792  1.00 57.17 ? 112  LEU A CB  1 
ATOM   882  C  CG  . LEU A 1 113 ? -10.186 18.191  -8.503  1.00 57.00 ? 112  LEU A CG  1 
ATOM   883  C  CD1 . LEU A 1 113 ? -9.257  17.718  -7.402  1.00 56.71 ? 112  LEU A CD1 1 
ATOM   884  C  CD2 . LEU A 1 113 ? -11.638 17.988  -8.102  1.00 56.58 ? 112  LEU A CD2 1 
ATOM   885  N  N   . GLY A 1 114 ? -12.225 21.358  -10.812 1.00 56.79 ? 113  GLY A N   1 
ATOM   886  C  CA  . GLY A 1 114 ? -13.640 21.415  -11.116 1.00 56.97 ? 113  GLY A CA  1 
ATOM   887  C  C   . GLY A 1 114 ? -14.426 21.682  -9.856  1.00 57.07 ? 113  GLY A C   1 
ATOM   888  O  O   . GLY A 1 114 ? -15.614 21.372  -9.764  1.00 57.68 ? 113  GLY A O   1 
ATOM   889  N  N   . GLU A 1 115 ? -13.746 22.247  -8.867  1.00 57.95 ? 114  GLU A N   1 
ATOM   890  C  CA  . GLU A 1 115 ? -14.386 22.578  -7.607  1.00 58.16 ? 114  GLU A CA  1 
ATOM   891  C  C   . GLU A 1 115 ? -13.985 23.986  -7.201  1.00 56.91 ? 114  GLU A C   1 
ATOM   892  O  O   . GLU A 1 115 ? -12.827 24.251  -6.868  1.00 56.59 ? 114  GLU A O   1 
ATOM   893  C  CB  . GLU A 1 115 ? -13.998 21.575  -6.515  1.00 59.55 ? 114  GLU A CB  1 
ATOM   894  C  CG  . GLU A 1 115 ? -14.782 21.742  -5.215  1.00 61.62 ? 114  GLU A CG  1 
ATOM   895  C  CD  . GLU A 1 115 ? -16.291 21.715  -5.421  1.00 63.68 ? 114  GLU A CD  1 
ATOM   896  O  OE1 . GLU A 1 115 ? -17.030 21.803  -4.418  1.00 64.83 ? 114  GLU A OE1 1 
ATOM   897  O  OE2 . GLU A 1 115 ? -16.747 21.608  -6.581  1.00 65.24 ? 114  GLU A OE2 1 
ATOM   898  N  N   . LYS A 1 116 ? -14.957 24.887  -7.254  1.00 54.85 ? 115  LYS A N   1 
ATOM   899  C  CA  . LYS A 1 116 ? -14.730 26.274  -6.899  1.00 53.27 ? 115  LYS A CA  1 
ATOM   900  C  C   . LYS A 1 116 ? -15.354 26.555  -5.549  1.00 51.61 ? 115  LYS A C   1 
ATOM   901  O  O   . LYS A 1 116 ? -16.575 26.522  -5.392  1.00 52.51 ? 115  LYS A O   1 
ATOM   902  C  CB  . LYS A 1 116 ? -15.320 27.186  -7.975  1.00 53.76 ? 115  LYS A CB  1 
ATOM   903  C  CG  . LYS A 1 116 ? -14.594 27.042  -9.299  1.00 53.59 ? 115  LYS A CG  1 
ATOM   904  C  CD  . LYS A 1 116 ? -15.327 27.685  -10.454 1.00 53.57 ? 115  LYS A CD  1 
ATOM   905  C  CE  . LYS A 1 116 ? -14.546 27.464  -11.735 1.00 53.83 ? 115  LYS A CE  1 
ATOM   906  N  NZ  . LYS A 1 116 ? -14.122 26.035  -11.859 1.00 52.62 ? 115  LYS A NZ  1 
ATOM   907  N  N   . LEU A 1 117 ? -14.491 26.819  -4.574  1.00 49.36 ? 116  LEU A N   1 
ATOM   908  C  CA  . LEU A 1 117 ? -14.903 27.099  -3.206  1.00 46.30 ? 116  LEU A CA  1 
ATOM   909  C  C   . LEU A 1 117 ? -14.728 28.576  -2.890  1.00 44.36 ? 116  LEU A C   1 
ATOM   910  O  O   . LEU A 1 117 ? -13.907 29.261  -3.505  1.00 44.02 ? 116  LEU A O   1 
ATOM   911  C  CB  . LEU A 1 117 ? -14.043 26.297  -2.235  1.00 46.33 ? 116  LEU A CB  1 
ATOM   912  C  CG  . LEU A 1 117 ? -13.920 24.792  -2.444  1.00 45.98 ? 116  LEU A CG  1 
ATOM   913  C  CD1 . LEU A 1 117 ? -12.672 24.285  -1.735  1.00 46.65 ? 116  LEU A CD1 1 
ATOM   914  C  CD2 . LEU A 1 117 ? -15.167 24.102  -1.930  1.00 46.61 ? 116  LEU A CD2 1 
ATOM   915  N  N   . THR A 1 118 ? -15.496 29.059  -1.922  1.00 42.33 ? 117  THR A N   1 
ATOM   916  C  CA  . THR A 1 118 ? -15.404 30.450  -1.497  1.00 39.59 ? 117  THR A CA  1 
ATOM   917  C  C   . THR A 1 118 ? -14.259 30.554  -0.487  1.00 38.62 ? 117  THR A C   1 
ATOM   918  O  O   . THR A 1 118 ? -13.664 29.541  -0.117  1.00 36.12 ? 117  THR A O   1 
ATOM   919  C  CB  . THR A 1 118 ? -16.698 30.901  -0.817  1.00 40.45 ? 117  THR A CB  1 
ATOM   920  O  OG1 . THR A 1 118 ? -16.986 30.025  0.280   1.00 38.97 ? 117  THR A OG1 1 
ATOM   921  C  CG2 . THR A 1 118 ? -17.857 30.872  -1.805  1.00 41.52 ? 117  THR A CG2 1 
ATOM   922  N  N   . ASP A 1 119 ? -13.956 31.771  -0.040  1.00 35.01 ? 118  ASP A N   1 
ATOM   923  C  CA  . ASP A 1 119 ? -12.880 31.980  0.928   1.00 33.35 ? 118  ASP A CA  1 
ATOM   924  C  C   . ASP A 1 119 ? -13.200 31.251  2.229   1.00 30.36 ? 118  ASP A C   1 
ATOM   925  O  O   . ASP A 1 119 ? -12.357 30.553  2.789   1.00 25.92 ? 118  ASP A O   1 
ATOM   926  C  CB  . ASP A 1 119 ? -12.700 33.475  1.228   1.00 33.20 ? 118  ASP A CB  1 
ATOM   927  C  CG  . ASP A 1 119 ? -12.045 34.233  0.089   1.00 34.14 ? 118  ASP A CG  1 
ATOM   928  O  OD1 . ASP A 1 119 ? -12.096 35.481  0.105   1.00 34.32 ? 118  ASP A OD1 1 
ATOM   929  O  OD2 . ASP A 1 119 ? -11.471 33.590  -0.813  1.00 32.87 ? 118  ASP A OD2 1 
ATOM   930  N  N   . GLU A 1 120 ? -14.427 31.431  2.700   1.00 29.32 ? 119  GLU A N   1 
ATOM   931  C  CA  . GLU A 1 120 ? -14.880 30.811  3.935   1.00 30.26 ? 119  GLU A CA  1 
ATOM   932  C  C   . GLU A 1 120 ? -14.725 29.296  3.891   1.00 29.35 ? 119  GLU A C   1 
ATOM   933  O  O   . GLU A 1 120 ? -14.284 28.684  4.863   1.00 28.43 ? 119  GLU A O   1 
ATOM   934  C  CB  . GLU A 1 120 ? -16.349 31.154  4.183   1.00 32.25 ? 119  GLU A CB  1 
ATOM   935  C  CG  . GLU A 1 120 ? -16.808 30.848  5.591   1.00 35.19 ? 119  GLU A CG  1 
ATOM   936  C  CD  . GLU A 1 120 ? -16.206 31.795  6.594   1.00 35.76 ? 119  GLU A CD  1 
ATOM   937  O  OE1 . GLU A 1 120 ? -16.205 31.467  7.796   1.00 36.96 ? 119  GLU A OE1 1 
ATOM   938  O  OE2 . GLU A 1 120 ? -15.738 32.876  6.177   1.00 39.72 ? 119  GLU A OE2 1 
ATOM   939  N  N   . GLU A 1 121 ? -15.098 28.703  2.760   1.00 29.43 ? 120  GLU A N   1 
ATOM   940  C  CA  . GLU A 1 121 ? -15.025 27.258  2.568   1.00 29.93 ? 120  GLU A CA  1 
ATOM   941  C  C   . GLU A 1 121 ? -13.594 26.757  2.614   1.00 28.19 ? 120  GLU A C   1 
ATOM   942  O  O   . GLU A 1 121 ? -13.298 25.728  3.226   1.00 26.54 ? 120  GLU A O   1 
ATOM   943  C  CB  . GLU A 1 121 ? -15.645 26.874  1.221   1.00 33.90 ? 120  GLU A CB  1 
ATOM   944  C  CG  . GLU A 1 121 ? -17.139 27.129  1.143   1.00 38.41 ? 120  GLU A CG  1 
ATOM   945  C  CD  . GLU A 1 121 ? -17.712 26.840  -0.226  1.00 40.35 ? 120  GLU A CD  1 
ATOM   946  O  OE1 . GLU A 1 121 ? -18.953 26.845  -0.351  1.00 43.66 ? 120  GLU A OE1 1 
ATOM   947  O  OE2 . GLU A 1 121 ? -16.929 26.615  -1.175  1.00 41.56 ? 120  GLU A OE2 1 
ATOM   948  N  N   . VAL A 1 122 ? -12.711 27.494  1.954   1.00 24.15 ? 121  VAL A N   1 
ATOM   949  C  CA  . VAL A 1 122 ? -11.307 27.133  1.907   1.00 23.96 ? 121  VAL A CA  1 
ATOM   950  C  C   . VAL A 1 122 ? -10.731 27.083  3.319   1.00 21.76 ? 121  VAL A C   1 
ATOM   951  O  O   . VAL A 1 122 ? -10.138 26.080  3.718   1.00 20.56 ? 121  VAL A O   1 
ATOM   952  C  CB  . VAL A 1 122 ? -10.502 28.154  1.063   1.00 23.91 ? 121  VAL A CB  1 
ATOM   953  C  CG1 . VAL A 1 122 ? -9.029  27.808  1.091   1.00 23.08 ? 121  VAL A CG1 1 
ATOM   954  C  CG2 . VAL A 1 122 ? -11.017 28.162  -0.373  1.00 25.28 ? 121  VAL A CG2 1 
ATOM   955  N  N   . ASP A 1 123 ? -10.917 28.158  4.077   1.00 19.25 ? 122  ASP A N   1 
ATOM   956  C  CA  . ASP A 1 123 ? -10.377 28.209  5.432   1.00 18.38 ? 122  ASP A CA  1 
ATOM   957  C  C   . ASP A 1 123 ? -10.963 27.147  6.353   1.00 18.42 ? 122  ASP A C   1 
ATOM   958  O  O   . ASP A 1 123 ? -10.237 26.550  7.147   1.00 16.16 ? 122  ASP A O   1 
ATOM   959  C  CB  . ASP A 1 123 ? -10.575 29.600  6.030   1.00 18.02 ? 122  ASP A CB  1 
ATOM   960  C  CG  . ASP A 1 123 ? -9.763  30.666  5.300   1.00 22.94 ? 122  ASP A CG  1 
ATOM   961  O  OD1 . ASP A 1 123 ? -8.849  30.302  4.522   1.00 18.47 ? 122  ASP A OD1 1 
ATOM   962  O  OD2 . ASP A 1 123 ? -10.035 31.867  5.508   1.00 25.97 ? 122  ASP A OD2 1 
ATOM   963  N  N   . GLU A 1 124 ? -12.268 26.903  6.250   1.00 18.86 ? 123  GLU A N   1 
ATOM   964  C  CA  . GLU A 1 124 ? -12.900 25.881  7.085   1.00 21.42 ? 123  GLU A CA  1 
ATOM   965  C  C   . GLU A 1 124 ? -12.329 24.507  6.777   1.00 18.74 ? 123  GLU A C   1 
ATOM   966  O  O   . GLU A 1 124 ? -12.107 23.695  7.679   1.00 21.37 ? 123  GLU A O   1 
ATOM   967  C  CB  . GLU A 1 124 ? -14.411 25.836  6.854   1.00 22.85 ? 123  GLU A CB  1 
ATOM   968  C  CG  . GLU A 1 124 ? -15.210 26.868  7.613   1.00 31.32 ? 123  GLU A CG  1 
ATOM   969  C  CD  . GLU A 1 124 ? -16.660 26.852  7.196   1.00 35.78 ? 123  GLU A CD  1 
ATOM   970  O  OE1 . GLU A 1 124 ? -17.012 26.016  6.331   1.00 36.08 ? 123  GLU A OE1 1 
ATOM   971  O  OE2 . GLU A 1 124 ? -17.443 27.667  7.724   1.00 38.07 ? 123  GLU A OE2 1 
ATOM   972  N  N   . MET A 1 125 ? -12.109 24.239  5.496   1.00 17.47 ? 124  MET A N   1 
ATOM   973  C  CA  . MET A 1 125 ? -11.565 22.950  5.102   1.00 18.15 ? 124  MET A CA  1 
ATOM   974  C  C   . MET A 1 125 ? -10.177 22.788  5.695   1.00 17.29 ? 124  MET A C   1 
ATOM   975  O  O   . MET A 1 125 ? -9.832  21.716  6.200   1.00 16.05 ? 124  MET A O   1 
ATOM   976  C  CB  . MET A 1 125 ? -11.537 22.830  3.575   1.00 20.44 ? 124  MET A CB  1 
ATOM   977  C  CG  . MET A 1 125 ? -12.920 22.635  2.975   1.00 24.04 ? 124  MET A CG  1 
ATOM   978  S  SD  . MET A 1 125 ? -12.936 22.673  1.166   1.00 30.59 ? 124  MET A SD  1 
ATOM   979  C  CE  . MET A 1 125 ? -12.152 21.119  0.793   1.00 24.35 ? 124  MET A CE  1 
ATOM   980  N  N   . ILE A 1 126 ? -9.376  23.850  5.649   1.00 15.57 ? 125  ILE A N   1 
ATOM   981  C  CA  . ILE A 1 126 ? -8.045  23.784  6.237   1.00 13.12 ? 125  ILE A CA  1 
ATOM   982  C  C   . ILE A 1 126 ? -8.189  23.522  7.741   1.00 12.66 ? 125  ILE A C   1 
ATOM   983  O  O   . ILE A 1 126 ? -7.590  22.588  8.276   1.00 16.21 ? 125  ILE A O   1 
ATOM   984  C  CB  . ILE A 1 126 ? -7.270  25.103  6.030   1.00 15.32 ? 125  ILE A CB  1 
ATOM   985  C  CG1 . ILE A 1 126 ? -6.955  25.296  4.547   1.00 12.48 ? 125  ILE A CG1 1 
ATOM   986  C  CG2 . ILE A 1 126 ? -5.988  25.087  6.858   1.00 13.37 ? 125  ILE A CG2 1 
ATOM   987  C  CD1 . ILE A 1 126 ? -5.982  24.257  3.987   1.00 14.62 ? 125  ILE A CD1 1 
ATOM   988  N  N   . ARG A 1 127 ? -8.999  24.333  8.420   1.00 12.45 ? 126  ARG A N   1 
ATOM   989  C  CA  . ARG A 1 127 ? -9.194  24.175  9.866   1.00 12.99 ? 126  ARG A CA  1 
ATOM   990  C  C   . ARG A 1 127 ? -9.675  22.783  10.261  1.00 11.94 ? 126  ARG A C   1 
ATOM   991  O  O   . ARG A 1 127 ? -9.194  22.204  11.238  1.00 11.88 ? 126  ARG A O   1 
ATOM   992  C  CB  . ARG A 1 127 ? -10.179 25.221  10.398  1.00 15.60 ? 126  ARG A CB  1 
ATOM   993  C  CG  . ARG A 1 127 ? -9.660  26.657  10.344  1.00 16.71 ? 126  ARG A CG  1 
ATOM   994  C  CD  . ARG A 1 127 ? -10.351 27.522  11.402  1.00 17.44 ? 126  ARG A CD  1 
ATOM   995  N  NE  . ARG A 1 127 ? -11.807 27.533  11.271  1.00 17.13 ? 126  ARG A NE  1 
ATOM   996  C  CZ  . ARG A 1 127 ? -12.474 28.191  10.326  1.00 23.90 ? 126  ARG A CZ  1 
ATOM   997  N  NH1 . ARG A 1 127 ? -11.820 28.898  9.411   1.00 22.11 ? 126  ARG A NH1 1 
ATOM   998  N  NH2 . ARG A 1 127 ? -13.802 28.156  10.305  1.00 22.57 ? 126  ARG A NH2 1 
ATOM   999  N  N   . GLU A 1 128 ? -10.633 22.253  9.511   1.00 16.18 ? 127  GLU A N   1 
ATOM   1000 C  CA  . GLU A 1 128 ? -11.169 20.921  9.791   1.00 18.69 ? 127  GLU A CA  1 
ATOM   1001 C  C   . GLU A 1 128 ? -10.075 19.851  9.839   1.00 18.28 ? 127  GLU A C   1 
ATOM   1002 O  O   . GLU A 1 128 ? -10.128 18.941  10.667  1.00 19.84 ? 127  GLU A O   1 
ATOM   1003 C  CB  . GLU A 1 128 ? -12.208 20.536  8.731   1.00 20.89 ? 127  GLU A CB  1 
ATOM   1004 C  CG  . GLU A 1 128 ? -13.553 21.212  8.911   1.00 29.44 ? 127  GLU A CG  1 
ATOM   1005 C  CD  . GLU A 1 128 ? -14.524 20.908  7.788   1.00 32.73 ? 127  GLU A CD  1 
ATOM   1006 O  OE1 . GLU A 1 128 ? -15.684 21.359  7.876   1.00 37.31 ? 127  GLU A OE1 1 
ATOM   1007 O  OE2 . GLU A 1 128 ? -14.129 20.227  6.817   1.00 35.64 ? 127  GLU A OE2 1 
ATOM   1008 N  N   . ALA A 1 129 ? -9.082  19.967  8.960   1.00 17.44 ? 128  ALA A N   1 
ATOM   1009 C  CA  . ALA A 1 129 ? -8.003  18.985  8.905   1.00 16.38 ? 128  ALA A CA  1 
ATOM   1010 C  C   . ALA A 1 129 ? -6.751  19.377  9.682   1.00 17.31 ? 128  ALA A C   1 
ATOM   1011 O  O   . ALA A 1 129 ? -5.895  18.534  9.966   1.00 15.48 ? 128  ALA A O   1 
ATOM   1012 C  CB  . ALA A 1 129 ? -7.635  18.716  7.459   1.00 17.76 ? 128  ALA A CB  1 
ATOM   1013 N  N   . ASP A 1 130 ? -6.645  20.649  10.035  1.00 15.95 ? 129  ASP A N   1 
ATOM   1014 C  CA  . ASP A 1 130 ? -5.469  21.139  10.737  1.00 16.71 ? 129  ASP A CA  1 
ATOM   1015 C  C   . ASP A 1 130 ? -5.435  20.739  12.211  1.00 17.81 ? 129  ASP A C   1 
ATOM   1016 O  O   . ASP A 1 130 ? -5.789  21.520  13.095  1.00 16.69 ? 129  ASP A O   1 
ATOM   1017 C  CB  . ASP A 1 130 ? -5.395  22.658  10.592  1.00 16.27 ? 129  ASP A CB  1 
ATOM   1018 C  CG  . ASP A 1 130 ? -4.104  23.219  11.095  1.00 17.05 ? 129  ASP A CG  1 
ATOM   1019 O  OD1 . ASP A 1 130 ? -3.158  22.423  11.296  1.00 14.33 ? 129  ASP A OD1 1 
ATOM   1020 O  OD2 . ASP A 1 130 ? -4.035  24.457  11.276  1.00 15.53 ? 129  ASP A OD2 1 
ATOM   1021 N  N   . VAL A 1 131 ? -4.989  19.516  12.465  1.00 16.05 ? 130  VAL A N   1 
ATOM   1022 C  CA  . VAL A 1 131 ? -4.917  18.995  13.820  1.00 17.68 ? 130  VAL A CA  1 
ATOM   1023 C  C   . VAL A 1 131 ? -4.021  19.790  14.768  1.00 18.50 ? 130  VAL A C   1 
ATOM   1024 O  O   . VAL A 1 131 ? -4.443  20.118  15.882  1.00 17.20 ? 130  VAL A O   1 
ATOM   1025 C  CB  . VAL A 1 131 ? -4.442  17.528  13.821  1.00 17.51 ? 130  VAL A CB  1 
ATOM   1026 C  CG1 . VAL A 1 131 ? -4.244  17.035  15.258  1.00 18.10 ? 130  VAL A CG1 1 
ATOM   1027 C  CG2 . VAL A 1 131 ? -5.469  16.659  13.113  1.00 15.52 ? 130  VAL A CG2 1 
ATOM   1028 N  N   . ASP A 1 132 ? -2.797  20.103  14.342  1.00 17.25 ? 131  ASP A N   1 
ATOM   1029 C  CA  . ASP A 1 132 ? -1.879  20.829  15.221  1.00 19.38 ? 131  ASP A CA  1 
ATOM   1030 C  C   . ASP A 1 132 ? -2.064  22.338  15.219  1.00 19.68 ? 131  ASP A C   1 
ATOM   1031 O  O   . ASP A 1 132 ? -1.367  23.057  15.935  1.00 21.05 ? 131  ASP A O   1 
ATOM   1032 C  CB  . ASP A 1 132 ? -0.415  20.463  14.919  1.00 17.82 ? 131  ASP A CB  1 
ATOM   1033 C  CG  . ASP A 1 132 ? 0.031   20.838  13.515  1.00 16.91 ? 131  ASP A CG  1 
ATOM   1034 O  OD1 . ASP A 1 132 ? 1.090   20.334  13.098  1.00 19.19 ? 131  ASP A OD1 1 
ATOM   1035 O  OD2 . ASP A 1 132 ? -0.656  21.625  12.833  1.00 13.85 ? 131  ASP A OD2 1 
ATOM   1036 N  N   . GLY A 1 133 ? -3.019  22.801  14.422  1.00 18.93 ? 132  GLY A N   1 
ATOM   1037 C  CA  . GLY A 1 133 ? -3.327  24.217  14.358  1.00 17.26 ? 132  GLY A CA  1 
ATOM   1038 C  C   . GLY A 1 133 ? -2.256  25.178  13.879  1.00 18.24 ? 132  GLY A C   1 
ATOM   1039 O  O   . GLY A 1 133 ? -2.256  26.336  14.299  1.00 15.54 ? 132  GLY A O   1 
ATOM   1040 N  N   . ASP A 1 134 ? -1.351  24.733  13.007  1.00 16.21 ? 133  ASP A N   1 
ATOM   1041 C  CA  . ASP A 1 134 ? -0.322  25.642  12.511  1.00 16.16 ? 133  ASP A CA  1 
ATOM   1042 C  C   . ASP A 1 134 ? -0.773  26.391  11.249  1.00 17.94 ? 133  ASP A C   1 
ATOM   1043 O  O   . ASP A 1 134 ? -0.017  27.184  10.684  1.00 19.06 ? 133  ASP A O   1 
ATOM   1044 C  CB  . ASP A 1 134 ? 0.990   24.896  12.250  1.00 15.58 ? 133  ASP A CB  1 
ATOM   1045 C  CG  . ASP A 1 134 ? 0.885   23.906  11.117  1.00 16.22 ? 133  ASP A CG  1 
ATOM   1046 O  OD1 . ASP A 1 134 ? 1.938   23.390  10.701  1.00 15.24 ? 133  ASP A OD1 1 
ATOM   1047 O  OD2 . ASP A 1 134 ? -0.239  23.637  10.645  1.00 14.74 ? 133  ASP A OD2 1 
ATOM   1048 N  N   . GLY A 1 135 ? -2.007  26.149  10.814  1.00 16.47 ? 134  GLY A N   1 
ATOM   1049 C  CA  . GLY A 1 135 ? -2.530  26.849  9.646   1.00 15.44 ? 134  GLY A CA  1 
ATOM   1050 C  C   . GLY A 1 135 ? -2.297  26.219  8.281   1.00 15.73 ? 134  GLY A C   1 
ATOM   1051 O  O   . GLY A 1 135 ? -2.643  26.814  7.256   1.00 15.79 ? 134  GLY A O   1 
ATOM   1052 N  N   . GLN A 1 136 ? -1.722  25.018  8.259   1.00 14.18 ? 135  GLN A N   1 
ATOM   1053 C  CA  . GLN A 1 136 ? -1.455  24.313  7.006   1.00 13.13 ? 135  GLN A CA  1 
ATOM   1054 C  C   . GLN A 1 136 ? -1.674  22.822  7.244   1.00 13.60 ? 135  GLN A C   1 
ATOM   1055 O  O   . GLN A 1 136 ? -1.694  22.367  8.395   1.00 14.17 ? 135  GLN A O   1 
ATOM   1056 C  CB  . GLN A 1 136 ? -0.022  24.573  6.546   1.00 10.66 ? 135  GLN A CB  1 
ATOM   1057 C  CG  . GLN A 1 136 ? 1.036   24.058  7.527   1.00 10.98 ? 135  GLN A CG  1 
ATOM   1058 C  CD  . GLN A 1 136 ? 2.415   24.626  7.263   1.00 11.76 ? 135  GLN A CD  1 
ATOM   1059 O  OE1 . GLN A 1 136 ? 2.710   25.097  6.163   1.00 10.22 ? 135  GLN A OE1 1 
ATOM   1060 N  NE2 . GLN A 1 136 ? 3.275   24.574  8.272   1.00 12.22 ? 135  GLN A NE2 1 
ATOM   1061 N  N   . ILE A 1 137 ? -1.832  22.063  6.165   1.00 12.34 ? 136  ILE A N   1 
ATOM   1062 C  CA  . ILE A 1 137 ? -2.077  20.628  6.282   1.00 13.63 ? 136  ILE A CA  1 
ATOM   1063 C  C   . ILE A 1 137 ? -0.854  19.787  5.920   1.00 13.35 ? 136  ILE A C   1 
ATOM   1064 O  O   . ILE A 1 137 ? -0.446  19.762  4.765   1.00 13.35 ? 136  ILE A O   1 
ATOM   1065 C  CB  . ILE A 1 137 ? -3.253  20.199  5.365   1.00 15.13 ? 136  ILE A CB  1 
ATOM   1066 C  CG1 . ILE A 1 137 ? -4.467  21.099  5.618   1.00 14.43 ? 136  ILE A CG1 1 
ATOM   1067 C  CG2 . ILE A 1 137 ? -3.594  18.723  5.591   1.00 14.79 ? 136  ILE A CG2 1 
ATOM   1068 C  CD1 . ILE A 1 137 ? -4.890  21.168  7.077   1.00 16.84 ? 136  ILE A CD1 1 
ATOM   1069 N  N   . ASN A 1 138 ? -0.275  19.101  6.905   1.00 15.04 ? 137  ASN A N   1 
ATOM   1070 C  CA  . ASN A 1 138 ? 0.877   18.243  6.645   1.00 15.39 ? 137  ASN A CA  1 
ATOM   1071 C  C   . ASN A 1 138 ? 0.361   16.894  6.161   1.00 15.08 ? 137  ASN A C   1 
ATOM   1072 O  O   . ASN A 1 138 ? -0.844  16.665  6.161   1.00 14.41 ? 137  ASN A O   1 
ATOM   1073 C  CB  . ASN A 1 138 ? 1.758   18.096  7.902   1.00 17.88 ? 137  ASN A CB  1 
ATOM   1074 C  CG  . ASN A 1 138 ? 1.097   17.301  9.029   1.00 20.47 ? 137  ASN A CG  1 
ATOM   1075 O  OD1 . ASN A 1 138 ? 1.466   17.463  10.192  1.00 20.93 ? 137  ASN A OD1 1 
ATOM   1076 N  ND2 . ASN A 1 138 ? 0.154   16.427  8.695   1.00 17.87 ? 137  ASN A ND2 1 
ATOM   1077 N  N   . TYR A 1 139 ? 1.260   16.003  5.752   1.00 14.92 ? 138  TYR A N   1 
ATOM   1078 C  CA  . TYR A 1 139 ? 0.843   14.705  5.229   1.00 17.45 ? 138  TYR A CA  1 
ATOM   1079 C  C   . TYR A 1 139 ? -0.016  13.869  6.187   1.00 15.86 ? 138  TYR A C   1 
ATOM   1080 O  O   . TYR A 1 139 ? -1.067  13.359  5.792   1.00 17.15 ? 138  TYR A O   1 
ATOM   1081 C  CB  . TYR A 1 139 ? 2.065   13.890  4.790   1.00 18.85 ? 138  TYR A CB  1 
ATOM   1082 C  CG  . TYR A 1 139 ? 1.690   12.579  4.134   1.00 21.45 ? 138  TYR A CG  1 
ATOM   1083 C  CD1 . TYR A 1 139 ? 0.934   12.558  2.964   1.00 21.96 ? 138  TYR A CD1 1 
ATOM   1084 C  CD2 . TYR A 1 139 ? 2.068   11.359  4.699   1.00 21.66 ? 138  TYR A CD2 1 
ATOM   1085 C  CE1 . TYR A 1 139 ? 0.557   11.354  2.372   1.00 23.63 ? 138  TYR A CE1 1 
ATOM   1086 C  CE2 . TYR A 1 139 ? 1.698   10.150  4.114   1.00 22.58 ? 138  TYR A CE2 1 
ATOM   1087 C  CZ  . TYR A 1 139 ? 0.943   10.157  2.953   1.00 23.51 ? 138  TYR A CZ  1 
ATOM   1088 O  OH  . TYR A 1 139 ? 0.572   8.969   2.369   1.00 28.15 ? 138  TYR A OH  1 
ATOM   1089 N  N   . ASP A 1 140 ? 0.435   13.716  7.429   1.00 15.24 ? 139  ASP A N   1 
ATOM   1090 C  CA  . ASP A 1 140 ? -0.321  12.943  8.413   1.00 18.39 ? 139  ASP A CA  1 
ATOM   1091 C  C   . ASP A 1 140 ? -1.752  13.462  8.538   1.00 17.15 ? 139  ASP A C   1 
ATOM   1092 O  O   . ASP A 1 140 ? -2.703  12.685  8.638   1.00 17.19 ? 139  ASP A O   1 
ATOM   1093 C  CB  . ASP A 1 140 ? 0.356   13.004  9.786   1.00 19.06 ? 139  ASP A CB  1 
ATOM   1094 C  CG  . ASP A 1 140 ? 1.625   12.172  9.848   1.00 24.89 ? 139  ASP A CG  1 
ATOM   1095 O  OD1 . ASP A 1 140 ? 1.707   11.172  9.105   1.00 24.55 ? 139  ASP A OD1 1 
ATOM   1096 O  OD2 . ASP A 1 140 ? 2.531   12.510  10.642  1.00 24.88 ? 139  ASP A OD2 1 
ATOM   1097 N  N   . GLU A 1 141 ? -1.896  14.782  8.533   1.00 17.81 ? 140  GLU A N   1 
ATOM   1098 C  CA  . GLU A 1 141 ? -3.208  15.408  8.653   1.00 17.28 ? 140  GLU A CA  1 
ATOM   1099 C  C   . GLU A 1 141 ? -4.070  15.132  7.427   1.00 17.96 ? 140  GLU A C   1 
ATOM   1100 O  O   . GLU A 1 141 ? -5.272  14.861  7.543   1.00 18.25 ? 140  GLU A O   1 
ATOM   1101 C  CB  . GLU A 1 141 ? -3.040  16.912  8.877   1.00 15.28 ? 140  GLU A CB  1 
ATOM   1102 C  CG  . GLU A 1 141 ? -2.414  17.239  10.229  1.00 12.22 ? 140  GLU A CG  1 
ATOM   1103 C  CD  . GLU A 1 141 ? -2.102  18.721  10.397  1.00 12.51 ? 140  GLU A CD  1 
ATOM   1104 O  OE1 . GLU A 1 141 ? -1.962  19.166  11.554  1.00 11.38 ? 140  GLU A OE1 1 
ATOM   1105 O  OE2 . GLU A 1 141 ? -1.987  19.439  9.377   1.00 11.34 ? 140  GLU A OE2 1 
ATOM   1106 N  N   . PHE A 1 142 ? -3.452  15.197  6.250   1.00 17.64 ? 141  PHE A N   1 
ATOM   1107 C  CA  . PHE A 1 142 ? -4.145  14.933  4.991   1.00 17.81 ? 141  PHE A CA  1 
ATOM   1108 C  C   . PHE A 1 142 ? -4.643  13.486  4.979   1.00 19.75 ? 141  PHE A C   1 
ATOM   1109 O  O   . PHE A 1 142 ? -5.788  13.209  4.615   1.00 17.36 ? 141  PHE A O   1 
ATOM   1110 C  CB  . PHE A 1 142 ? -3.188  15.169  3.819   1.00 18.52 ? 141  PHE A CB  1 
ATOM   1111 C  CG  . PHE A 1 142 ? -3.756  14.796  2.474   1.00 21.82 ? 141  PHE A CG  1 
ATOM   1112 C  CD1 . PHE A 1 142 ? -3.476  13.558  1.903   1.00 20.74 ? 141  PHE A CD1 1 
ATOM   1113 C  CD2 . PHE A 1 142 ? -4.559  15.690  1.772   1.00 22.00 ? 141  PHE A CD2 1 
ATOM   1114 C  CE1 . PHE A 1 142 ? -3.988  13.212  0.653   1.00 22.18 ? 141  PHE A CE1 1 
ATOM   1115 C  CE2 . PHE A 1 142 ? -5.080  15.353  0.518   1.00 24.95 ? 141  PHE A CE2 1 
ATOM   1116 C  CZ  . PHE A 1 142 ? -4.789  14.110  -0.043  1.00 22.71 ? 141  PHE A CZ  1 
ATOM   1117 N  N   . VAL A 1 143 ? -3.771  12.568  5.375   1.00 19.38 ? 142  VAL A N   1 
ATOM   1118 C  CA  . VAL A 1 143 ? -4.129  11.159  5.416   1.00 23.20 ? 142  VAL A CA  1 
ATOM   1119 C  C   . VAL A 1 143 ? -5.309  10.945  6.359   1.00 25.98 ? 142  VAL A C   1 
ATOM   1120 O  O   . VAL A 1 143 ? -6.303  10.311  5.998   1.00 26.55 ? 142  VAL A O   1 
ATOM   1121 C  CB  . VAL A 1 143 ? -2.943  10.305  5.903   1.00 23.28 ? 142  VAL A CB  1 
ATOM   1122 C  CG1 . VAL A 1 143 ? -3.385  8.851   6.077   1.00 25.68 ? 142  VAL A CG1 1 
ATOM   1123 C  CG2 . VAL A 1 143 ? -1.788  10.402  4.905   1.00 21.80 ? 142  VAL A CG2 1 
ATOM   1124 N  N   . LYS A 1 144 ? -5.196  11.493  7.565   1.00 28.81 ? 143  LYS A N   1 
ATOM   1125 C  CA  . LYS A 1 144 ? -6.242  11.359  8.574   1.00 31.29 ? 143  LYS A CA  1 
ATOM   1126 C  C   . LYS A 1 144 ? -7.616  11.787  8.057   1.00 32.53 ? 143  LYS A C   1 
ATOM   1127 O  O   . LYS A 1 144 ? -8.609  11.076  8.237   1.00 31.54 ? 143  LYS A O   1 
ATOM   1128 C  CB  . LYS A 1 144 ? -5.868  12.176  9.813   1.00 31.84 ? 143  LYS A CB  1 
ATOM   1129 C  CG  . LYS A 1 144 ? -6.842  12.039  10.964  1.00 35.60 ? 143  LYS A CG  1 
ATOM   1130 C  CD  . LYS A 1 144 ? -6.311  12.721  12.210  1.00 37.74 ? 143  LYS A CD  1 
ATOM   1131 C  CE  . LYS A 1 144 ? -7.314  12.630  13.343  1.00 38.98 ? 143  LYS A CE  1 
ATOM   1132 N  NZ  . LYS A 1 144 ? -8.619  13.226  12.941  1.00 39.55 ? 143  LYS A NZ  1 
ATOM   1133 N  N   . VAL A 1 145 ? -7.666  12.941  7.402   1.00 31.70 ? 144  VAL A N   1 
ATOM   1134 C  CA  . VAL A 1 145 ? -8.918  13.460  6.871   1.00 33.88 ? 144  VAL A CA  1 
ATOM   1135 C  C   . VAL A 1 145 ? -9.395  12.686  5.635   1.00 35.40 ? 144  VAL A C   1 
ATOM   1136 O  O   . VAL A 1 145 ? -10.596 12.553  5.406   1.00 35.32 ? 144  VAL A O   1 
ATOM   1137 C  CB  . VAL A 1 145 ? -8.787  14.976  6.531   1.00 34.88 ? 144  VAL A CB  1 
ATOM   1138 C  CG1 . VAL A 1 145 ? -7.939  15.169  5.278   1.00 33.27 ? 144  VAL A CG1 1 
ATOM   1139 C  CG2 . VAL A 1 145 ? -10.164 15.594  6.364   1.00 36.83 ? 144  VAL A CG2 1 
ATOM   1140 N  N   . MET A 1 146 ? -8.459  12.172  4.843   1.00 36.79 ? 145  MET A N   1 
ATOM   1141 C  CA  . MET A 1 146 ? -8.815  11.412  3.644   1.00 40.52 ? 145  MET A CA  1 
ATOM   1142 C  C   . MET A 1 146 ? -9.436  10.057  3.988   1.00 43.00 ? 145  MET A C   1 
ATOM   1143 O  O   . MET A 1 146 ? -10.418 9.642   3.372   1.00 42.85 ? 145  MET A O   1 
ATOM   1144 C  CB  . MET A 1 146 ? -7.586  11.182  2.754   1.00 40.05 ? 145  MET A CB  1 
ATOM   1145 C  CG  . MET A 1 146 ? -7.157  12.375  1.904   1.00 40.56 ? 145  MET A CG  1 
ATOM   1146 S  SD  . MET A 1 146 ? -8.398  12.900  0.684   1.00 41.97 ? 145  MET A SD  1 
ATOM   1147 C  CE  . MET A 1 146 ? -8.568  14.585  1.113   1.00 42.27 ? 145  MET A CE  1 
ATOM   1148 N  N   . MET A 1 147 ? -8.863  9.371   4.970   1.00 46.45 ? 146  MET A N   1 
ATOM   1149 C  CA  . MET A 1 147 ? -9.365  8.058   5.368   1.00 50.93 ? 146  MET A CA  1 
ATOM   1150 C  C   . MET A 1 147 ? -10.524 8.145   6.352   1.00 52.38 ? 146  MET A C   1 
ATOM   1151 O  O   . MET A 1 147 ? -10.865 7.165   7.013   1.00 53.59 ? 146  MET A O   1 
ATOM   1152 C  CB  . MET A 1 147 ? -8.236  7.221   5.972   1.00 53.00 ? 146  MET A CB  1 
ATOM   1153 C  CG  . MET A 1 147 ? -7.016  7.106   5.073   1.00 55.03 ? 146  MET A CG  1 
ATOM   1154 S  SD  . MET A 1 147 ? -5.863  5.849   5.641   1.00 61.74 ? 146  MET A SD  1 
ATOM   1155 C  CE  . MET A 1 147 ? -5.367  6.526   7.253   1.00 59.10 ? 146  MET A CE  1 
ATOM   1156 N  N   . ALA A 1 148 ? -11.129 9.321   6.440   1.00 54.18 ? 147  ALA A N   1 
ATOM   1157 C  CA  . ALA A 1 148 ? -12.255 9.537   7.335   1.00 56.00 ? 147  ALA A CA  1 
ATOM   1158 C  C   . ALA A 1 148 ? -13.331 10.301  6.577   1.00 56.95 ? 147  ALA A C   1 
ATOM   1159 O  O   . ALA A 1 148 ? -14.504 9.872   6.610   1.00 57.93 ? 147  ALA A O   1 
ATOM   1160 C  CB  . ALA A 1 148 ? -11.811 10.325  8.562   1.00 55.21 ? 147  ALA A CB  1 
HETATM 1161 CA CA  . CA  B 2 .   ? 8.430   -26.400 -3.066  1.00 24.04 ? 1001 CA  A CA  1 
HETATM 1162 CA CA  . CA  C 2 .   ? -1.999  -24.488 0.995   1.00 16.36 ? 1002 CA  A CA  1 
HETATM 1163 CA CA  . CA  D 2 .   ? 2.766   23.627  -0.145  1.00 15.04 ? 1003 CA  A CA  1 
HETATM 1164 CA CA  . CA  E 2 .   ? -1.212  21.497  10.545  1.00 14.28 ? 1004 CA  A CA  1 
HETATM 1165 C  C1  . MPD F 3 .   ? 3.653   12.952  -0.341  1.00 37.00 ? 2001 MPD A C1  1 
HETATM 1166 C  C2  . MPD F 3 .   ? 4.613   13.020  0.825   1.00 40.36 ? 2001 MPD A C2  1 
HETATM 1167 O  O2  . MPD F 3 .   ? 5.936   12.993  0.251   1.00 40.27 ? 2001 MPD A O2  1 
HETATM 1168 C  CM  . MPD F 3 .   ? 4.438   14.270  1.609   1.00 39.59 ? 2001 MPD A CM  1 
HETATM 1169 C  C3  . MPD F 3 .   ? 4.466   11.823  1.795   1.00 40.75 ? 2001 MPD A C3  1 
HETATM 1170 C  C4  . MPD F 3 .   ? 5.748   11.122  2.257   1.00 43.13 ? 2001 MPD A C4  1 
HETATM 1171 O  O4  . MPD F 3 .   ? 6.608   12.015  2.926   1.00 44.23 ? 2001 MPD A O4  1 
HETATM 1172 C  C5  . MPD F 3 .   ? 5.432   9.981   3.209   1.00 42.82 ? 2001 MPD A C5  1 
HETATM 1173 C  C1  . MPD G 3 .   ? -7.762  18.896  3.953   1.00 60.36 ? 3001 MPD A C1  1 
HETATM 1174 C  C2  . MPD G 3 .   ? -8.217  18.844  2.517   1.00 60.27 ? 3001 MPD A C2  1 
HETATM 1175 O  O2  . MPD G 3 .   ? -8.703  20.166  2.218   1.00 60.92 ? 3001 MPD A O2  1 
HETATM 1176 C  CM  . MPD G 3 .   ? -7.079  18.485  1.619   1.00 60.16 ? 3001 MPD A CM  1 
HETATM 1177 C  C3  . MPD G 3 .   ? -9.406  17.865  2.311   1.00 60.68 ? 3001 MPD A C3  1 
HETATM 1178 C  C4  . MPD G 3 .   ? -10.145 17.882  0.960   1.00 60.17 ? 3001 MPD A C4  1 
HETATM 1179 O  O4  . MPD G 3 .   ? -9.288  17.537  -0.104  1.00 60.43 ? 3001 MPD A O4  1 
HETATM 1180 C  C5  . MPD G 3 .   ? -11.283 16.880  0.951   1.00 60.03 ? 3001 MPD A C5  1 
HETATM 1181 C  C1  . MPD H 3 .   ? -6.691  28.720  6.592   1.00 55.66 ? 4001 MPD A C1  1 
HETATM 1182 C  C2  . MPD H 3 .   ? -6.439  29.198  8.011   1.00 55.96 ? 4001 MPD A C2  1 
HETATM 1183 O  O2  . MPD H 3 .   ? -7.288  30.339  8.197   1.00 56.51 ? 4001 MPD A O2  1 
HETATM 1184 C  CM  . MPD H 3 .   ? -6.784  28.145  8.995   1.00 55.14 ? 4001 MPD A CM  1 
HETATM 1185 C  C3  . MPD H 3 .   ? -4.999  29.685  8.313   1.00 56.46 ? 4001 MPD A C3  1 
HETATM 1186 C  C4  . MPD H 3 .   ? -4.095  30.088  7.140   1.00 57.06 ? 4001 MPD A C4  1 
HETATM 1187 O  O4  . MPD H 3 .   ? -4.645  31.143  6.387   1.00 57.00 ? 4001 MPD A O4  1 
HETATM 1188 C  C5  . MPD H 3 .   ? -2.745  30.542  7.645   1.00 56.71 ? 4001 MPD A C5  1 
HETATM 1189 O  O   . HOH I 4 .   ? -6.514  15.880  9.729   1.00 11.77 ? 4002 HOH A O   1 
HETATM 1190 O  O   . HOH I 4 .   ? -2.434  27.904  4.753   1.00 21.45 ? 4003 HOH A O   1 
HETATM 1191 O  O   . HOH I 4 .   ? -6.093  -22.510 -0.844  1.00 18.31 ? 4004 HOH A O   1 
HETATM 1192 O  O   . HOH I 4 .   ? -5.599  -23.636 -3.530  1.00 17.38 ? 4005 HOH A O   1 
HETATM 1193 O  O   . HOH I 4 .   ? -0.110  -26.184 -1.090  1.00 29.77 ? 4006 HOH A O   1 
HETATM 1194 O  O   . HOH I 4 .   ? -6.801  -26.018 -2.542  1.00 22.76 ? 4007 HOH A O   1 
HETATM 1195 O  O   . HOH I 4 .   ? 4.255   18.007  -4.105  1.00 22.89 ? 4008 HOH A O   1 
HETATM 1196 O  O   . HOH I 4 .   ? 3.060   14.573  8.297   1.00 22.03 ? 4009 HOH A O   1 
HETATM 1197 O  O   . HOH I 4 .   ? 4.331   17.158  -1.435  1.00 19.09 ? 4010 HOH A O   1 
HETATM 1198 O  O   . HOH I 4 .   ? 5.707   7.474   -3.854  1.00 40.83 ? 4011 HOH A O   1 
HETATM 1199 O  O   . HOH I 4 .   ? 4.122   16.666  5.524   1.00 26.37 ? 4012 HOH A O   1 
HETATM 1200 O  O   . HOH I 4 .   ? 0.901   -23.908 -7.015  1.00 14.25 ? 4013 HOH A O   1 
HETATM 1201 O  O   . HOH I 4 .   ? -8.041  23.844  13.115  1.00 24.55 ? 4014 HOH A O   1 
HETATM 1202 O  O   . HOH I 4 .   ? -5.875  -17.438 -0.305  1.00 13.91 ? 4015 HOH A O   1 
HETATM 1203 O  O   . HOH I 4 .   ? 1.566   28.360  0.001   1.00 20.48 ? 4016 HOH A O   1 
HETATM 1204 O  O   . HOH I 4 .   ? -4.930  30.413  -4.519  1.00 23.79 ? 4017 HOH A O   1 
HETATM 1205 O  O   . HOH I 4 .   ? -12.898 36.951  2.020   1.00 27.90 ? 4018 HOH A O   1 
HETATM 1206 O  O   . HOH I 4 .   ? -0.555  21.791  18.445  1.00 31.47 ? 4019 HOH A O   1 
HETATM 1207 O  O   . HOH I 4 .   ? -6.347  -12.103 -5.414  1.00 33.60 ? 4020 HOH A O   1 
HETATM 1208 O  O   . HOH I 4 .   ? 11.016  21.423  -6.115  1.00 30.63 ? 4021 HOH A O   1 
HETATM 1209 O  O   . HOH I 4 .   ? -6.600  19.249  17.250  1.00 36.07 ? 4022 HOH A O   1 
HETATM 1210 O  O   . HOH I 4 .   ? -2.826  -26.534 -4.532  1.00 37.32 ? 4023 HOH A O   1 
HETATM 1211 O  O   . HOH I 4 .   ? -2.417  10.111  9.415   1.00 37.20 ? 4024 HOH A O   1 
HETATM 1212 O  O   . HOH I 4 .   ? 13.143  -27.301 -1.653  1.00 34.76 ? 4025 HOH A O   1 
HETATM 1213 O  O   . HOH I 4 .   ? -3.501  -22.102 7.670   1.00 30.23 ? 4026 HOH A O   1 
HETATM 1214 O  O   . HOH I 4 .   ? 0.679   6.796   4.009   1.00 37.96 ? 4027 HOH A O   1 
HETATM 1215 O  O   . HOH I 4 .   ? -10.615 19.255  5.228   1.00 23.65 ? 4028 HOH A O   1 
HETATM 1216 O  O   . HOH I 4 .   ? -3.405  -16.808 0.937   1.00 25.46 ? 4029 HOH A O   1 
HETATM 1217 O  O   . HOH I 4 .   ? -0.174  9.114   8.235   1.00 36.41 ? 4030 HOH A O   1 
HETATM 1218 O  O   . HOH I 4 .   ? 9.485   -27.465 5.210   1.00 35.55 ? 4031 HOH A O   1 
HETATM 1219 O  O   . HOH I 4 .   ? 1.756   26.047  3.825   1.00 35.78 ? 4032 HOH A O   1 
HETATM 1220 O  O   . HOH I 4 .   ? -0.385  17.250  13.175  1.00 32.39 ? 4033 HOH A O   1 
HETATM 1221 O  O   . HOH I 4 .   ? 5.926   -26.232 5.294   1.00 37.05 ? 4034 HOH A O   1 
HETATM 1222 O  O   . HOH I 4 .   ? 5.858   -29.788 0.044   1.00 52.15 ? 4035 HOH A O   1 
HETATM 1223 O  O   . HOH I 4 .   ? -9.102  8.997   9.923   1.00 46.79 ? 4036 HOH A O   1 
HETATM 1224 O  O   . HOH I 4 .   ? 3.444   -26.538 7.584   1.00 48.16 ? 4037 HOH A O   1 
HETATM 1225 O  O   . HOH I 4 .   ? 3.535   28.070  3.267   1.00 23.93 ? 4038 HOH A O   1 
HETATM 1226 O  O   . HOH I 4 .   ? -13.821 29.878  7.781   1.00 43.16 ? 4039 HOH A O   1 
HETATM 1227 O  O   . HOH I 4 .   ? -10.052 10.307  12.013  1.00 31.76 ? 4040 HOH A O   1 
HETATM 1228 O  O   . HOH I 4 .   ? 10.881  -27.551 0.976   1.00 34.69 ? 4041 HOH A O   1 
HETATM 1229 O  O   . HOH I 4 .   ? 1.567   -21.231 13.343  1.00 43.13 ? 4042 HOH A O   1 
HETATM 1230 O  O   . HOH I 4 .   ? -8.795  15.197  11.103  1.00 33.32 ? 4043 HOH A O   1 
HETATM 1231 O  O   . HOH I 4 .   ? 4.730   -14.771 14.066  1.00 49.18 ? 4044 HOH A O   1 
HETATM 1232 O  O   . HOH I 4 .   ? -9.087  29.718  -7.469  1.00 43.03 ? 4045 HOH A O   1 
HETATM 1233 O  O   . HOH I 4 .   ? 4.234   10.196  8.167   1.00 48.92 ? 4046 HOH A O   1 
HETATM 1234 O  O   . HOH I 4 .   ? -9.664  30.105  9.454   1.00 31.49 ? 4047 HOH A O   1 
HETATM 1235 O  O   . HOH I 4 .   ? -7.859  -28.751 2.243   1.00 30.16 ? 4048 HOH A O   1 
HETATM 1236 O  O   . HOH I 4 .   ? -5.363  -29.086 -0.993  1.00 43.82 ? 4049 HOH A O   1 
HETATM 1237 O  O   . HOH I 4 .   ? -5.306  -28.058 -3.910  1.00 34.50 ? 4050 HOH A O   1 
HETATM 1238 O  O   . HOH I 4 .   ? 7.334   15.916  -1.260  1.00 54.62 ? 4051 HOH A O   1 
HETATM 1239 O  O   . HOH I 4 .   ? 5.891   28.608  -2.646  1.00 35.95 ? 4052 HOH A O   1 
HETATM 1240 O  O   . HOH I 4 .   ? 2.115   24.082  -10.494 1.00 48.29 ? 4053 HOH A O   1 
HETATM 1241 O  O   . HOH I 4 .   ? 4.992   12.706  7.180   1.00 40.38 ? 4054 HOH A O   1 
HETATM 1242 O  O   . HOH I 4 .   ? 6.787   -23.408 -9.421  1.00 39.88 ? 4055 HOH A O   1 
HETATM 1243 O  O   . HOH I 4 .   ? -2.576  -25.238 -1.149  1.00 18.51 ? 4056 HOH A O   1 
HETATM 1244 O  O   . HOH I 4 .   ? -6.856  31.781  3.681   1.00 50.50 ? 4057 HOH A O   1 
HETATM 1245 O  O   . HOH I 4 .   ? 2.111   27.510  -3.491  1.00 38.16 ? 4058 HOH A O   1 
HETATM 1246 O  O   . HOH I 4 .   ? 7.895   6.899   -1.010  1.00 50.24 ? 4059 HOH A O   1 
HETATM 1247 O  O   . HOH I 4 .   ? -15.505 33.968  -1.076  1.00 45.43 ? 4060 HOH A O   1 
HETATM 1248 O  O   . HOH I 4 .   ? 5.286   -17.319 -15.811 1.00 48.55 ? 4061 HOH A O   1 
HETATM 1249 O  O   . HOH I 4 .   ? 1.153   20.898  10.202  1.00 14.26 ? 4062 HOH A O   1 
HETATM 1250 O  O   . HOH I 4 .   ? 2.655   25.720  0.986   1.00 24.13 ? 4063 HOH A O   1 
HETATM 1251 O  O   . HOH I 4 .   ? -12.793 17.707  5.552   1.00 43.39 ? 4064 HOH A O   1 
HETATM 1252 O  O   . HOH I 4 .   ? 3.608   22.455  12.620  1.00 32.69 ? 4065 HOH A O   1 
HETATM 1253 O  O   . HOH I 4 .   ? 9.027   -23.389 -10.813 1.00 52.41 ? 4066 HOH A O   1 
HETATM 1254 O  O   . HOH I 4 .   ? -1.060  -26.446 -7.155  1.00 48.62 ? 4067 HOH A O   1 
HETATM 1255 O  O   . HOH I 4 .   ? 1.441   -28.571 -6.810  1.00 42.11 ? 4068 HOH A O   1 
HETATM 1256 O  O   . HOH I 4 .   ? -1.446  14.893  12.786  1.00 45.79 ? 4069 HOH A O   1 
HETATM 1257 O  O   . HOH I 4 .   ? -20.294 26.884  1.836   1.00 50.36 ? 4070 HOH A O   1 
HETATM 1258 O  O   . HOH I 4 .   ? -1.221  -5.383  -16.824 1.00 56.03 ? 4071 HOH A O   1 
HETATM 1259 O  O   . HOH I 4 .   ? 6.076   15.107  4.305   1.00 53.12 ? 4072 HOH A O   1 
HETATM 1260 O  O   . HOH I 4 .   ? 2.840   7.124   -5.380  1.00 44.99 ? 4073 HOH A O   1 
HETATM 1261 O  O   . HOH I 4 .   ? -7.630  -15.611 0.998   1.00 35.43 ? 4074 HOH A O   1 
HETATM 1262 O  O   . HOH I 4 .   ? -1.235  25.403  18.061  1.00 47.33 ? 4075 HOH A O   1 
HETATM 1263 O  O   . HOH I 4 .   ? -7.905  -12.345 -1.044  1.00 61.25 ? 4076 HOH A O   1 
HETATM 1264 O  O   . HOH I 4 .   ? 10.336  22.916  -2.538  1.00 52.26 ? 4077 HOH A O   1 
HETATM 1265 O  O   . HOH I 4 .   ? -6.196  23.128  -15.076 1.00 47.01 ? 4078 HOH A O   1 
HETATM 1266 O  O   . HOH I 4 .   ? -7.916  -10.209 -6.793  1.00 44.35 ? 4079 HOH A O   1 
HETATM 1267 O  O   . HOH I 4 .   ? -8.051  -31.487 3.256   1.00 46.33 ? 4080 HOH A O   1 
HETATM 1268 O  O   . HOH I 4 .   ? -9.278  31.483  1.489   1.00 52.62 ? 4081 HOH A O   1 
HETATM 1269 O  O   . HOH I 4 .   ? -9.330  -12.078 -10.033 1.00 35.66 ? 4082 HOH A O   1 
HETATM 1270 O  O   . HOH I 4 .   ? 19.839  -24.640 -1.520  1.00 54.64 ? 4083 HOH A O   1 
HETATM 1271 O  O   . HOH I 4 .   ? 18.385  -20.884 10.180  1.00 58.16 ? 4084 HOH A O   1 
HETATM 1272 O  O   . HOH I 4 .   ? 14.243  -21.488 15.611  1.00 53.16 ? 4085 HOH A O   1 
HETATM 1273 O  O   . HOH I 4 .   ? -16.492 29.170  9.141   1.00 40.53 ? 4086 HOH A O   1 
HETATM 1274 O  O   . HOH I 4 .   ? -17.439 23.108  6.750   1.00 60.66 ? 4087 HOH A O   1 
HETATM 1275 O  O   . HOH I 4 .   ? -17.284 19.895  9.688   1.00 63.02 ? 4088 HOH A O   1 
HETATM 1276 O  O   . HOH I 4 .   ? -18.804 21.444  8.119   1.00 52.84 ? 4089 HOH A O   1 
HETATM 1277 O  O   . HOH I 4 .   ? -7.337  7.049   10.138  1.00 56.45 ? 4090 HOH A O   1 
HETATM 1278 O  O   . HOH I 4 .   ? 1.534   -29.982 0.715   1.00 52.31 ? 4091 HOH A O   1 
HETATM 1279 O  O   . HOH I 4 .   ? 11.472  24.189  -4.609  1.00 49.74 ? 4092 HOH A O   1 
HETATM 1280 O  O   . HOH I 4 .   ? -5.434  -25.247 9.152   1.00 55.18 ? 4093 HOH A O   1 
HETATM 1281 O  O   . HOH I 4 .   ? -2.560  -24.217 11.550  1.00 58.34 ? 4094 HOH A O   1 
HETATM 1282 O  O   . HOH I 4 .   ? -0.494  -28.193 8.924   1.00 51.05 ? 4095 HOH A O   1 
HETATM 1283 O  O   . HOH I 4 .   ? -6.179  -30.523 0.915   1.00 49.96 ? 4096 HOH A O   1 
HETATM 1284 O  O   . HOH I 4 .   ? -3.521  -31.254 -0.483  1.00 48.82 ? 4097 HOH A O   1 
HETATM 1285 O  O   . HOH I 4 .   ? -0.684  28.677  -5.196  1.00 55.10 ? 4098 HOH A O   1 
HETATM 1286 O  O   . HOH I 4 .   ? 4.375   -19.946 -16.174 1.00 47.78 ? 4099 HOH A O   1 
HETATM 1287 O  O   . HOH I 4 .   ? -20.559 26.670  4.330   1.00 57.43 ? 4100 HOH A O   1 
HETATM 1288 O  O   . HOH I 4 .   ? -7.106  -7.829  -2.908  1.00 46.38 ? 4101 HOH A O   1 
HETATM 1289 O  O   . HOH I 4 .   ? 4.617   -4.622  0.504   1.00 49.28 ? 4102 HOH A O   1 
HETATM 1290 O  O   . HOH I 4 .   ? -2.303  -26.553 9.830   1.00 43.99 ? 4103 HOH A O   1 
HETATM 1291 O  O   . HOH I 4 .   ? -16.823 23.906  -9.071  1.00 49.69 ? 4104 HOH A O   1 
HETATM 1292 O  O   . HOH I 4 .   ? 15.478  -23.231 5.656   1.00 46.31 ? 4105 HOH A O   1 
HETATM 1293 O  O   . HOH I 4 .   ? 7.305   9.225   -0.241  1.00 49.81 ? 4106 HOH A O   1 
HETATM 1294 O  O   . HOH I 4 .   ? 16.053  -11.486 11.145  1.00 52.03 ? 4107 HOH A O   1 
HETATM 1295 O  O   . HOH I 4 .   ? -1.328  -8.949  -19.836 1.00 41.89 ? 4108 HOH A O   1 
HETATM 1296 O  O   . HOH I 4 .   ? 8.548   -28.167 -1.329  1.00 33.90 ? 4109 HOH A O   1 
HETATM 1297 O  O   . HOH I 4 .   ? 5.164   -15.493 1.780   1.00 36.71 ? 4110 HOH A O   1 
# 
